data_7YPM
#
_entry.id   7YPM
#
_cell.length_a   63.968
_cell.length_b   79.272
_cell.length_c   173.845
_cell.angle_alpha   90.000
_cell.angle_beta   100.310
_cell.angle_gamma   90.000
#
_symmetry.space_group_name_H-M   'P 1 21 1'
#
loop_
_entity.id
_entity.type
_entity.pdbx_description
1 polymer 'Aspartate aminotransferase family protein'
2 non-polymer "PYRIDOXAL-5'-PHOSPHATE"
3 non-polymer ALANINE
4 non-polymer 1,2-ETHANEDIOL
5 non-polymer DI(HYDROXYETHYL)ETHER
6 water water
#
_entity_poly.entity_id   1
_entity_poly.type   'polypeptide(L)'
_entity_poly.pdbx_seq_one_letter_code
;MHHHHHHTAPLRNHDIAELKRLDLAHHLPAQADHKVIAEQGGSRIITRAEGVYIHDGEGHQILDGMAGLWCVNVGYGREE
LAKAAYDQMLELPYYNTFFKTATPPPIELAAKIAQKMGGHLSHVFYNSSGSEANDTVFRLVRHFWKLKGEPSRTVFISRW
NAYHGSTVAGVSLGGMKHMHKQGDLPIAGVEHVMQPYQFGDGFGEDPAAFRDRAVQAIEDKILEVGPENVAAFIGEPVQG
AGGVIIPPDGYWPAVEALCRKYGILLVCDEVICGFGRLGQWFGHQHYGIKPDLIAMAKGLSSGYLPISAVGVADHIVAEL
REKGGDFIHGFTYSGHPTAAAVALKNIEIMEREGLVERTRDETGPYLAQALASLNDHPLVGEVRSLGLIGAVEIVREKGT
NHRFLDKEGEAGPIVRDLCIKNGLMVRAIRDSIVCCPPLIITKAQIDELVGIIRKSLDEAEPVLRALKPKEGED
;
_entity_poly.pdbx_strand_id   A,B,C,D
#
# COMPACT_ATOMS: atom_id res chain seq x y z
N HIS A 14 42.05 -56.05 1.53
CA HIS A 14 43.03 -55.19 0.88
C HIS A 14 44.46 -55.58 1.23
N ASP A 15 45.30 -55.71 0.21
CA ASP A 15 46.74 -55.86 0.40
C ASP A 15 47.29 -54.46 0.66
N ILE A 16 47.45 -54.11 1.94
CA ILE A 16 47.80 -52.74 2.31
C ILE A 16 49.19 -52.39 1.79
N ALA A 17 50.15 -53.29 1.96
CA ALA A 17 51.51 -53.04 1.47
C ALA A 17 51.51 -52.81 -0.03
N GLU A 18 50.71 -53.60 -0.76
CA GLU A 18 50.65 -53.45 -2.21
C GLU A 18 49.99 -52.13 -2.61
N LEU A 19 48.93 -51.75 -1.89
CA LEU A 19 48.30 -50.44 -2.13
C LEU A 19 49.30 -49.32 -1.89
N LYS A 20 50.13 -49.44 -0.84
CA LYS A 20 51.14 -48.43 -0.58
C LYS A 20 52.19 -48.38 -1.69
N ARG A 21 52.61 -49.53 -2.21
CA ARG A 21 53.55 -49.54 -3.32
C ARG A 21 52.94 -48.91 -4.56
N LEU A 22 51.71 -49.30 -4.89
CA LEU A 22 51.02 -48.70 -6.03
C LEU A 22 50.77 -47.21 -5.81
N ASP A 23 50.55 -46.81 -4.54
CA ASP A 23 50.35 -45.40 -4.23
C ASP A 23 51.56 -44.57 -4.66
N LEU A 24 52.76 -45.00 -4.24
CA LEU A 24 53.96 -44.27 -4.63
C LEU A 24 54.22 -44.36 -6.12
N ALA A 25 53.96 -45.52 -6.73
CA ALA A 25 54.29 -45.75 -8.12
C ALA A 25 53.36 -45.01 -9.09
N HIS A 26 52.15 -44.65 -8.67
CA HIS A 26 51.16 -44.18 -9.63
C HIS A 26 50.29 -43.03 -9.16
N HIS A 27 50.26 -42.69 -7.88
CA HIS A 27 49.36 -41.69 -7.34
C HIS A 27 50.12 -40.47 -6.83
N LEU A 28 49.61 -39.28 -7.17
CA LEU A 28 50.11 -38.02 -6.62
C LEU A 28 49.05 -37.42 -5.71
N PRO A 29 49.19 -37.55 -4.39
CA PRO A 29 48.15 -37.02 -3.47
C PRO A 29 48.04 -35.50 -3.57
N ALA A 30 46.87 -35.01 -3.18
CA ALA A 30 46.60 -33.58 -3.22
C ALA A 30 47.32 -32.85 -2.10
N GLN A 31 47.81 -31.65 -2.42
CA GLN A 31 48.40 -30.71 -1.47
C GLN A 31 49.35 -31.41 -0.50
N ALA A 32 50.33 -32.10 -1.08
CA ALA A 32 51.23 -32.96 -0.33
C ALA A 32 52.67 -32.68 -0.70
N ASP A 33 53.56 -33.02 0.25
CA ASP A 33 54.99 -33.11 -0.04
C ASP A 33 55.26 -34.56 -0.43
N HIS A 34 55.54 -34.79 -1.70
CA HIS A 34 55.64 -36.15 -2.23
C HIS A 34 56.94 -36.83 -1.82
N LYS A 35 57.97 -36.05 -1.49
CA LYS A 35 59.15 -36.60 -0.82
C LYS A 35 58.78 -37.15 0.55
N VAL A 36 57.94 -36.42 1.29
CA VAL A 36 57.50 -36.89 2.61
C VAL A 36 56.65 -38.15 2.46
N ILE A 37 55.80 -38.21 1.43
CA ILE A 37 54.99 -39.40 1.21
C ILE A 37 55.89 -40.60 0.90
N ALA A 38 56.88 -40.39 0.04
CA ALA A 38 57.83 -41.46 -0.27
C ALA A 38 58.56 -41.93 1.00
N GLU A 39 58.98 -40.97 1.82
CA GLU A 39 59.76 -41.31 3.01
C GLU A 39 58.96 -42.09 4.05
N GLN A 40 57.63 -42.04 4.00
CA GLN A 40 56.81 -42.85 4.88
C GLN A 40 56.29 -44.11 4.20
N GLY A 41 56.80 -44.43 3.02
CA GLY A 41 56.43 -45.67 2.35
C GLY A 41 55.07 -45.67 1.68
N GLY A 42 54.57 -44.51 1.29
CA GLY A 42 53.26 -44.40 0.68
C GLY A 42 52.24 -43.80 1.63
N SER A 43 51.10 -43.44 1.05
CA SER A 43 50.01 -42.87 1.82
C SER A 43 49.52 -43.84 2.88
N ARG A 44 49.06 -43.28 3.99
CA ARG A 44 48.33 -44.07 4.98
C ARG A 44 46.97 -44.43 4.40
N ILE A 45 46.63 -45.72 4.42
CA ILE A 45 45.48 -46.23 3.70
C ILE A 45 44.26 -46.22 4.62
N ILE A 46 43.23 -45.47 4.23
CA ILE A 46 41.95 -45.47 4.92
C ILE A 46 41.02 -46.40 4.17
N THR A 47 40.50 -47.40 4.86
CA THR A 47 39.77 -48.47 4.20
C THR A 47 38.28 -48.48 4.48
N ARG A 48 37.85 -47.99 5.64
CA ARG A 48 36.46 -48.22 6.00
C ARG A 48 36.06 -47.04 6.86
N ALA A 49 34.76 -46.83 7.03
CA ALA A 49 34.36 -45.80 7.98
C ALA A 49 32.91 -45.97 8.40
N GLU A 50 32.62 -45.51 9.60
CA GLU A 50 31.24 -45.60 10.09
C GLU A 50 31.03 -44.56 11.18
N GLY A 51 29.89 -43.90 11.15
CA GLY A 51 29.59 -42.90 12.15
C GLY A 51 30.54 -41.72 12.08
N VAL A 52 31.35 -41.54 13.12
CA VAL A 52 32.38 -40.51 13.17
C VAL A 52 33.78 -41.09 13.18
N TYR A 53 33.90 -42.39 12.91
CA TYR A 53 35.18 -43.10 13.03
C TYR A 53 35.64 -43.57 11.67
N ILE A 54 36.95 -43.47 11.44
CA ILE A 54 37.54 -43.99 10.23
C ILE A 54 38.53 -45.08 10.66
N HIS A 55 38.86 -45.98 9.73
CA HIS A 55 39.72 -47.12 10.00
C HIS A 55 40.78 -47.23 8.92
N ASP A 56 42.03 -47.44 9.32
CA ASP A 56 43.13 -47.50 8.36
C ASP A 56 43.51 -48.95 8.05
N GLY A 57 44.52 -49.11 7.18
CA GLY A 57 44.92 -50.43 6.72
C GLY A 57 45.45 -51.33 7.82
N GLU A 58 46.02 -50.74 8.87
CA GLU A 58 46.56 -51.50 9.99
C GLU A 58 45.57 -51.69 11.14
N GLY A 59 44.30 -51.36 10.92
CA GLY A 59 43.25 -51.61 11.89
C GLY A 59 43.03 -50.52 12.91
N HIS A 60 43.73 -49.40 12.80
CA HIS A 60 43.57 -48.32 13.76
C HIS A 60 42.24 -47.60 13.57
N GLN A 61 41.47 -47.50 14.65
CA GLN A 61 40.27 -46.68 14.67
C GLN A 61 40.63 -45.26 15.08
N ILE A 62 40.21 -44.28 14.28
CA ILE A 62 40.50 -42.87 14.52
C ILE A 62 39.19 -42.10 14.53
N LEU A 63 38.95 -41.36 15.62
CA LEU A 63 37.88 -40.38 15.67
C LEU A 63 38.18 -39.28 14.66
N ASP A 64 37.34 -39.15 13.64
CA ASP A 64 37.57 -38.17 12.56
C ASP A 64 37.01 -36.83 13.00
N GLY A 65 37.86 -36.05 13.68
CA GLY A 65 37.48 -34.71 14.09
C GLY A 65 37.42 -33.69 12.97
N MET A 66 37.73 -34.08 11.74
CA MET A 66 37.70 -33.19 10.60
C MET A 66 36.58 -33.53 9.62
N ALA A 67 35.77 -34.54 9.92
CA ALA A 67 34.66 -34.97 9.05
C ALA A 67 35.13 -35.13 7.60
N GLY A 68 36.13 -35.98 7.42
CA GLY A 68 36.73 -36.17 6.12
C GLY A 68 37.64 -35.01 5.77
N LEU A 69 37.09 -34.01 5.08
CA LEU A 69 37.79 -32.76 4.83
C LEU A 69 36.79 -31.61 5.04
N TRP A 70 36.43 -31.38 6.30
CA TRP A 70 35.45 -30.36 6.70
C TRP A 70 34.09 -30.60 6.05
N CYS A 71 33.75 -31.84 5.70
CA CYS A 71 32.65 -32.01 4.76
C CYS A 71 31.66 -33.12 5.06
N VAL A 72 32.02 -34.20 5.77
CA VAL A 72 31.09 -35.31 5.96
C VAL A 72 30.13 -34.97 7.10
N ASN A 73 29.16 -34.10 6.81
CA ASN A 73 28.34 -33.52 7.87
C ASN A 73 27.34 -34.52 8.44
N VAL A 74 26.77 -35.38 7.59
CA VAL A 74 25.80 -36.36 8.09
C VAL A 74 26.46 -37.61 8.63
N GLY A 75 27.79 -37.69 8.63
CA GLY A 75 28.49 -38.85 9.13
C GLY A 75 28.63 -39.94 8.10
N TYR A 76 29.52 -40.89 8.41
CA TYR A 76 29.75 -42.04 7.56
C TYR A 76 28.68 -43.11 7.78
N GLY A 77 28.51 -43.97 6.77
CA GLY A 77 27.65 -45.13 6.90
C GLY A 77 26.22 -44.94 6.44
N ARG A 78 25.95 -43.97 5.57
CA ARG A 78 24.59 -43.65 5.16
C ARG A 78 24.21 -44.51 3.96
N GLU A 79 23.65 -45.69 4.24
CA GLU A 79 23.12 -46.54 3.18
C GLU A 79 22.08 -45.80 2.35
N GLU A 80 21.33 -44.89 3.00
CA GLU A 80 20.32 -44.10 2.31
C GLU A 80 20.91 -43.29 1.16
N LEU A 81 22.14 -42.79 1.33
CA LEU A 81 22.78 -42.02 0.28
C LEU A 81 23.33 -42.93 -0.82
N ALA A 82 23.87 -44.10 -0.45
CA ALA A 82 24.26 -45.08 -1.46
C ALA A 82 23.06 -45.49 -2.31
N LYS A 83 21.90 -45.69 -1.67
CA LYS A 83 20.70 -46.09 -2.40
C LYS A 83 20.25 -44.99 -3.36
N ALA A 84 20.26 -43.73 -2.91
CA ALA A 84 19.89 -42.62 -3.77
C ALA A 84 20.79 -42.55 -5.01
N ALA A 85 22.08 -42.82 -4.83
CA ALA A 85 22.99 -42.86 -5.97
C ALA A 85 22.64 -44.01 -6.91
N TYR A 86 22.49 -45.21 -6.35
CA TYR A 86 22.14 -46.37 -7.16
C TYR A 86 20.88 -46.13 -7.99
N ASP A 87 19.83 -45.60 -7.35
CA ASP A 87 18.55 -45.45 -8.05
C ASP A 87 18.66 -44.47 -9.21
N GLN A 88 19.33 -43.34 -9.00
CA GLN A 88 19.48 -42.37 -10.08
C GLN A 88 20.36 -42.91 -11.20
N MET A 89 21.40 -43.67 -10.86
CA MET A 89 22.30 -44.17 -11.91
C MET A 89 21.60 -45.19 -12.81
N LEU A 90 20.64 -45.96 -12.28
CA LEU A 90 19.85 -46.83 -13.14
C LEU A 90 18.92 -46.02 -14.05
N GLU A 91 18.30 -44.97 -13.53
CA GLU A 91 17.32 -44.26 -14.32
C GLU A 91 17.98 -43.33 -15.34
N LEU A 92 18.92 -42.52 -14.90
CA LEU A 92 19.61 -41.59 -15.79
C LEU A 92 20.91 -41.16 -15.12
N PRO A 93 22.02 -41.86 -15.40
CA PRO A 93 23.26 -41.56 -14.69
C PRO A 93 23.85 -40.22 -15.07
N TYR A 94 23.71 -39.79 -16.33
CA TYR A 94 24.24 -38.51 -16.75
C TYR A 94 23.43 -37.96 -17.92
N TYR A 95 23.19 -36.65 -17.88
CA TYR A 95 22.98 -35.87 -19.09
C TYR A 95 23.37 -34.43 -18.82
N ASN A 96 23.62 -33.70 -19.91
CA ASN A 96 24.17 -32.36 -19.83
C ASN A 96 23.07 -31.32 -19.63
N THR A 97 23.49 -30.14 -19.15
CA THR A 97 22.64 -28.95 -19.12
C THR A 97 23.10 -27.92 -20.14
N PHE A 98 23.80 -28.36 -21.19
CA PHE A 98 24.32 -27.50 -22.24
C PHE A 98 23.33 -27.27 -23.38
N PHE A 99 22.54 -28.28 -23.72
CA PHE A 99 21.76 -28.29 -24.97
C PHE A 99 20.33 -27.83 -24.73
N LYS A 100 20.15 -26.74 -24.00
CA LYS A 100 18.84 -26.28 -23.52
C LYS A 100 18.11 -27.40 -22.77
N THR A 101 18.87 -28.32 -22.19
CA THR A 101 18.34 -29.47 -21.49
C THR A 101 18.68 -29.39 -20.01
N ALA A 102 17.95 -30.18 -19.23
CA ALA A 102 18.25 -30.41 -17.82
C ALA A 102 17.61 -31.74 -17.44
N THR A 103 17.87 -32.17 -16.22
CA THR A 103 17.33 -33.41 -15.70
C THR A 103 16.65 -33.13 -14.37
N PRO A 104 15.78 -34.03 -13.90
CA PRO A 104 14.98 -33.74 -12.70
C PRO A 104 15.83 -33.45 -11.46
N PRO A 105 16.87 -34.24 -11.15
CA PRO A 105 17.55 -34.07 -9.86
C PRO A 105 18.12 -32.67 -9.65
N PRO A 106 18.87 -32.09 -10.59
CA PRO A 106 19.42 -30.75 -10.33
C PRO A 106 18.38 -29.67 -10.20
N ILE A 107 17.22 -29.82 -10.84
CA ILE A 107 16.16 -28.81 -10.73
C ILE A 107 15.52 -28.88 -9.35
N GLU A 108 15.17 -30.09 -8.89
CA GLU A 108 14.61 -30.23 -7.56
C GLU A 108 15.61 -29.83 -6.49
N LEU A 109 16.87 -30.20 -6.67
CA LEU A 109 17.92 -29.75 -5.75
C LEU A 109 18.05 -28.24 -5.75
N ALA A 110 17.92 -27.61 -6.93
CA ALA A 110 18.02 -26.15 -7.01
C ALA A 110 16.94 -25.47 -6.20
N ALA A 111 15.70 -25.97 -6.28
CA ALA A 111 14.61 -25.41 -5.48
C ALA A 111 14.87 -25.59 -3.99
N LYS A 112 15.41 -26.75 -3.61
CA LYS A 112 15.71 -27.01 -2.20
C LYS A 112 16.81 -26.08 -1.70
N ILE A 113 17.88 -25.94 -2.47
CA ILE A 113 18.97 -25.04 -2.08
C ILE A 113 18.45 -23.60 -1.96
N ALA A 114 17.61 -23.18 -2.90
CA ALA A 114 17.05 -21.84 -2.84
C ALA A 114 16.24 -21.61 -1.56
N GLN A 115 15.47 -22.62 -1.14
CA GLN A 115 14.72 -22.51 0.10
C GLN A 115 15.64 -22.33 1.29
N LYS A 116 16.77 -23.04 1.31
CA LYS A 116 17.72 -22.92 2.40
C LYS A 116 18.55 -21.64 2.32
N MET A 117 18.75 -21.10 1.11
CA MET A 117 19.54 -19.87 0.99
C MET A 117 18.74 -18.65 1.43
N GLY A 118 17.46 -18.59 1.08
CA GLY A 118 16.63 -17.44 1.40
C GLY A 118 17.17 -16.15 0.82
N GLY A 119 16.68 -15.04 1.37
CA GLY A 119 17.00 -13.72 0.84
C GLY A 119 16.69 -13.62 -0.63
N HIS A 120 17.52 -12.86 -1.35
CA HIS A 120 17.39 -12.74 -2.79
C HIS A 120 18.19 -13.80 -3.55
N LEU A 121 18.80 -14.75 -2.85
CA LEU A 121 19.49 -15.87 -3.47
C LEU A 121 18.48 -16.87 -4.03
N SER A 122 18.08 -16.69 -5.29
CA SER A 122 16.99 -17.47 -5.85
C SER A 122 17.45 -18.60 -6.78
N HIS A 123 18.63 -18.49 -7.38
CA HIS A 123 19.06 -19.44 -8.40
C HIS A 123 20.40 -20.04 -8.01
N VAL A 124 20.71 -21.19 -8.61
CA VAL A 124 22.00 -21.85 -8.40
C VAL A 124 22.59 -22.22 -9.76
N PHE A 125 23.89 -22.04 -9.87
CA PHE A 125 24.69 -22.55 -10.98
C PHE A 125 25.55 -23.68 -10.44
N TYR A 126 25.57 -24.82 -11.13
CA TYR A 126 26.16 -26.03 -10.60
C TYR A 126 27.58 -26.22 -11.12
N ASN A 127 28.43 -26.80 -10.27
CA ASN A 127 29.75 -27.26 -10.66
C ASN A 127 30.03 -28.53 -9.86
N SER A 128 31.29 -28.94 -9.80
CA SER A 128 31.69 -30.11 -9.04
C SER A 128 32.44 -29.78 -7.75
N SER A 129 33.38 -28.85 -7.80
CA SER A 129 34.22 -28.54 -6.65
C SER A 129 33.97 -27.12 -6.15
N GLY A 130 34.37 -26.89 -4.90
CA GLY A 130 34.34 -25.54 -4.36
C GLY A 130 35.24 -24.58 -5.12
N SER A 131 36.36 -25.08 -5.64
CA SER A 131 37.25 -24.23 -6.45
C SER A 131 36.54 -23.73 -7.70
N GLU A 132 35.91 -24.64 -8.46
CA GLU A 132 35.15 -24.24 -9.63
C GLU A 132 34.08 -23.22 -9.30
N ALA A 133 33.43 -23.38 -8.14
CA ALA A 133 32.39 -22.43 -7.72
C ALA A 133 32.93 -21.00 -7.71
N ASN A 134 34.17 -20.83 -7.26
CA ASN A 134 34.74 -19.49 -7.23
C ASN A 134 35.22 -19.04 -8.60
N ASP A 135 35.60 -19.98 -9.48
CA ASP A 135 35.76 -19.64 -10.89
C ASP A 135 34.46 -19.12 -11.47
N THR A 136 33.34 -19.78 -11.14
CA THR A 136 32.03 -19.32 -11.59
C THR A 136 31.72 -17.95 -11.02
N VAL A 137 31.97 -17.75 -9.73
CA VAL A 137 31.86 -16.43 -9.12
C VAL A 137 32.68 -15.41 -9.89
N PHE A 138 33.94 -15.76 -10.19
CA PHE A 138 34.86 -14.84 -10.83
C PHE A 138 34.33 -14.37 -12.19
N ARG A 139 33.92 -15.32 -13.04
CA ARG A 139 33.50 -14.97 -14.39
C ARG A 139 32.10 -14.37 -14.42
N LEU A 140 31.18 -14.87 -13.58
CA LEU A 140 29.82 -14.35 -13.58
C LEU A 140 29.78 -12.91 -13.08
N VAL A 141 30.52 -12.60 -12.02
CA VAL A 141 30.53 -11.24 -11.49
C VAL A 141 31.03 -10.26 -12.56
N ARG A 142 32.12 -10.61 -13.25
CA ARG A 142 32.63 -9.70 -14.27
C ARG A 142 31.66 -9.58 -15.43
N HIS A 143 31.03 -10.69 -15.84
CA HIS A 143 30.04 -10.63 -16.91
C HIS A 143 28.81 -9.84 -16.48
N PHE A 144 28.38 -10.02 -15.23
CA PHE A 144 27.27 -9.24 -14.70
C PHE A 144 27.51 -7.75 -14.87
N TRP A 145 28.71 -7.29 -14.52
CA TRP A 145 28.99 -5.86 -14.58
C TRP A 145 29.07 -5.35 -16.01
N LYS A 146 29.48 -6.22 -16.96
CA LYS A 146 29.40 -5.85 -18.37
C LYS A 146 27.95 -5.72 -18.81
N LEU A 147 27.10 -6.66 -18.40
CA LEU A 147 25.68 -6.56 -18.74
C LEU A 147 25.06 -5.31 -18.13
N LYS A 148 25.51 -4.93 -16.93
CA LYS A 148 25.00 -3.74 -16.27
C LYS A 148 25.49 -2.45 -16.89
N GLY A 149 26.40 -2.52 -17.87
CA GLY A 149 26.95 -1.31 -18.46
C GLY A 149 27.95 -0.59 -17.58
N GLU A 150 28.64 -1.31 -16.69
CA GLU A 150 29.69 -0.76 -15.86
C GLU A 150 30.93 -1.65 -16.02
N PRO A 151 31.53 -1.65 -17.21
CA PRO A 151 32.61 -2.62 -17.50
C PRO A 151 33.88 -2.39 -16.72
N SER A 152 34.06 -1.22 -16.09
CA SER A 152 35.27 -0.97 -15.32
C SER A 152 35.30 -1.76 -14.02
N ARG A 153 34.16 -2.26 -13.56
CA ARG A 153 34.08 -3.01 -12.31
C ARG A 153 34.60 -4.42 -12.56
N THR A 154 35.89 -4.62 -12.29
CA THR A 154 36.55 -5.90 -12.55
C THR A 154 37.35 -6.45 -11.37
N VAL A 155 37.69 -5.64 -10.38
CA VAL A 155 38.65 -6.02 -9.36
C VAL A 155 37.93 -6.72 -8.21
N PHE A 156 38.50 -7.84 -7.75
CA PHE A 156 38.02 -8.54 -6.57
C PHE A 156 38.90 -8.21 -5.39
N ILE A 157 38.29 -7.94 -4.24
CA ILE A 157 39.01 -7.66 -3.00
C ILE A 157 38.80 -8.84 -2.06
N SER A 158 39.89 -9.45 -1.64
CA SER A 158 39.85 -10.56 -0.69
C SER A 158 40.75 -10.19 0.50
N ARG A 159 41.20 -11.22 1.21
CA ARG A 159 41.98 -11.00 2.43
C ARG A 159 43.16 -11.97 2.47
N TRP A 160 44.25 -11.53 3.08
CA TRP A 160 45.33 -12.45 3.41
C TRP A 160 44.81 -13.55 4.32
N ASN A 161 45.32 -14.77 4.12
CA ASN A 161 44.94 -15.97 4.85
C ASN A 161 43.52 -16.43 4.52
N ALA A 162 42.89 -15.85 3.52
CA ALA A 162 41.67 -16.42 2.97
C ALA A 162 42.01 -17.66 2.15
N TYR A 163 41.04 -18.57 2.06
CA TYR A 163 41.17 -19.74 1.19
C TYR A 163 39.92 -19.84 0.33
N HIS A 164 40.10 -19.85 -0.99
CA HIS A 164 38.98 -19.90 -1.92
C HIS A 164 39.18 -20.94 -3.01
N GLY A 165 40.01 -21.95 -2.76
CA GLY A 165 40.12 -23.11 -3.63
C GLY A 165 41.52 -23.25 -4.21
N SER A 166 41.62 -24.15 -5.20
CA SER A 166 42.91 -24.57 -5.73
C SER A 166 42.97 -24.49 -7.24
N THR A 167 41.92 -23.97 -7.89
CA THR A 167 42.09 -23.53 -9.27
C THR A 167 42.95 -22.27 -9.30
N VAL A 168 43.39 -21.91 -10.51
CA VAL A 168 44.16 -20.67 -10.68
C VAL A 168 43.38 -19.49 -10.10
N ALA A 169 42.09 -19.43 -10.41
CA ALA A 169 41.25 -18.37 -9.86
C ALA A 169 41.05 -18.52 -8.36
N GLY A 170 40.83 -19.75 -7.89
CA GLY A 170 40.65 -19.98 -6.46
C GLY A 170 41.89 -19.64 -5.66
N VAL A 171 43.07 -20.01 -6.17
CA VAL A 171 44.31 -19.62 -5.49
C VAL A 171 44.45 -18.11 -5.48
N SER A 172 44.17 -17.46 -6.61
CA SER A 172 44.30 -16.00 -6.70
C SER A 172 43.34 -15.30 -5.75
N LEU A 173 42.12 -15.81 -5.65
CA LEU A 173 41.15 -15.20 -4.74
C LEU A 173 41.52 -15.46 -3.28
N GLY A 174 42.03 -16.65 -2.98
CA GLY A 174 42.60 -16.90 -1.68
C GLY A 174 43.82 -16.01 -1.42
N GLY A 175 44.23 -16.00 -0.16
CA GLY A 175 45.34 -15.15 0.25
C GLY A 175 46.49 -15.91 0.87
N MET A 176 46.74 -17.13 0.39
CA MET A 176 47.83 -17.97 0.89
C MET A 176 49.07 -17.68 0.03
N LYS A 177 50.01 -16.91 0.60
CA LYS A 177 51.14 -16.43 -0.20
C LYS A 177 51.98 -17.58 -0.75
N HIS A 178 52.19 -18.64 0.05
CA HIS A 178 52.96 -19.77 -0.44
C HIS A 178 52.24 -20.47 -1.58
N MET A 179 50.90 -20.52 -1.52
CA MET A 179 50.14 -21.10 -2.62
C MET A 179 50.18 -20.22 -3.85
N HIS A 180 50.07 -18.90 -3.67
CA HIS A 180 50.23 -17.95 -4.78
C HIS A 180 51.48 -18.25 -5.59
N LYS A 181 52.59 -18.52 -4.91
CA LYS A 181 53.87 -18.68 -5.59
C LYS A 181 53.83 -19.77 -6.66
N GLN A 182 53.12 -20.87 -6.39
CA GLN A 182 53.10 -22.00 -7.30
C GLN A 182 52.03 -21.73 -8.37
N GLY A 183 52.48 -21.46 -9.59
CA GLY A 183 51.65 -20.91 -10.64
C GLY A 183 51.86 -19.43 -10.88
N ASP A 184 52.67 -18.78 -10.06
CA ASP A 184 52.97 -17.35 -10.18
C ASP A 184 51.69 -16.51 -10.14
N LEU A 185 50.96 -16.68 -9.06
CA LEU A 185 49.67 -16.07 -8.82
C LEU A 185 49.79 -15.03 -7.70
N PRO A 186 48.77 -14.16 -7.53
CA PRO A 186 47.44 -14.06 -8.14
C PRO A 186 47.45 -13.51 -9.57
N ILE A 187 46.43 -13.87 -10.35
CA ILE A 187 46.18 -13.24 -11.63
C ILE A 187 45.78 -11.79 -11.39
N ALA A 188 45.76 -10.98 -12.44
CA ALA A 188 45.49 -9.56 -12.29
C ALA A 188 44.06 -9.32 -11.83
N GLY A 189 43.85 -8.16 -11.19
CA GLY A 189 42.53 -7.79 -10.75
C GLY A 189 42.08 -8.40 -9.44
N VAL A 190 43.02 -8.80 -8.59
CA VAL A 190 42.71 -9.34 -7.26
C VAL A 190 43.60 -8.64 -6.24
N GLU A 191 42.98 -8.05 -5.22
CA GLU A 191 43.69 -7.39 -4.14
C GLU A 191 43.40 -8.08 -2.82
N HIS A 192 44.34 -8.00 -1.88
CA HIS A 192 44.22 -8.67 -0.60
C HIS A 192 44.52 -7.69 0.53
N VAL A 193 43.69 -7.72 1.58
CA VAL A 193 43.84 -6.86 2.74
C VAL A 193 43.86 -7.72 4.00
N MET A 194 44.08 -7.07 5.15
CA MET A 194 44.20 -7.76 6.42
C MET A 194 43.02 -8.66 6.72
N GLN A 195 43.31 -9.81 7.32
CA GLN A 195 42.31 -10.70 7.89
C GLN A 195 41.94 -10.25 9.31
N PRO A 196 40.68 -10.46 9.73
CA PRO A 196 40.26 -10.09 11.09
C PRO A 196 40.59 -11.17 12.11
N TYR A 197 41.90 -11.39 12.31
CA TYR A 197 42.41 -12.43 13.20
C TYR A 197 42.84 -11.75 14.50
N GLN A 198 41.93 -11.72 15.47
CA GLN A 198 42.20 -10.97 16.71
C GLN A 198 43.37 -11.56 17.47
N PHE A 199 43.39 -12.88 17.65
CA PHE A 199 44.42 -13.49 18.50
C PHE A 199 45.82 -13.22 17.94
N GLY A 200 46.00 -13.38 16.64
CA GLY A 200 47.30 -13.22 16.04
C GLY A 200 47.72 -11.79 15.80
N ASP A 201 46.79 -10.97 15.29
CA ASP A 201 47.11 -9.64 14.79
C ASP A 201 46.48 -8.51 15.57
N GLY A 202 45.59 -8.80 16.53
CA GLY A 202 44.97 -7.77 17.33
C GLY A 202 44.97 -8.11 18.80
N PHE A 203 45.97 -8.86 19.24
CA PHE A 203 46.04 -9.30 20.63
C PHE A 203 46.19 -8.10 21.55
N GLY A 204 45.26 -7.96 22.48
CA GLY A 204 45.24 -6.82 23.38
C GLY A 204 44.61 -5.57 22.82
N GLU A 205 44.13 -5.59 21.59
CA GLU A 205 43.35 -4.49 21.06
C GLU A 205 41.89 -4.62 21.49
N ASP A 206 41.24 -3.47 21.68
CA ASP A 206 39.81 -3.48 21.88
C ASP A 206 39.14 -4.17 20.71
N PRO A 207 38.28 -5.18 20.94
CA PRO A 207 37.64 -5.88 19.82
C PRO A 207 36.93 -4.95 18.85
N ALA A 208 36.16 -3.99 19.36
CA ALA A 208 35.48 -3.05 18.48
C ALA A 208 36.47 -2.23 17.65
N ALA A 209 37.58 -1.82 18.25
CA ALA A 209 38.58 -1.06 17.52
C ALA A 209 39.30 -1.91 16.47
N PHE A 210 39.63 -3.15 16.83
CA PHE A 210 40.28 -4.05 15.88
C PHE A 210 39.37 -4.34 14.70
N ARG A 211 38.10 -4.63 14.97
CA ARG A 211 37.12 -4.82 13.90
C ARG A 211 37.08 -3.63 12.96
N ASP A 212 37.00 -2.42 13.52
CA ASP A 212 36.97 -1.21 12.69
C ASP A 212 38.20 -1.11 11.82
N ARG A 213 39.37 -1.46 12.38
CA ARG A 213 40.60 -1.48 11.60
C ARG A 213 40.49 -2.41 10.41
N ALA A 214 39.95 -3.61 10.64
CA ALA A 214 39.89 -4.62 9.58
C ALA A 214 38.90 -4.24 8.50
N VAL A 215 37.80 -3.57 8.86
CA VAL A 215 36.88 -3.08 7.84
C VAL A 215 37.48 -1.90 7.09
N GLN A 216 38.14 -0.98 7.82
CA GLN A 216 38.75 0.19 7.20
C GLN A 216 39.80 -0.21 6.16
N ALA A 217 40.52 -1.31 6.41
CA ALA A 217 41.48 -1.80 5.42
C ALA A 217 40.80 -2.10 4.09
N ILE A 218 39.58 -2.66 4.14
CA ILE A 218 38.85 -2.92 2.90
C ILE A 218 38.49 -1.61 2.21
N GLU A 219 37.99 -0.64 2.97
CA GLU A 219 37.64 0.65 2.37
C GLU A 219 38.87 1.33 1.78
N ASP A 220 40.01 1.25 2.46
CA ASP A 220 41.23 1.86 1.95
C ASP A 220 41.60 1.26 0.59
N LYS A 221 41.45 -0.05 0.44
CA LYS A 221 41.74 -0.69 -0.84
C LYS A 221 40.75 -0.28 -1.91
N ILE A 222 39.45 -0.19 -1.57
CA ILE A 222 38.46 0.29 -2.52
C ILE A 222 38.85 1.67 -3.05
N LEU A 223 39.21 2.57 -2.15
CA LEU A 223 39.59 3.93 -2.56
C LEU A 223 40.89 3.92 -3.35
N GLU A 224 41.84 3.06 -2.98
CA GLU A 224 43.08 2.95 -3.74
C GLU A 224 42.83 2.43 -5.14
N VAL A 225 42.02 1.37 -5.25
CA VAL A 225 41.72 0.79 -6.56
C VAL A 225 40.85 1.74 -7.37
N GLY A 226 40.00 2.52 -6.70
CA GLY A 226 38.99 3.29 -7.37
C GLY A 226 37.66 2.55 -7.30
N PRO A 227 36.71 3.10 -6.54
CA PRO A 227 35.43 2.38 -6.33
C PRO A 227 34.75 1.99 -7.62
N GLU A 228 34.82 2.82 -8.65
CA GLU A 228 34.26 2.50 -9.96
C GLU A 228 34.95 1.31 -10.62
N ASN A 229 36.09 0.87 -10.10
CA ASN A 229 36.82 -0.27 -10.65
C ASN A 229 36.60 -1.57 -9.87
N VAL A 230 35.91 -1.52 -8.73
CA VAL A 230 35.77 -2.70 -7.87
C VAL A 230 34.50 -3.45 -8.26
N ALA A 231 34.63 -4.77 -8.45
CA ALA A 231 33.51 -5.60 -8.81
C ALA A 231 32.83 -6.23 -7.58
N ALA A 232 33.62 -6.69 -6.60
CA ALA A 232 33.04 -7.43 -5.49
C ALA A 232 34.07 -7.54 -4.37
N PHE A 233 33.55 -7.78 -3.16
CA PHE A 233 34.35 -8.30 -2.06
C PHE A 233 33.94 -9.73 -1.80
N ILE A 234 34.93 -10.59 -1.51
CA ILE A 234 34.69 -12.00 -1.25
C ILE A 234 35.34 -12.37 0.07
N GLY A 235 34.67 -13.22 0.86
CA GLY A 235 35.25 -13.75 2.08
C GLY A 235 34.51 -14.92 2.68
N GLU A 236 35.24 -15.79 3.38
CA GLU A 236 34.59 -16.82 4.18
C GLU A 236 33.97 -16.19 5.43
N PRO A 237 32.73 -16.53 5.78
CA PRO A 237 32.18 -16.05 7.06
C PRO A 237 33.10 -16.35 8.23
N VAL A 238 33.55 -17.59 8.34
CA VAL A 238 34.65 -17.97 9.22
C VAL A 238 35.74 -18.57 8.33
N GLN A 239 36.97 -18.06 8.46
CA GLN A 239 38.07 -18.54 7.64
C GLN A 239 38.41 -19.96 8.06
N GLY A 240 38.30 -20.91 7.14
CA GLY A 240 38.51 -22.30 7.47
C GLY A 240 39.95 -22.74 7.40
N ALA A 241 40.46 -22.95 6.18
CA ALA A 241 41.85 -23.38 6.00
C ALA A 241 42.84 -22.39 6.60
N GLY A 242 42.44 -21.13 6.79
CA GLY A 242 43.30 -20.16 7.42
C GLY A 242 43.47 -20.34 8.92
N GLY A 243 42.73 -21.28 9.53
CA GLY A 243 42.90 -21.60 10.93
C GLY A 243 41.70 -21.30 11.81
N VAL A 244 40.49 -21.49 11.27
CA VAL A 244 39.24 -21.22 11.99
C VAL A 244 39.30 -19.82 12.58
N ILE A 245 39.38 -18.82 11.71
CA ILE A 245 39.45 -17.43 12.12
C ILE A 245 38.04 -16.90 12.26
N ILE A 246 37.58 -16.71 13.49
CA ILE A 246 36.23 -16.22 13.77
C ILE A 246 36.32 -14.71 13.90
N PRO A 247 35.59 -13.94 13.08
CA PRO A 247 35.76 -12.49 13.08
C PRO A 247 35.13 -11.86 14.30
N PRO A 248 35.57 -10.66 14.69
CA PRO A 248 34.96 -9.98 15.84
C PRO A 248 33.51 -9.60 15.57
N ASP A 249 32.76 -9.44 16.65
CA ASP A 249 31.36 -9.05 16.55
C ASP A 249 31.22 -7.73 15.80
N GLY A 250 30.23 -7.67 14.90
CA GLY A 250 30.00 -6.48 14.11
C GLY A 250 30.82 -6.39 12.83
N TYR A 251 31.79 -7.28 12.65
CA TYR A 251 32.64 -7.24 11.46
C TYR A 251 31.81 -7.37 10.18
N TRP A 252 31.02 -8.44 10.08
CA TRP A 252 30.31 -8.74 8.86
C TRP A 252 29.21 -7.71 8.53
N PRO A 253 28.43 -7.23 9.52
CA PRO A 253 27.54 -6.11 9.20
C PRO A 253 28.26 -4.87 8.67
N ALA A 254 29.44 -4.57 9.20
CA ALA A 254 30.18 -3.40 8.72
C ALA A 254 30.70 -3.63 7.31
N VAL A 255 31.13 -4.87 7.00
CA VAL A 255 31.55 -5.18 5.64
C VAL A 255 30.39 -5.07 4.67
N GLU A 256 29.21 -5.57 5.07
CA GLU A 256 28.02 -5.45 4.23
C GLU A 256 27.68 -3.99 3.97
N ALA A 257 27.67 -3.17 5.03
CA ALA A 257 27.42 -1.74 4.85
C ALA A 257 28.46 -1.11 3.95
N LEU A 258 29.72 -1.55 4.06
CA LEU A 258 30.77 -1.06 3.18
C LEU A 258 30.44 -1.34 1.72
N CYS A 259 30.07 -2.60 1.42
CA CYS A 259 29.76 -2.97 0.04
C CYS A 259 28.60 -2.14 -0.51
N ARG A 260 27.55 -1.96 0.29
CA ARG A 260 26.42 -1.14 -0.17
C ARG A 260 26.82 0.30 -0.38
N LYS A 261 27.74 0.81 0.44
CA LYS A 261 28.20 2.19 0.29
C LYS A 261 28.78 2.44 -1.10
N TYR A 262 29.58 1.50 -1.61
CA TYR A 262 30.23 1.68 -2.89
C TYR A 262 29.57 0.90 -4.02
N GLY A 263 28.44 0.23 -3.74
CA GLY A 263 27.71 -0.47 -4.78
C GLY A 263 28.43 -1.66 -5.36
N ILE A 264 29.31 -2.30 -4.61
CA ILE A 264 30.01 -3.48 -5.06
C ILE A 264 29.29 -4.71 -4.54
N LEU A 265 29.50 -5.84 -5.22
CA LEU A 265 28.85 -7.08 -4.83
C LEU A 265 29.53 -7.68 -3.60
N LEU A 266 28.72 -8.37 -2.79
CA LEU A 266 29.22 -9.09 -1.62
C LEU A 266 29.11 -10.59 -1.91
N VAL A 267 30.24 -11.29 -1.82
CA VAL A 267 30.31 -12.72 -2.09
C VAL A 267 30.80 -13.42 -0.82
N CYS A 268 30.03 -14.39 -0.35
CA CYS A 268 30.41 -15.20 0.80
C CYS A 268 30.74 -16.62 0.34
N ASP A 269 31.93 -17.09 0.70
CA ASP A 269 32.35 -18.46 0.39
C ASP A 269 31.88 -19.37 1.53
N GLU A 270 30.83 -20.14 1.25
CA GLU A 270 30.19 -20.99 2.25
C GLU A 270 30.61 -22.45 2.14
N VAL A 271 31.76 -22.73 1.51
CA VAL A 271 32.12 -24.10 1.21
C VAL A 271 32.32 -24.90 2.49
N ILE A 272 32.92 -24.30 3.52
CA ILE A 272 33.01 -24.95 4.83
C ILE A 272 31.84 -24.56 5.73
N CYS A 273 31.49 -23.28 5.78
CA CYS A 273 30.50 -22.79 6.74
C CYS A 273 29.08 -23.21 6.39
N GLY A 274 28.83 -23.63 5.16
CA GLY A 274 27.48 -23.96 4.77
C GLY A 274 27.00 -25.28 5.37
N PHE A 275 25.68 -25.45 5.33
CA PHE A 275 25.02 -26.72 5.64
C PHE A 275 25.29 -27.18 7.07
N GLY A 276 25.00 -26.29 8.02
CA GLY A 276 24.90 -26.64 9.42
C GLY A 276 26.14 -26.36 10.24
N ARG A 277 27.27 -26.05 9.60
CA ARG A 277 28.55 -26.01 10.30
C ARG A 277 28.54 -24.99 11.44
N LEU A 278 27.96 -23.80 11.19
CA LEU A 278 27.93 -22.75 12.19
C LEU A 278 26.59 -22.65 12.91
N GLY A 279 25.74 -23.66 12.80
CA GLY A 279 24.42 -23.63 13.39
C GLY A 279 23.36 -23.00 12.50
N GLN A 280 23.67 -22.76 11.23
CA GLN A 280 22.74 -22.22 10.26
C GLN A 280 22.94 -23.00 8.96
N TRP A 281 21.96 -22.91 8.06
CA TRP A 281 22.13 -23.53 6.75
C TRP A 281 23.29 -22.91 6.00
N PHE A 282 23.60 -21.64 6.26
CA PHE A 282 24.76 -20.97 5.68
C PHE A 282 25.36 -19.99 6.67
N GLY A 283 26.69 -19.91 6.67
CA GLY A 283 27.40 -19.03 7.59
C GLY A 283 26.90 -17.61 7.58
N HIS A 284 26.64 -17.04 6.40
CA HIS A 284 26.24 -15.64 6.32
C HIS A 284 24.93 -15.37 7.03
N GLN A 285 24.08 -16.40 7.17
CA GLN A 285 22.82 -16.22 7.89
C GLN A 285 23.04 -16.05 9.39
N HIS A 286 24.12 -16.62 9.93
CA HIS A 286 24.46 -16.37 11.32
C HIS A 286 24.74 -14.89 11.55
N TYR A 287 25.33 -14.22 10.57
CA TYR A 287 25.75 -12.83 10.71
C TYR A 287 24.71 -11.84 10.19
N GLY A 288 23.59 -12.34 9.65
CA GLY A 288 22.53 -11.46 9.21
C GLY A 288 22.84 -10.62 7.99
N ILE A 289 23.79 -11.03 7.15
CA ILE A 289 24.13 -10.30 5.95
C ILE A 289 23.48 -10.98 4.76
N LYS A 290 23.40 -10.26 3.63
CA LYS A 290 22.67 -10.71 2.45
C LYS A 290 23.63 -10.66 1.27
N PRO A 291 24.45 -11.68 1.07
CA PRO A 291 25.39 -11.67 -0.06
C PRO A 291 24.65 -11.73 -1.38
N ASP A 292 25.32 -11.26 -2.44
CA ASP A 292 24.77 -11.38 -3.78
C ASP A 292 25.06 -12.74 -4.41
N LEU A 293 26.17 -13.36 -4.02
CA LEU A 293 26.56 -14.68 -4.50
C LEU A 293 27.19 -15.44 -3.34
N ILE A 294 27.03 -16.76 -3.36
CA ILE A 294 27.74 -17.63 -2.42
C ILE A 294 28.28 -18.84 -3.16
N ALA A 295 29.43 -19.33 -2.70
CA ALA A 295 30.00 -20.58 -3.18
C ALA A 295 29.73 -21.66 -2.14
N MET A 296 29.36 -22.85 -2.61
CA MET A 296 29.05 -23.94 -1.71
C MET A 296 29.55 -25.26 -2.29
N ALA A 297 29.89 -26.18 -1.39
CA ALA A 297 30.36 -27.51 -1.75
C ALA A 297 30.44 -28.34 -0.48
N LYS A 298 31.39 -29.29 -0.42
CA LYS A 298 31.67 -30.07 0.78
C LYS A 298 30.41 -30.62 1.43
N GLY A 299 29.90 -29.91 2.44
CA GLY A 299 28.72 -30.34 3.16
C GLY A 299 27.46 -30.45 2.32
N LEU A 300 27.46 -29.82 1.12
CA LEU A 300 26.34 -29.94 0.20
C LEU A 300 25.90 -31.38 0.01
N SER A 301 26.86 -32.30 -0.14
CA SER A 301 26.57 -33.71 -0.31
C SER A 301 27.19 -34.55 0.80
N SER A 302 27.62 -33.90 1.89
CA SER A 302 28.43 -34.55 2.94
C SER A 302 29.62 -35.29 2.33
N GLY A 303 30.14 -34.77 1.21
CA GLY A 303 31.23 -35.39 0.51
C GLY A 303 30.90 -36.71 -0.16
N TYR A 304 29.63 -37.13 -0.15
CA TYR A 304 29.28 -38.44 -0.66
C TYR A 304 29.45 -38.53 -2.17
N LEU A 305 29.18 -37.45 -2.90
CA LEU A 305 29.53 -37.35 -4.30
C LEU A 305 30.01 -35.93 -4.63
N PRO A 306 30.86 -35.78 -5.65
CA PRO A 306 31.33 -34.44 -6.04
C PRO A 306 30.20 -33.62 -6.65
N ILE A 307 29.92 -32.47 -6.04
CA ILE A 307 28.99 -31.49 -6.59
C ILE A 307 29.21 -30.18 -5.85
N SER A 308 29.08 -29.07 -6.59
CA SER A 308 29.15 -27.74 -5.99
C SER A 308 28.17 -26.83 -6.69
N ALA A 309 27.99 -25.64 -6.13
CA ALA A 309 27.04 -24.69 -6.70
C ALA A 309 27.40 -23.27 -6.29
N VAL A 310 26.97 -22.31 -7.11
CA VAL A 310 26.97 -20.90 -6.77
C VAL A 310 25.53 -20.45 -6.60
N GLY A 311 25.20 -19.91 -5.43
CA GLY A 311 23.91 -19.25 -5.24
C GLY A 311 23.98 -17.85 -5.81
N VAL A 312 22.99 -17.49 -6.62
CA VAL A 312 23.03 -16.27 -7.40
C VAL A 312 21.81 -15.42 -7.06
N ALA A 313 22.03 -14.14 -6.80
CA ALA A 313 20.94 -13.23 -6.46
C ALA A 313 20.00 -13.03 -7.65
N ASP A 314 18.74 -12.75 -7.33
CA ASP A 314 17.72 -12.56 -8.37
C ASP A 314 18.10 -11.45 -9.34
N HIS A 315 18.70 -10.36 -8.84
CA HIS A 315 18.99 -9.23 -9.72
C HIS A 315 20.13 -9.53 -10.70
N ILE A 316 21.01 -10.48 -10.38
CA ILE A 316 22.00 -10.92 -11.37
C ILE A 316 21.33 -11.78 -12.43
N VAL A 317 20.45 -12.70 -12.01
CA VAL A 317 19.70 -13.49 -12.98
C VAL A 317 18.86 -12.58 -13.86
N ALA A 318 18.36 -11.47 -13.31
CA ALA A 318 17.55 -10.54 -14.08
C ALA A 318 18.33 -9.98 -15.26
N GLU A 319 19.62 -9.70 -15.08
CA GLU A 319 20.44 -9.23 -16.19
C GLU A 319 20.57 -10.30 -17.26
N LEU A 320 20.90 -11.54 -16.85
CA LEU A 320 21.04 -12.64 -17.79
C LEU A 320 19.74 -12.87 -18.56
N ARG A 321 18.60 -12.79 -17.89
CA ARG A 321 17.33 -13.14 -18.52
C ARG A 321 16.81 -12.03 -19.43
N GLU A 322 17.08 -10.77 -19.10
CA GLU A 322 16.55 -9.66 -19.87
C GLU A 322 17.48 -9.20 -20.99
N LYS A 323 18.79 -9.20 -20.76
CA LYS A 323 19.72 -8.87 -21.83
C LYS A 323 19.98 -10.06 -22.74
N GLY A 324 19.82 -11.29 -22.25
CA GLY A 324 20.12 -12.46 -23.02
C GLY A 324 21.61 -12.57 -23.35
N GLY A 325 21.89 -13.29 -24.41
CA GLY A 325 23.25 -13.64 -24.75
C GLY A 325 23.76 -14.82 -23.95
N ASP A 326 24.61 -15.63 -24.56
CA ASP A 326 25.21 -16.77 -23.86
C ASP A 326 26.03 -16.28 -22.67
N PHE A 327 25.86 -16.96 -21.54
CA PHE A 327 26.87 -16.94 -20.49
C PHE A 327 27.75 -18.15 -20.76
N ILE A 328 28.87 -17.94 -21.44
CA ILE A 328 29.65 -19.05 -22.00
C ILE A 328 30.48 -19.64 -20.87
N HIS A 329 29.82 -20.34 -19.96
CA HIS A 329 30.46 -20.85 -18.76
C HIS A 329 29.68 -22.06 -18.28
N GLY A 330 30.39 -23.12 -17.94
CA GLY A 330 29.78 -24.31 -17.40
C GLY A 330 30.63 -25.53 -17.66
N PHE A 331 30.33 -26.59 -16.93
CA PHE A 331 31.16 -27.79 -16.92
C PHE A 331 30.33 -29.00 -17.32
N THR A 332 31.00 -29.98 -17.94
CA THR A 332 30.38 -31.24 -18.31
C THR A 332 29.49 -31.78 -17.19
N TYR A 333 30.00 -31.79 -15.97
CA TYR A 333 29.29 -32.35 -14.83
C TYR A 333 28.51 -31.31 -14.04
N SER A 334 28.33 -30.11 -14.59
CA SER A 334 27.38 -29.16 -14.03
C SER A 334 25.98 -29.77 -14.02
N GLY A 335 25.40 -29.93 -12.84
CA GLY A 335 24.08 -30.51 -12.73
C GLY A 335 24.02 -32.01 -12.82
N HIS A 336 25.12 -32.70 -12.51
CA HIS A 336 25.20 -34.15 -12.63
C HIS A 336 24.02 -34.80 -11.88
N PRO A 337 23.18 -35.57 -12.57
CA PRO A 337 21.92 -36.02 -11.93
C PRO A 337 22.14 -36.94 -10.75
N THR A 338 23.15 -37.81 -10.79
CA THR A 338 23.41 -38.70 -9.67
C THR A 338 23.96 -37.90 -8.48
N ALA A 339 24.94 -37.03 -8.73
CA ALA A 339 25.45 -36.18 -7.67
C ALA A 339 24.36 -35.29 -7.10
N ALA A 340 23.50 -34.75 -7.97
CA ALA A 340 22.38 -33.93 -7.49
C ALA A 340 21.42 -34.74 -6.66
N ALA A 341 21.14 -35.98 -7.06
CA ALA A 341 20.23 -36.83 -6.30
C ALA A 341 20.77 -37.12 -4.91
N VAL A 342 22.09 -37.33 -4.81
CA VAL A 342 22.69 -37.57 -3.51
C VAL A 342 22.66 -36.31 -2.65
N ALA A 343 22.95 -35.16 -3.25
CA ALA A 343 22.92 -33.91 -2.51
C ALA A 343 21.52 -33.61 -1.98
N LEU A 344 20.49 -33.87 -2.80
CA LEU A 344 19.12 -33.66 -2.35
C LEU A 344 18.79 -34.57 -1.18
N LYS A 345 19.13 -35.85 -1.29
CA LYS A 345 18.87 -36.78 -0.18
C LYS A 345 19.69 -36.40 1.05
N ASN A 346 20.91 -35.89 0.84
CA ASN A 346 21.73 -35.44 1.96
C ASN A 346 21.06 -34.29 2.71
N ILE A 347 20.50 -33.33 1.98
CA ILE A 347 19.79 -32.22 2.63
C ILE A 347 18.57 -32.73 3.37
N GLU A 348 17.84 -33.69 2.78
CA GLU A 348 16.65 -34.23 3.45
C GLU A 348 17.00 -34.95 4.75
N ILE A 349 18.14 -35.64 4.79
CA ILE A 349 18.58 -36.26 6.04
C ILE A 349 18.84 -35.20 7.10
N MET A 350 19.54 -34.13 6.71
CA MET A 350 19.80 -33.03 7.63
C MET A 350 18.49 -32.43 8.16
N GLU A 351 17.52 -32.22 7.27
CA GLU A 351 16.22 -31.74 7.70
C GLU A 351 15.55 -32.71 8.67
N ARG A 352 15.47 -33.98 8.27
CA ARG A 352 14.81 -34.99 9.08
C ARG A 352 15.43 -35.10 10.47
N GLU A 353 16.75 -35.05 10.56
CA GLU A 353 17.44 -35.22 11.83
C GLU A 353 17.71 -33.89 12.54
N GLY A 354 17.27 -32.76 11.98
CA GLY A 354 17.44 -31.48 12.63
C GLY A 354 18.88 -31.11 12.89
N LEU A 355 19.79 -31.47 11.98
CA LEU A 355 21.22 -31.36 12.25
C LEU A 355 21.68 -29.90 12.31
N VAL A 356 21.02 -29.01 11.58
CA VAL A 356 21.36 -27.59 11.64
C VAL A 356 21.05 -27.01 13.01
N GLU A 357 19.82 -27.20 13.49
CA GLU A 357 19.43 -26.67 14.78
C GLU A 357 20.16 -27.37 15.91
N ARG A 358 20.38 -28.67 15.79
CA ARG A 358 21.16 -29.39 16.80
C ARG A 358 22.53 -28.77 16.98
N THR A 359 23.18 -28.40 15.87
CA THR A 359 24.49 -27.75 15.95
C THR A 359 24.38 -26.39 16.64
N ARG A 360 23.36 -25.61 16.28
CA ARG A 360 23.20 -24.29 16.90
C ARG A 360 22.88 -24.42 18.38
N ASP A 361 21.98 -25.33 18.74
CA ASP A 361 21.43 -25.33 20.07
C ASP A 361 22.07 -26.34 21.02
N GLU A 362 22.67 -27.43 20.52
CA GLU A 362 23.24 -28.40 21.44
C GLU A 362 24.72 -28.71 21.20
N THR A 363 25.09 -29.35 20.07
CA THR A 363 26.47 -29.79 19.99
C THR A 363 27.41 -28.60 19.95
N GLY A 364 26.99 -27.49 19.35
CA GLY A 364 27.79 -26.29 19.31
C GLY A 364 28.13 -25.74 20.69
N PRO A 365 27.11 -25.40 21.47
CA PRO A 365 27.37 -25.00 22.87
C PRO A 365 28.13 -26.04 23.67
N TYR A 366 27.83 -27.32 23.48
CA TYR A 366 28.57 -28.36 24.21
C TYR A 366 30.04 -28.36 23.82
N LEU A 367 30.34 -28.21 22.53
CA LEU A 367 31.73 -28.13 22.09
C LEU A 367 32.43 -26.91 22.70
N ALA A 368 31.73 -25.77 22.72
CA ALA A 368 32.29 -24.56 23.32
C ALA A 368 32.67 -24.79 24.79
N GLN A 369 31.74 -25.34 25.57
CA GLN A 369 32.03 -25.59 26.99
C GLN A 369 33.12 -26.66 27.13
N ALA A 370 33.10 -27.69 26.28
CA ALA A 370 34.11 -28.73 26.36
C ALA A 370 35.49 -28.19 26.03
N LEU A 371 35.61 -27.39 24.96
CA LEU A 371 36.90 -26.79 24.62
C LEU A 371 37.37 -25.83 25.70
N ALA A 372 36.42 -25.16 26.37
CA ALA A 372 36.80 -24.22 27.42
C ALA A 372 37.52 -24.90 28.58
N SER A 373 37.28 -26.19 28.78
CA SER A 373 38.00 -26.92 29.83
C SER A 373 39.48 -27.03 29.53
N LEU A 374 39.90 -26.80 28.29
CA LEU A 374 41.31 -26.79 27.92
C LEU A 374 42.00 -25.46 28.22
N ASN A 375 41.25 -24.43 28.61
CA ASN A 375 41.82 -23.10 28.79
C ASN A 375 42.91 -23.08 29.86
N ASP A 376 42.83 -23.96 30.86
CA ASP A 376 43.80 -23.95 31.94
C ASP A 376 45.08 -24.71 31.62
N HIS A 377 45.17 -25.35 30.45
CA HIS A 377 46.37 -26.09 30.11
C HIS A 377 47.55 -25.13 29.91
N PRO A 378 48.74 -25.50 30.36
CA PRO A 378 49.89 -24.58 30.22
C PRO A 378 50.26 -24.23 28.78
N LEU A 379 49.82 -25.01 27.79
CA LEU A 379 50.16 -24.74 26.39
C LEU A 379 49.10 -23.92 25.65
N VAL A 380 47.91 -23.73 26.22
CA VAL A 380 46.76 -23.20 25.51
C VAL A 380 46.68 -21.69 25.73
N GLY A 381 46.69 -20.93 24.63
CA GLY A 381 46.57 -19.48 24.70
C GLY A 381 45.15 -18.99 24.53
N GLU A 382 44.33 -19.77 23.82
CA GLU A 382 42.95 -19.39 23.51
C GLU A 382 42.25 -20.59 22.89
N VAL A 383 40.97 -20.76 23.22
CA VAL A 383 40.08 -21.64 22.48
C VAL A 383 38.92 -20.80 21.98
N ARG A 384 38.43 -21.12 20.78
CA ARG A 384 37.30 -20.42 20.19
C ARG A 384 36.54 -21.41 19.33
N SER A 385 35.24 -21.19 19.19
CA SER A 385 34.42 -22.07 18.38
C SER A 385 33.11 -21.38 18.04
N LEU A 386 32.47 -21.87 16.98
CA LEU A 386 31.14 -21.45 16.58
C LEU A 386 30.48 -22.63 15.88
N GLY A 387 29.31 -23.03 16.37
CA GLY A 387 28.76 -24.31 15.93
C GLY A 387 29.75 -25.42 16.19
N LEU A 388 29.92 -26.30 15.20
CA LEU A 388 30.88 -27.40 15.31
C LEU A 388 32.16 -27.12 14.52
N ILE A 389 32.66 -25.90 14.60
CA ILE A 389 33.99 -25.56 14.12
C ILE A 389 34.72 -24.86 15.26
N GLY A 390 35.99 -25.20 15.48
CA GLY A 390 36.69 -24.68 16.64
C GLY A 390 38.19 -24.72 16.44
N ALA A 391 38.89 -24.05 17.36
CA ALA A 391 40.33 -23.91 17.27
C ALA A 391 40.94 -23.78 18.66
N VAL A 392 42.11 -24.39 18.84
CA VAL A 392 42.88 -24.28 20.07
C VAL A 392 44.24 -23.71 19.71
N GLU A 393 44.61 -22.59 20.35
CA GLU A 393 45.87 -21.93 20.09
C GLU A 393 46.95 -22.45 21.02
N ILE A 394 48.11 -22.79 20.46
CA ILE A 394 49.27 -23.25 21.22
C ILE A 394 50.23 -22.08 21.40
N VAL A 395 50.60 -21.80 22.64
CA VAL A 395 51.50 -20.70 22.95
C VAL A 395 52.60 -21.19 23.86
N ARG A 396 53.75 -20.51 23.82
CA ARG A 396 54.85 -20.80 24.73
C ARG A 396 54.77 -19.99 26.02
N GLU A 397 53.85 -19.04 26.12
CA GLU A 397 53.75 -18.19 27.30
C GLU A 397 52.30 -17.83 27.54
N LYS A 398 51.76 -18.27 28.68
CA LYS A 398 50.38 -17.98 29.04
C LYS A 398 50.13 -16.47 29.07
N GLY A 399 48.93 -16.08 28.65
CA GLY A 399 48.55 -14.68 28.62
C GLY A 399 49.13 -13.89 27.47
N THR A 400 49.75 -14.56 26.51
CA THR A 400 50.31 -13.93 25.32
C THR A 400 49.90 -14.73 24.10
N ASN A 401 50.28 -14.25 22.92
CA ASN A 401 50.20 -15.04 21.69
C ASN A 401 51.58 -15.47 21.22
N HIS A 402 52.55 -15.52 22.14
CA HIS A 402 53.92 -15.88 21.78
C HIS A 402 53.98 -17.36 21.40
N ARG A 403 54.73 -17.65 20.34
CA ARG A 403 54.78 -18.99 19.78
C ARG A 403 56.14 -19.63 20.08
N PHE A 404 56.14 -20.96 20.15
CA PHE A 404 57.38 -21.67 20.40
C PHE A 404 58.41 -21.38 19.31
N LEU A 405 59.65 -21.14 19.72
CA LEU A 405 60.77 -20.76 18.86
C LEU A 405 60.53 -19.45 18.14
N ASP A 406 59.50 -18.69 18.53
CA ASP A 406 59.05 -17.51 17.80
C ASP A 406 58.95 -17.79 16.31
N LYS A 407 58.42 -18.96 15.97
CA LYS A 407 58.40 -19.41 14.58
C LYS A 407 57.16 -20.29 14.40
N GLU A 408 56.04 -19.63 14.09
CA GLU A 408 54.75 -20.28 13.93
C GLU A 408 54.85 -21.47 12.99
N GLY A 409 54.29 -22.59 13.44
CA GLY A 409 54.25 -23.81 12.64
C GLY A 409 55.18 -24.91 13.11
N GLU A 410 55.89 -24.72 14.22
CA GLU A 410 56.70 -25.79 14.77
C GLU A 410 55.93 -26.61 15.81
N ALA A 411 55.21 -25.94 16.70
CA ALA A 411 54.50 -26.63 17.77
C ALA A 411 53.27 -27.38 17.25
N GLY A 412 52.55 -26.76 16.32
CA GLY A 412 51.33 -27.33 15.77
C GLY A 412 51.42 -28.78 15.35
N PRO A 413 52.27 -29.07 14.36
CA PRO A 413 52.38 -30.46 13.87
C PRO A 413 52.74 -31.47 14.95
N ILE A 414 53.54 -31.07 15.96
CA ILE A 414 53.89 -32.00 17.02
C ILE A 414 52.65 -32.40 17.82
N VAL A 415 51.83 -31.42 18.18
CA VAL A 415 50.58 -31.70 18.88
C VAL A 415 49.64 -32.50 17.99
N ARG A 416 49.53 -32.10 16.72
CA ARG A 416 48.69 -32.82 15.77
C ARG A 416 49.07 -34.30 15.70
N ASP A 417 50.36 -34.59 15.53
CA ASP A 417 50.80 -35.97 15.36
C ASP A 417 50.51 -36.80 16.60
N LEU A 418 50.59 -36.20 17.79
CA LEU A 418 50.23 -36.91 19.00
C LEU A 418 48.74 -37.17 19.08
N CYS A 419 47.94 -36.19 18.67
CA CYS A 419 46.51 -36.42 18.54
C CYS A 419 46.22 -37.63 17.65
N ILE A 420 46.88 -37.73 16.47
CA ILE A 420 46.55 -38.79 15.50
C ILE A 420 46.98 -40.17 16.00
N LYS A 421 48.19 -40.21 16.56
CA LYS A 421 48.73 -41.23 17.45
C LYS A 421 47.74 -41.63 18.56
N ASN A 422 47.08 -40.65 19.17
CA ASN A 422 46.14 -40.98 20.22
C ASN A 422 44.74 -41.25 19.72
N GLY A 423 44.55 -41.34 18.41
CA GLY A 423 43.27 -41.78 17.87
C GLY A 423 42.30 -40.69 17.47
N LEU A 424 42.79 -39.48 17.20
CA LEU A 424 41.93 -38.35 16.82
C LEU A 424 42.52 -37.66 15.61
N MET A 425 41.72 -37.53 14.56
CA MET A 425 42.11 -36.72 13.40
C MET A 425 41.70 -35.27 13.66
N VAL A 426 42.69 -34.42 13.91
CA VAL A 426 42.54 -32.98 13.89
C VAL A 426 43.72 -32.41 13.13
N ARG A 427 43.57 -31.19 12.64
CA ARG A 427 44.60 -30.56 11.84
C ARG A 427 45.28 -29.44 12.61
N ALA A 428 46.57 -29.25 12.32
CA ALA A 428 47.31 -28.12 12.81
C ALA A 428 47.48 -27.13 11.67
N ILE A 429 46.92 -25.94 11.84
CA ILE A 429 47.13 -24.82 10.92
C ILE A 429 47.99 -23.82 11.67
N ARG A 430 49.23 -23.64 11.22
CA ARG A 430 50.26 -22.92 11.96
C ARG A 430 50.35 -23.60 13.32
N ASP A 431 50.24 -22.89 14.43
CA ASP A 431 50.22 -23.49 15.76
C ASP A 431 48.81 -23.55 16.34
N SER A 432 47.80 -23.71 15.49
CA SER A 432 46.41 -23.82 15.90
C SER A 432 45.91 -25.24 15.62
N ILE A 433 45.39 -25.89 16.65
CA ILE A 433 44.70 -27.16 16.50
C ILE A 433 43.24 -26.88 16.20
N VAL A 434 42.74 -27.40 15.07
CA VAL A 434 41.40 -27.10 14.60
C VAL A 434 40.59 -28.39 14.55
N CYS A 435 39.26 -28.24 14.65
CA CYS A 435 38.37 -29.39 14.57
C CYS A 435 37.10 -28.99 13.81
N CYS A 436 36.50 -29.98 13.15
CA CYS A 436 35.32 -29.77 12.32
C CYS A 436 34.59 -31.11 12.17
N PRO A 437 34.00 -31.63 13.24
CA PRO A 437 33.52 -33.01 13.23
C PRO A 437 32.19 -33.14 12.51
N PRO A 438 31.77 -34.37 12.19
CA PRO A 438 30.43 -34.55 11.62
C PRO A 438 29.36 -34.02 12.56
N LEU A 439 28.28 -33.53 11.97
CA LEU A 439 27.20 -32.93 12.75
C LEU A 439 26.50 -33.95 13.64
N ILE A 440 26.67 -35.25 13.37
CA ILE A 440 26.05 -36.29 14.17
C ILE A 440 26.87 -36.66 15.40
N ILE A 441 28.01 -36.01 15.63
CA ILE A 441 28.83 -36.31 16.80
C ILE A 441 28.02 -36.17 18.07
N THR A 442 28.19 -37.11 18.99
CA THR A 442 27.50 -37.08 20.26
C THR A 442 28.30 -36.27 21.27
N LYS A 443 27.63 -35.88 22.35
CA LYS A 443 28.30 -35.17 23.44
C LYS A 443 29.43 -36.00 24.03
N ALA A 444 29.21 -37.31 24.20
CA ALA A 444 30.26 -38.19 24.68
C ALA A 444 31.47 -38.19 23.75
N GLN A 445 31.22 -38.20 22.45
CA GLN A 445 32.32 -38.19 21.49
C GLN A 445 33.02 -36.84 21.47
N ILE A 446 32.28 -35.75 21.72
CA ILE A 446 32.91 -34.45 21.90
C ILE A 446 33.85 -34.48 23.11
N ASP A 447 33.42 -35.13 24.19
CA ASP A 447 34.28 -35.27 25.37
C ASP A 447 35.50 -36.12 25.05
N GLU A 448 35.33 -37.17 24.24
CA GLU A 448 36.47 -37.97 23.81
C GLU A 448 37.45 -37.13 22.98
N LEU A 449 36.93 -36.34 22.04
CA LEU A 449 37.77 -35.48 21.23
C LEU A 449 38.61 -34.54 22.08
N VAL A 450 37.97 -33.82 23.01
CA VAL A 450 38.70 -32.87 23.85
C VAL A 450 39.69 -33.61 24.75
N GLY A 451 39.27 -34.76 25.29
CA GLY A 451 40.17 -35.53 26.14
C GLY A 451 41.44 -35.96 25.44
N ILE A 452 41.33 -36.39 24.18
CA ILE A 452 42.51 -36.81 23.43
C ILE A 452 43.42 -35.62 23.17
N ILE A 453 42.85 -34.45 22.85
CA ILE A 453 43.65 -33.24 22.66
C ILE A 453 44.42 -32.91 23.93
N ARG A 454 43.74 -32.95 25.09
CA ARG A 454 44.42 -32.65 26.34
C ARG A 454 45.53 -33.66 26.62
N LYS A 455 45.23 -34.95 26.46
CA LYS A 455 46.24 -35.99 26.58
C LYS A 455 47.43 -35.72 25.66
N SER A 456 47.15 -35.31 24.43
CA SER A 456 48.23 -35.04 23.47
C SER A 456 49.00 -33.78 23.84
N LEU A 457 48.30 -32.74 24.32
CA LEU A 457 48.98 -31.54 24.81
C LEU A 457 49.91 -31.87 25.97
N ASP A 458 49.44 -32.72 26.90
CA ASP A 458 50.29 -33.13 28.03
C ASP A 458 51.56 -33.80 27.53
N GLU A 459 51.43 -34.71 26.56
CA GLU A 459 52.60 -35.37 26.01
C GLU A 459 53.46 -34.40 25.21
N ALA A 460 52.83 -33.40 24.57
CA ALA A 460 53.57 -32.43 23.77
C ALA A 460 54.36 -31.46 24.63
N GLU A 461 53.93 -31.21 25.86
CA GLU A 461 54.57 -30.18 26.68
C GLU A 461 56.08 -30.38 26.85
N PRO A 462 56.58 -31.56 27.25
CA PRO A 462 58.04 -31.69 27.40
C PRO A 462 58.82 -31.53 26.10
N VAL A 463 58.31 -32.06 24.98
CA VAL A 463 59.04 -31.93 23.72
C VAL A 463 59.04 -30.48 23.25
N LEU A 464 57.94 -29.75 23.45
CA LEU A 464 57.89 -28.35 23.04
C LEU A 464 58.81 -27.48 23.89
N ARG A 465 58.86 -27.73 25.20
CA ARG A 465 59.77 -26.99 26.06
C ARG A 465 61.23 -27.21 25.68
N ALA A 466 61.55 -28.37 25.11
CA ALA A 466 62.92 -28.72 24.77
C ALA A 466 63.40 -28.16 23.43
N LEU A 467 62.52 -27.48 22.69
CA LEU A 467 62.88 -26.96 21.37
C LEU A 467 63.93 -25.87 21.45
N HIS B 14 4.60 45.35 5.50
CA HIS B 14 3.60 44.46 6.08
C HIS B 14 3.71 44.37 7.61
N ASP B 15 2.56 44.54 8.27
CA ASP B 15 2.42 44.25 9.70
C ASP B 15 2.22 42.74 9.82
N ILE B 16 3.32 42.01 10.09
CA ILE B 16 3.26 40.56 10.08
C ILE B 16 2.35 40.04 11.19
N ALA B 17 2.50 40.60 12.40
CA ALA B 17 1.66 40.19 13.52
C ALA B 17 0.18 40.38 13.21
N GLU B 18 -0.16 41.50 12.57
CA GLU B 18 -1.56 41.77 12.25
C GLU B 18 -2.07 40.81 11.18
N LEU B 19 -1.25 40.52 10.17
CA LEU B 19 -1.63 39.54 9.15
C LEU B 19 -1.89 38.19 9.79
N LYS B 20 -1.05 37.79 10.75
CA LYS B 20 -1.26 36.53 11.45
C LYS B 20 -2.56 36.56 12.26
N ARG B 21 -2.85 37.69 12.91
CA ARG B 21 -4.12 37.82 13.63
C ARG B 21 -5.30 37.75 12.67
N LEU B 22 -5.22 38.49 11.56
CA LEU B 22 -6.27 38.44 10.55
C LEU B 22 -6.39 37.06 9.93
N ASP B 23 -5.27 36.35 9.80
CA ASP B 23 -5.30 34.98 9.26
C ASP B 23 -6.18 34.08 10.10
N LEU B 24 -5.93 34.06 11.43
CA LEU B 24 -6.73 33.23 12.31
C LEU B 24 -8.17 33.70 12.36
N ALA B 25 -8.39 35.02 12.35
CA ALA B 25 -9.73 35.56 12.51
C ALA B 25 -10.62 35.36 11.29
N HIS B 26 -10.04 35.18 10.11
CA HIS B 26 -10.84 35.24 8.89
C HIS B 26 -10.48 34.24 7.80
N HIS B 27 -9.34 33.55 7.90
CA HIS B 27 -8.85 32.69 6.81
C HIS B 27 -8.85 31.23 7.24
N LEU B 28 -9.35 30.36 6.36
CA LEU B 28 -9.24 28.91 6.54
C LEU B 28 -8.29 28.34 5.49
N PRO B 29 -7.04 28.04 5.84
CA PRO B 29 -6.08 27.55 4.85
C PRO B 29 -6.46 26.19 4.27
N ALA B 30 -5.92 25.92 3.09
CA ALA B 30 -6.19 24.66 2.40
C ALA B 30 -5.46 23.50 3.05
N GLN B 31 -6.13 22.35 3.10
CA GLN B 31 -5.57 21.07 3.53
C GLN B 31 -4.75 21.22 4.80
N ALA B 32 -5.39 21.79 5.82
CA ALA B 32 -4.70 22.18 7.05
C ALA B 32 -5.44 21.68 8.27
N ASP B 33 -4.69 21.51 9.37
CA ASP B 33 -5.25 21.33 10.69
C ASP B 33 -5.32 22.72 11.32
N HIS B 34 -6.53 23.24 11.47
CA HIS B 34 -6.71 24.63 11.89
C HIS B 34 -6.45 24.83 13.38
N LYS B 35 -6.57 23.76 14.18
CA LYS B 35 -6.09 23.81 15.56
C LYS B 35 -4.58 24.01 15.60
N VAL B 36 -3.84 23.30 14.73
CA VAL B 36 -2.39 23.47 14.66
C VAL B 36 -2.04 24.86 14.17
N ILE B 37 -2.80 25.40 13.21
CA ILE B 37 -2.56 26.75 12.72
C ILE B 37 -2.76 27.75 13.85
N ALA B 38 -3.84 27.60 14.61
CA ALA B 38 -4.08 28.46 15.77
C ALA B 38 -2.95 28.35 16.79
N GLU B 39 -2.50 27.13 17.06
CA GLU B 39 -1.50 26.91 18.11
C GLU B 39 -0.14 27.52 17.76
N GLN B 40 0.12 27.80 16.48
CA GLN B 40 1.33 28.50 16.09
C GLN B 40 1.09 29.99 15.87
N GLY B 41 -0.07 30.49 16.28
CA GLY B 41 -0.36 31.91 16.21
C GLY B 41 -0.70 32.41 14.83
N GLY B 42 -1.20 31.56 13.96
CA GLY B 42 -1.52 31.92 12.59
C GLY B 42 -0.51 31.36 11.60
N SER B 43 -0.90 31.42 10.33
CA SER B 43 -0.05 30.93 9.26
C SER B 43 1.27 31.69 9.20
N ARG B 44 2.31 30.98 8.77
CA ARG B 44 3.58 31.61 8.43
C ARG B 44 3.43 32.42 7.15
N ILE B 45 3.86 33.68 7.18
CA ILE B 45 3.59 34.63 6.11
C ILE B 45 4.75 34.64 5.13
N ILE B 46 4.46 34.33 3.86
CA ILE B 46 5.42 34.46 2.75
C ILE B 46 5.10 35.76 2.01
N THR B 47 6.10 36.64 1.87
CA THR B 47 5.93 38.00 1.39
C THR B 47 6.57 38.29 0.02
N ARG B 48 7.66 37.62 -0.33
CA ARG B 48 8.47 37.81 -1.53
C ARG B 48 9.01 36.47 -2.02
N ALA B 49 9.44 36.48 -3.29
CA ALA B 49 10.11 35.37 -3.94
C ALA B 49 10.87 35.92 -5.14
N GLU B 50 11.98 35.27 -5.45
CA GLU B 50 12.83 35.62 -6.57
C GLU B 50 13.60 34.35 -6.90
N GLY B 51 13.69 34.03 -8.18
CA GLY B 51 14.42 32.83 -8.56
C GLY B 51 13.81 31.56 -8.01
N VAL B 52 14.55 30.91 -7.11
CA VAL B 52 14.09 29.70 -6.42
C VAL B 52 13.92 29.94 -4.93
N TYR B 53 13.96 31.19 -4.48
CA TYR B 53 13.96 31.50 -3.06
C TYR B 53 12.68 32.23 -2.69
N ILE B 54 12.14 31.88 -1.52
CA ILE B 54 10.99 32.57 -0.99
C ILE B 54 11.44 33.20 0.32
N HIS B 55 10.70 34.23 0.75
CA HIS B 55 11.04 34.97 1.96
C HIS B 55 9.81 35.13 2.83
N ASP B 56 9.98 34.88 4.13
CA ASP B 56 8.85 34.92 5.05
C ASP B 56 8.80 36.25 5.82
N GLY B 57 7.80 36.37 6.68
CA GLY B 57 7.57 37.63 7.39
C GLY B 57 8.71 38.04 8.31
N GLU B 58 9.45 37.07 8.84
CA GLU B 58 10.54 37.39 9.75
C GLU B 58 11.89 37.51 9.04
N GLY B 59 11.88 37.57 7.70
CA GLY B 59 13.09 37.77 6.94
C GLY B 59 13.85 36.52 6.55
N HIS B 60 13.31 35.35 6.85
CA HIS B 60 14.00 34.10 6.52
C HIS B 60 13.96 33.82 5.02
N GLN B 61 15.12 33.59 4.43
CA GLN B 61 15.21 33.11 3.05
C GLN B 61 15.18 31.59 3.04
N ILE B 62 14.29 31.03 2.23
CA ILE B 62 14.11 29.58 2.13
C ILE B 62 14.28 29.17 0.67
N LEU B 63 15.19 28.24 0.42
CA LEU B 63 15.29 27.58 -0.87
C LEU B 63 14.01 26.77 -1.10
N ASP B 64 13.22 27.17 -2.09
CA ASP B 64 11.93 26.53 -2.33
C ASP B 64 12.14 25.28 -3.17
N GLY B 65 12.40 24.17 -2.49
CA GLY B 65 12.57 22.89 -3.18
C GLY B 65 11.29 22.28 -3.68
N MET B 66 10.14 22.92 -3.46
CA MET B 66 8.86 22.41 -3.92
C MET B 66 8.23 23.27 -5.01
N ALA B 67 8.91 24.34 -5.44
CA ALA B 67 8.43 25.24 -6.48
C ALA B 67 6.99 25.69 -6.20
N GLY B 68 6.80 26.29 -5.03
CA GLY B 68 5.48 26.70 -4.59
C GLY B 68 4.66 25.50 -4.13
N LEU B 69 3.90 24.92 -5.06
CA LEU B 69 3.19 23.66 -4.84
C LEU B 69 3.36 22.81 -6.10
N TRP B 70 4.58 22.31 -6.31
CA TRP B 70 4.92 21.48 -7.48
C TRP B 70 4.67 22.20 -8.80
N CYS B 71 4.72 23.54 -8.83
CA CYS B 71 4.11 24.23 -9.97
C CYS B 71 4.91 25.41 -10.53
N VAL B 72 5.73 26.10 -9.76
CA VAL B 72 6.39 27.30 -10.28
C VAL B 72 7.61 26.88 -11.11
N ASN B 73 7.34 26.40 -12.34
CA ASN B 73 8.39 25.74 -13.11
C ASN B 73 9.42 26.73 -13.66
N VAL B 74 8.97 27.92 -14.10
CA VAL B 74 9.90 28.91 -14.63
C VAL B 74 10.53 29.76 -13.53
N GLY B 75 10.21 29.51 -12.27
CA GLY B 75 10.77 30.25 -11.17
C GLY B 75 10.02 31.54 -10.89
N TYR B 76 10.31 32.11 -9.73
CA TYR B 76 9.72 33.38 -9.33
C TYR B 76 10.46 34.55 -9.98
N GLY B 77 9.76 35.68 -10.06
CA GLY B 77 10.37 36.92 -10.53
C GLY B 77 10.23 37.20 -12.01
N ARG B 78 9.23 36.62 -12.68
CA ARG B 78 9.08 36.77 -14.12
C ARG B 78 8.25 38.02 -14.40
N GLU B 79 8.92 39.16 -14.52
CA GLU B 79 8.24 40.39 -14.93
C GLU B 79 7.53 40.20 -16.27
N GLU B 80 8.09 39.37 -17.14
CA GLU B 80 7.49 39.09 -18.44
C GLU B 80 6.09 38.52 -18.29
N LEU B 81 5.86 37.70 -17.27
CA LEU B 81 4.52 37.14 -17.04
C LEU B 81 3.58 38.16 -16.41
N ALA B 82 4.09 39.00 -15.51
CA ALA B 82 3.29 40.10 -15.00
C ALA B 82 2.82 41.03 -16.12
N LYS B 83 3.71 41.34 -17.06
CA LYS B 83 3.35 42.21 -18.16
C LYS B 83 2.29 41.58 -19.06
N ALA B 84 2.44 40.28 -19.36
CA ALA B 84 1.45 39.58 -20.18
C ALA B 84 0.06 39.66 -19.56
N ALA B 85 -0.03 39.54 -18.23
CA ALA B 85 -1.31 39.68 -17.55
C ALA B 85 -1.83 41.11 -17.67
N TYR B 86 -0.99 42.09 -17.35
CA TYR B 86 -1.38 43.50 -17.44
C TYR B 86 -1.94 43.84 -18.82
N ASP B 87 -1.23 43.46 -19.88
CA ASP B 87 -1.62 43.86 -21.22
C ASP B 87 -2.95 43.24 -21.62
N GLN B 88 -3.16 41.96 -21.31
CA GLN B 88 -4.42 41.32 -21.67
C GLN B 88 -5.58 41.89 -20.87
N MET B 89 -5.33 42.24 -19.60
CA MET B 89 -6.40 42.80 -18.77
C MET B 89 -6.84 44.17 -19.27
N LEU B 90 -5.93 44.94 -19.87
CA LEU B 90 -6.32 46.21 -20.46
C LEU B 90 -7.16 46.00 -21.72
N GLU B 91 -6.79 45.03 -22.56
CA GLU B 91 -7.50 44.85 -23.82
C GLU B 91 -8.84 44.12 -23.61
N LEU B 92 -8.81 43.00 -22.89
CA LEU B 92 -10.01 42.21 -22.66
C LEU B 92 -9.81 41.32 -21.43
N PRO B 93 -10.21 41.78 -20.24
CA PRO B 93 -9.91 41.00 -19.03
C PRO B 93 -10.69 39.71 -18.93
N TYR B 94 -11.93 39.68 -19.41
CA TYR B 94 -12.75 38.48 -19.35
C TYR B 94 -13.78 38.48 -20.47
N TYR B 95 -13.97 37.30 -21.06
CA TYR B 95 -15.25 36.98 -21.68
C TYR B 95 -15.41 35.47 -21.70
N ASN B 96 -16.67 35.03 -21.81
CA ASN B 96 -17.02 33.62 -21.67
C ASN B 96 -16.86 32.87 -22.99
N THR B 97 -16.79 31.54 -22.87
CA THR B 97 -16.87 30.63 -24.00
C THR B 97 -18.20 29.88 -24.01
N PHE B 98 -19.23 30.44 -23.37
CA PHE B 98 -20.55 29.83 -23.28
C PHE B 98 -21.46 30.18 -24.45
N PHE B 99 -21.36 31.41 -24.96
CA PHE B 99 -22.37 31.95 -25.87
C PHE B 99 -21.95 31.79 -27.33
N LYS B 100 -21.47 30.60 -27.70
CA LYS B 100 -20.83 30.37 -29.00
C LYS B 100 -19.71 31.38 -29.24
N THR B 101 -19.11 31.86 -28.17
CA THR B 101 -18.09 32.89 -28.22
C THR B 101 -16.74 32.34 -27.76
N ALA B 102 -15.68 33.06 -28.11
CA ALA B 102 -14.36 32.79 -27.58
C ALA B 102 -13.53 34.07 -27.71
N THR B 103 -12.32 34.03 -27.16
CA THR B 103 -11.38 35.14 -27.20
C THR B 103 -10.05 34.62 -27.71
N PRO B 104 -9.17 35.51 -28.19
CA PRO B 104 -7.94 35.06 -28.87
C PRO B 104 -7.02 34.22 -27.98
N PRO B 105 -6.73 34.63 -26.74
CA PRO B 105 -5.67 33.92 -25.97
C PRO B 105 -5.96 32.44 -25.76
N PRO B 106 -7.16 32.03 -25.30
CA PRO B 106 -7.37 30.59 -25.09
C PRO B 106 -7.31 29.78 -26.37
N ILE B 107 -7.62 30.38 -27.51
CA ILE B 107 -7.52 29.67 -28.78
C ILE B 107 -6.06 29.48 -29.16
N GLU B 108 -5.25 30.54 -29.05
CA GLU B 108 -3.84 30.44 -29.35
C GLU B 108 -3.14 29.49 -28.37
N LEU B 109 -3.49 29.56 -27.10
CA LEU B 109 -2.95 28.62 -26.12
C LEU B 109 -3.35 27.20 -26.47
N ALA B 110 -4.58 27.00 -26.94
CA ALA B 110 -5.04 25.67 -27.31
C ALA B 110 -4.19 25.07 -28.41
N ALA B 111 -3.83 25.87 -29.42
CA ALA B 111 -2.96 25.38 -30.49
C ALA B 111 -1.57 25.05 -29.96
N LYS B 112 -1.06 25.87 -29.03
CA LYS B 112 0.27 25.62 -28.48
C LYS B 112 0.29 24.35 -27.63
N ILE B 113 -0.70 24.18 -26.75
CA ILE B 113 -0.78 22.98 -25.93
C ILE B 113 -0.93 21.74 -26.82
N ALA B 114 -1.75 21.83 -27.86
CA ALA B 114 -1.92 20.71 -28.78
C ALA B 114 -0.61 20.32 -29.43
N GLN B 115 0.19 21.32 -29.81
CA GLN B 115 1.50 21.02 -30.39
C GLN B 115 2.39 20.27 -29.41
N LYS B 116 2.34 20.67 -28.13
CA LYS B 116 3.16 20.00 -27.12
C LYS B 116 2.59 18.65 -26.72
N MET B 117 1.28 18.46 -26.84
CA MET B 117 0.69 17.17 -26.47
C MET B 117 1.01 16.10 -27.51
N GLY B 118 0.95 16.45 -28.79
CA GLY B 118 1.20 15.51 -29.86
C GLY B 118 0.24 14.32 -29.82
N GLY B 119 0.64 13.27 -30.54
CA GLY B 119 -0.24 12.12 -30.72
C GLY B 119 -1.58 12.53 -31.27
N HIS B 120 -2.63 11.85 -30.80
CA HIS B 120 -3.99 12.19 -31.19
C HIS B 120 -4.63 13.21 -30.26
N LEU B 121 -3.89 13.76 -29.30
CA LEU B 121 -4.37 14.83 -28.44
C LEU B 121 -4.41 16.17 -29.18
N SER B 122 -5.54 16.48 -29.79
CA SER B 122 -5.67 17.65 -30.65
C SER B 122 -6.40 18.82 -30.01
N HIS B 123 -7.25 18.58 -29.02
CA HIS B 123 -8.12 19.62 -28.47
C HIS B 123 -7.91 19.74 -26.98
N VAL B 124 -8.28 20.91 -26.43
CA VAL B 124 -8.24 21.15 -25.00
C VAL B 124 -9.56 21.75 -24.53
N PHE B 125 -10.02 21.30 -23.36
CA PHE B 125 -11.12 21.90 -22.64
C PHE B 125 -10.56 22.58 -21.40
N TYR B 126 -10.97 23.82 -21.14
CA TYR B 126 -10.37 24.64 -20.11
C TYR B 126 -11.17 24.60 -18.80
N ASN B 127 -10.44 24.69 -17.70
CA ASN B 127 -11.01 24.93 -16.38
C ASN B 127 -10.00 25.81 -15.63
N SER B 128 -10.12 25.88 -14.30
CA SER B 128 -9.20 26.64 -13.49
C SER B 128 -8.21 25.78 -12.71
N SER B 129 -8.67 24.69 -12.09
CA SER B 129 -7.83 23.88 -11.23
C SER B 129 -7.65 22.49 -11.82
N GLY B 130 -6.59 21.82 -11.36
CA GLY B 130 -6.39 20.42 -11.70
C GLY B 130 -7.52 19.54 -11.23
N SER B 131 -8.13 19.88 -10.09
CA SER B 131 -9.29 19.14 -9.61
C SER B 131 -10.45 19.22 -10.59
N GLU B 132 -10.79 20.44 -11.01
CA GLU B 132 -11.83 20.62 -12.02
C GLU B 132 -11.51 19.84 -13.29
N ALA B 133 -10.24 19.80 -13.69
CA ALA B 133 -9.84 19.05 -14.87
C ALA B 133 -10.28 17.60 -14.77
N ASN B 134 -10.20 17.02 -13.57
CA ASN B 134 -10.62 15.64 -13.41
C ASN B 134 -12.14 15.50 -13.33
N ASP B 135 -12.85 16.53 -12.86
CA ASP B 135 -14.29 16.58 -13.07
C ASP B 135 -14.63 16.59 -14.55
N THR B 136 -13.87 17.35 -15.34
CA THR B 136 -14.07 17.36 -16.78
C THR B 136 -13.82 15.99 -17.39
N VAL B 137 -12.72 15.35 -17.01
CA VAL B 137 -12.45 13.96 -17.41
C VAL B 137 -13.62 13.07 -17.05
N PHE B 138 -14.09 13.17 -15.80
CA PHE B 138 -15.13 12.27 -15.30
C PHE B 138 -16.40 12.38 -16.13
N ARG B 139 -16.87 13.61 -16.37
CA ARG B 139 -18.12 13.79 -17.10
C ARG B 139 -17.95 13.58 -18.61
N LEU B 140 -16.81 14.02 -19.16
CA LEU B 140 -16.60 13.85 -20.60
C LEU B 140 -16.47 12.38 -20.99
N VAL B 141 -15.73 11.60 -20.18
CA VAL B 141 -15.55 10.18 -20.49
C VAL B 141 -16.91 9.47 -20.48
N ARG B 142 -17.72 9.72 -19.45
CA ARG B 142 -19.02 9.07 -19.37
C ARG B 142 -19.94 9.55 -20.49
N HIS B 143 -19.91 10.84 -20.81
CA HIS B 143 -20.71 11.35 -21.91
C HIS B 143 -20.25 10.78 -23.25
N PHE B 144 -18.94 10.66 -23.43
CA PHE B 144 -18.39 10.04 -24.64
C PHE B 144 -18.98 8.66 -24.86
N TRP B 145 -19.05 7.85 -23.80
CA TRP B 145 -19.51 6.47 -23.97
C TRP B 145 -21.00 6.39 -24.27
N LYS B 146 -21.79 7.37 -23.79
CA LYS B 146 -23.19 7.43 -24.20
C LYS B 146 -23.31 7.76 -25.69
N LEU B 147 -22.51 8.73 -26.16
CA LEU B 147 -22.52 9.07 -27.58
C LEU B 147 -22.10 7.88 -28.44
N LYS B 148 -21.15 7.09 -27.94
CA LYS B 148 -20.67 5.91 -28.67
C LYS B 148 -21.68 4.78 -28.69
N GLY B 149 -22.79 4.90 -27.96
CA GLY B 149 -23.76 3.83 -27.88
C GLY B 149 -23.32 2.69 -26.99
N GLU B 150 -22.47 2.98 -25.99
CA GLU B 150 -22.04 1.99 -25.00
C GLU B 150 -22.29 2.58 -23.60
N PRO B 151 -23.56 2.77 -23.23
CA PRO B 151 -23.85 3.48 -21.97
C PRO B 151 -23.47 2.70 -20.71
N SER B 152 -23.19 1.41 -20.82
CA SER B 152 -22.79 0.64 -19.64
C SER B 152 -21.39 0.98 -19.18
N ARG B 153 -20.57 1.59 -20.02
CA ARG B 153 -19.19 1.93 -19.70
C ARG B 153 -19.19 3.19 -18.82
N THR B 154 -19.17 2.99 -17.51
CA THR B 154 -19.25 4.08 -16.55
C THR B 154 -18.17 4.05 -15.46
N VAL B 155 -17.54 2.91 -15.22
CA VAL B 155 -16.70 2.75 -14.03
C VAL B 155 -15.29 3.21 -14.33
N PHE B 156 -14.73 3.99 -13.40
CA PHE B 156 -13.35 4.43 -13.44
C PHE B 156 -12.51 3.55 -12.52
N ILE B 157 -11.35 3.12 -13.00
CA ILE B 157 -10.41 2.34 -12.21
C ILE B 157 -9.21 3.21 -11.91
N SER B 158 -8.94 3.39 -10.61
CA SER B 158 -7.78 4.16 -10.17
C SER B 158 -6.92 3.31 -9.26
N ARG B 159 -6.12 3.94 -8.41
CA ARG B 159 -5.20 3.22 -7.56
C ARG B 159 -5.22 3.83 -6.16
N TRP B 160 -5.00 2.98 -5.16
CA TRP B 160 -4.76 3.48 -3.81
C TRP B 160 -3.53 4.39 -3.82
N ASN B 161 -3.59 5.46 -3.03
CA ASN B 161 -2.54 6.46 -2.90
C ASN B 161 -2.38 7.30 -4.17
N ALA B 162 -3.30 7.17 -5.13
CA ALA B 162 -3.36 8.14 -6.21
C ALA B 162 -3.93 9.45 -5.70
N TYR B 163 -3.55 10.56 -6.35
CA TYR B 163 -4.12 11.86 -6.05
C TYR B 163 -4.59 12.51 -7.33
N HIS B 164 -5.87 12.88 -7.38
CA HIS B 164 -6.45 13.50 -8.56
C HIS B 164 -7.29 14.74 -8.22
N GLY B 165 -7.01 15.36 -7.07
CA GLY B 165 -7.59 16.64 -6.73
C GLY B 165 -8.45 16.59 -5.49
N SER B 166 -9.19 17.68 -5.26
CA SER B 166 -9.91 17.89 -4.02
C SER B 166 -11.37 18.25 -4.23
N THR B 167 -11.86 18.24 -5.46
CA THR B 167 -13.30 18.20 -5.66
C THR B 167 -13.83 16.83 -5.23
N VAL B 168 -15.15 16.74 -5.11
CA VAL B 168 -15.78 15.46 -4.77
C VAL B 168 -15.33 14.38 -5.75
N ALA B 169 -15.34 14.71 -7.04
CA ALA B 169 -14.88 13.76 -8.05
C ALA B 169 -13.38 13.51 -7.95
N GLY B 170 -12.60 14.57 -7.72
CA GLY B 170 -11.16 14.40 -7.59
C GLY B 170 -10.77 13.54 -6.40
N VAL B 171 -11.44 13.75 -5.27
CA VAL B 171 -11.20 12.89 -4.11
C VAL B 171 -11.58 11.45 -4.42
N SER B 172 -12.72 11.26 -5.09
CA SER B 172 -13.18 9.90 -5.40
C SER B 172 -12.21 9.19 -6.34
N LEU B 173 -11.67 9.90 -7.33
CA LEU B 173 -10.72 9.28 -8.25
C LEU B 173 -9.38 9.02 -7.57
N GLY B 174 -8.94 9.94 -6.72
CA GLY B 174 -7.76 9.68 -5.90
C GLY B 174 -7.95 8.50 -4.98
N GLY B 175 -6.84 8.05 -4.40
CA GLY B 175 -6.87 6.88 -3.56
C GLY B 175 -6.39 7.13 -2.14
N MET B 176 -6.67 8.32 -1.62
CA MET B 176 -6.28 8.68 -0.26
C MET B 176 -7.44 8.36 0.67
N LYS B 177 -7.33 7.25 1.41
CA LYS B 177 -8.46 6.78 2.21
C LYS B 177 -8.86 7.79 3.27
N HIS B 178 -7.89 8.45 3.91
CA HIS B 178 -8.25 9.45 4.91
C HIS B 178 -8.98 10.62 4.28
N MET B 179 -8.61 10.99 3.05
CA MET B 179 -9.32 12.05 2.33
C MET B 179 -10.72 11.60 1.94
N HIS B 180 -10.85 10.35 1.49
CA HIS B 180 -12.16 9.76 1.19
C HIS B 180 -13.15 9.96 2.33
N LYS B 181 -12.70 9.80 3.57
CA LYS B 181 -13.63 9.82 4.69
C LYS B 181 -14.42 11.12 4.74
N GLN B 182 -13.76 12.24 4.44
CA GLN B 182 -14.36 13.56 4.60
C GLN B 182 -15.18 13.86 3.35
N GLY B 183 -16.50 13.86 3.52
CA GLY B 183 -17.44 13.85 2.42
C GLY B 183 -18.10 12.52 2.17
N ASP B 184 -17.67 11.46 2.88
CA ASP B 184 -18.22 10.11 2.72
C ASP B 184 -18.10 9.64 1.28
N LEU B 185 -16.88 9.64 0.81
CA LEU B 185 -16.48 9.31 -0.55
C LEU B 185 -15.71 8.00 -0.56
N PRO B 186 -15.48 7.39 -1.74
CA PRO B 186 -15.74 7.81 -3.12
C PRO B 186 -17.20 7.72 -3.54
N ILE B 187 -17.58 8.53 -4.53
CA ILE B 187 -18.87 8.39 -5.19
C ILE B 187 -18.87 7.10 -5.98
N ALA B 188 -20.05 6.68 -6.44
CA ALA B 188 -20.18 5.38 -7.09
C ALA B 188 -19.47 5.37 -8.44
N GLY B 189 -19.10 4.17 -8.87
CA GLY B 189 -18.48 3.98 -10.16
C GLY B 189 -17.00 4.26 -10.22
N VAL B 190 -16.30 4.16 -9.09
CA VAL B 190 -14.85 4.31 -9.04
C VAL B 190 -14.26 3.17 -8.22
N GLU B 191 -13.30 2.45 -8.81
CA GLU B 191 -12.61 1.35 -8.15
C GLU B 191 -11.13 1.69 -8.02
N HIS B 192 -10.49 1.12 -7.01
CA HIS B 192 -9.07 1.39 -6.73
C HIS B 192 -8.32 0.08 -6.53
N VAL B 193 -7.13 -0.02 -7.15
CA VAL B 193 -6.27 -1.19 -7.01
C VAL B 193 -4.89 -0.73 -6.54
N MET B 194 -4.03 -1.71 -6.27
CA MET B 194 -2.70 -1.43 -5.73
C MET B 194 -1.92 -0.46 -6.62
N GLN B 195 -1.15 0.42 -5.97
CA GLN B 195 -0.17 1.29 -6.58
C GLN B 195 1.14 0.56 -6.83
N PRO B 196 1.87 0.92 -7.89
CA PRO B 196 3.17 0.28 -8.19
C PRO B 196 4.33 0.89 -7.41
N TYR B 197 4.27 0.75 -6.08
CA TYR B 197 5.26 1.31 -5.16
C TYR B 197 6.19 0.18 -4.71
N GLN B 198 7.32 0.04 -5.42
CA GLN B 198 8.22 -1.08 -5.16
C GLN B 198 8.81 -1.04 -3.76
N PHE B 199 9.33 0.13 -3.35
CA PHE B 199 10.04 0.19 -2.07
C PHE B 199 9.14 -0.18 -0.91
N GLY B 200 7.90 0.33 -0.90
CA GLY B 200 7.01 0.07 0.20
C GLY B 200 6.33 -1.29 0.14
N ASP B 201 5.88 -1.68 -1.06
CA ASP B 201 4.99 -2.81 -1.21
C ASP B 201 5.60 -3.98 -1.97
N GLY B 202 6.77 -3.82 -2.58
CA GLY B 202 7.40 -4.90 -3.32
C GLY B 202 8.88 -5.03 -3.01
N PHE B 203 9.27 -4.66 -1.79
CA PHE B 203 10.67 -4.66 -1.41
C PHE B 203 11.23 -6.08 -1.47
N GLY B 204 12.27 -6.27 -2.25
CA GLY B 204 12.86 -7.58 -2.46
C GLY B 204 12.18 -8.42 -3.51
N GLU B 205 11.12 -7.92 -4.15
CA GLU B 205 10.53 -8.60 -5.28
C GLU B 205 11.31 -8.25 -6.55
N ASP B 206 11.37 -9.21 -7.47
CA ASP B 206 11.89 -8.91 -8.79
C ASP B 206 11.09 -7.75 -9.40
N PRO B 207 11.75 -6.70 -9.87
CA PRO B 207 10.99 -5.56 -10.42
C PRO B 207 10.00 -5.94 -11.52
N ALA B 208 10.43 -6.77 -12.48
CA ALA B 208 9.54 -7.20 -13.54
C ALA B 208 8.35 -7.97 -12.97
N ALA B 209 8.59 -8.82 -11.98
CA ALA B 209 7.49 -9.57 -11.38
C ALA B 209 6.56 -8.66 -10.59
N PHE B 210 7.11 -7.69 -9.87
CA PHE B 210 6.29 -6.74 -9.14
C PHE B 210 5.43 -5.91 -10.09
N ARG B 211 6.04 -5.41 -11.17
CA ARG B 211 5.30 -4.69 -12.20
C ARG B 211 4.12 -5.50 -12.73
N ASP B 212 4.37 -6.76 -13.10
CA ASP B 212 3.30 -7.60 -13.61
C ASP B 212 2.18 -7.77 -12.58
N ARG B 213 2.55 -7.92 -11.31
CA ARG B 213 1.54 -8.00 -10.25
C ARG B 213 0.63 -6.78 -10.25
N ALA B 214 1.21 -5.57 -10.34
CA ALA B 214 0.41 -4.36 -10.25
C ALA B 214 -0.46 -4.16 -11.48
N VAL B 215 0.02 -4.57 -12.65
CA VAL B 215 -0.81 -4.51 -13.86
C VAL B 215 -1.93 -5.54 -13.79
N GLN B 216 -1.62 -6.76 -13.34
CA GLN B 216 -2.64 -7.78 -13.21
C GLN B 216 -3.75 -7.35 -12.26
N ALA B 217 -3.40 -6.57 -11.23
CA ALA B 217 -4.41 -6.04 -10.32
C ALA B 217 -5.46 -5.23 -11.06
N ILE B 218 -5.03 -4.45 -12.07
CA ILE B 218 -6.00 -3.68 -12.85
C ILE B 218 -6.90 -4.60 -13.65
N GLU B 219 -6.30 -5.61 -14.31
CA GLU B 219 -7.10 -6.54 -15.10
C GLU B 219 -8.09 -7.31 -14.24
N ASP B 220 -7.65 -7.70 -13.04
CA ASP B 220 -8.55 -8.41 -12.13
C ASP B 220 -9.76 -7.54 -11.78
N LYS B 221 -9.53 -6.24 -11.58
CA LYS B 221 -10.65 -5.34 -11.29
C LYS B 221 -11.55 -5.16 -12.52
N ILE B 222 -10.96 -5.05 -13.71
CA ILE B 222 -11.76 -4.98 -14.93
C ILE B 222 -12.68 -6.18 -15.03
N LEU B 223 -12.13 -7.38 -14.81
CA LEU B 223 -12.92 -8.59 -14.91
C LEU B 223 -13.97 -8.67 -13.80
N GLU B 224 -13.62 -8.21 -12.60
CA GLU B 224 -14.59 -8.18 -11.51
C GLU B 224 -15.73 -7.22 -11.82
N VAL B 225 -15.40 -6.02 -12.31
CA VAL B 225 -16.41 -5.03 -12.64
C VAL B 225 -17.23 -5.48 -13.85
N GLY B 226 -16.60 -6.21 -14.76
CA GLY B 226 -17.19 -6.49 -16.05
C GLY B 226 -16.65 -5.52 -17.08
N PRO B 227 -15.86 -6.03 -18.03
CA PRO B 227 -15.20 -5.13 -18.99
C PRO B 227 -16.15 -4.20 -19.72
N GLU B 228 -17.35 -4.69 -20.08
CA GLU B 228 -18.34 -3.85 -20.72
C GLU B 228 -18.83 -2.71 -19.84
N ASN B 229 -18.51 -2.72 -18.54
CA ASN B 229 -18.92 -1.67 -17.62
C ASN B 229 -17.82 -0.66 -17.32
N VAL B 230 -16.60 -0.88 -17.80
CA VAL B 230 -15.47 -0.02 -17.46
C VAL B 230 -15.37 1.09 -18.48
N ALA B 231 -15.26 2.33 -17.99
CA ALA B 231 -15.12 3.49 -18.88
C ALA B 231 -13.67 3.86 -19.13
N ALA B 232 -12.81 3.79 -18.12
CA ALA B 232 -11.44 4.29 -18.26
C ALA B 232 -10.59 3.81 -17.11
N PHE B 233 -9.28 3.79 -17.35
CA PHE B 233 -8.27 3.77 -16.30
C PHE B 233 -7.60 5.14 -16.25
N ILE B 234 -7.34 5.63 -15.04
CA ILE B 234 -6.71 6.93 -14.84
C ILE B 234 -5.52 6.76 -13.91
N GLY B 235 -4.43 7.48 -14.19
CA GLY B 235 -3.30 7.48 -13.30
C GLY B 235 -2.29 8.58 -13.57
N GLU B 236 -1.61 9.00 -12.51
CA GLU B 236 -0.46 9.88 -12.67
C GLU B 236 0.71 9.07 -13.23
N PRO B 237 1.41 9.57 -14.25
CA PRO B 237 2.63 8.86 -14.70
C PRO B 237 3.60 8.60 -13.55
N VAL B 238 3.89 9.63 -12.76
CA VAL B 238 4.55 9.49 -11.48
C VAL B 238 3.61 10.06 -10.42
N GLN B 239 3.32 9.26 -9.39
CA GLN B 239 2.40 9.70 -8.34
C GLN B 239 3.07 10.79 -7.51
N GLY B 240 2.46 11.96 -7.45
CA GLY B 240 3.06 13.09 -6.76
C GLY B 240 2.79 13.13 -5.28
N ALA B 241 1.56 13.52 -4.90
CA ALA B 241 1.18 13.63 -3.50
C ALA B 241 1.32 12.31 -2.76
N GLY B 242 1.31 11.18 -3.47
CA GLY B 242 1.53 9.88 -2.84
C GLY B 242 2.96 9.61 -2.42
N GLY B 243 3.90 10.48 -2.77
CA GLY B 243 5.27 10.33 -2.32
C GLY B 243 6.28 10.08 -3.41
N VAL B 244 6.07 10.69 -4.59
CA VAL B 244 6.92 10.53 -5.76
C VAL B 244 7.10 9.04 -6.02
N ILE B 245 6.01 8.36 -6.36
CA ILE B 245 6.02 6.93 -6.63
C ILE B 245 6.31 6.74 -8.11
N ILE B 246 7.52 6.30 -8.42
CA ILE B 246 7.95 6.09 -9.80
C ILE B 246 7.70 4.63 -10.15
N PRO B 247 6.91 4.33 -11.18
CA PRO B 247 6.52 2.94 -11.45
C PRO B 247 7.68 2.15 -12.02
N PRO B 248 7.65 0.81 -11.90
CA PRO B 248 8.72 0.00 -12.46
C PRO B 248 8.76 0.10 -13.98
N ASP B 249 9.93 -0.21 -14.54
CA ASP B 249 10.09 -0.18 -15.99
C ASP B 249 9.11 -1.15 -16.66
N GLY B 250 8.49 -0.69 -17.75
CA GLY B 250 7.51 -1.48 -18.46
C GLY B 250 6.09 -1.41 -17.91
N TYR B 251 5.89 -0.79 -16.74
CA TYR B 251 4.55 -0.69 -16.17
C TYR B 251 3.59 0.02 -17.10
N TRP B 252 3.94 1.23 -17.52
CA TRP B 252 3.02 2.06 -18.30
C TRP B 252 2.73 1.48 -19.69
N PRO B 253 3.72 0.95 -20.42
CA PRO B 253 3.36 0.23 -21.67
C PRO B 253 2.38 -0.91 -21.44
N ALA B 254 2.55 -1.67 -20.35
CA ALA B 254 1.64 -2.78 -20.08
C ALA B 254 0.25 -2.30 -19.71
N VAL B 255 0.16 -1.18 -18.98
CA VAL B 255 -1.14 -0.62 -18.66
C VAL B 255 -1.85 -0.16 -19.93
N GLU B 256 -1.11 0.47 -20.84
CA GLU B 256 -1.69 0.88 -22.12
C GLU B 256 -2.21 -0.32 -22.90
N ALA B 257 -1.40 -1.37 -23.01
CA ALA B 257 -1.84 -2.57 -23.71
C ALA B 257 -3.11 -3.15 -23.09
N LEU B 258 -3.20 -3.15 -21.77
CA LEU B 258 -4.42 -3.63 -21.12
C LEU B 258 -5.62 -2.75 -21.45
N CYS B 259 -5.47 -1.41 -21.43
CA CYS B 259 -6.60 -0.57 -21.81
C CYS B 259 -7.05 -0.88 -23.22
N ARG B 260 -6.09 -1.06 -24.14
CA ARG B 260 -6.42 -1.42 -25.53
C ARG B 260 -7.03 -2.80 -25.62
N LYS B 261 -6.57 -3.75 -24.78
CA LYS B 261 -7.14 -5.10 -24.79
C LYS B 261 -8.63 -5.07 -24.54
N TYR B 262 -9.08 -4.27 -23.59
CA TYR B 262 -10.49 -4.21 -23.21
C TYR B 262 -11.20 -3.01 -23.80
N GLY B 263 -10.51 -2.21 -24.62
CA GLY B 263 -11.14 -1.09 -25.29
C GLY B 263 -11.59 0.04 -24.38
N ILE B 264 -10.95 0.21 -23.23
CA ILE B 264 -11.27 1.29 -22.33
C ILE B 264 -10.29 2.44 -22.55
N LEU B 265 -10.72 3.64 -22.15
CA LEU B 265 -9.90 4.83 -22.35
C LEU B 265 -8.75 4.86 -21.35
N LEU B 266 -7.63 5.45 -21.79
CA LEU B 266 -6.47 5.66 -20.94
C LEU B 266 -6.37 7.15 -20.63
N VAL B 267 -6.35 7.50 -19.35
CA VAL B 267 -6.27 8.88 -18.89
C VAL B 267 -5.03 9.03 -18.02
N CYS B 268 -4.18 9.98 -18.37
CA CYS B 268 -3.01 10.30 -17.57
C CYS B 268 -3.21 11.66 -16.88
N ASP B 269 -3.04 11.68 -15.56
CA ASP B 269 -3.14 12.92 -14.80
C ASP B 269 -1.77 13.57 -14.82
N GLU B 270 -1.63 14.63 -15.63
CA GLU B 270 -0.35 15.29 -15.86
C GLU B 270 -0.21 16.58 -15.05
N VAL B 271 -0.99 16.74 -13.98
CA VAL B 271 -1.03 18.01 -13.27
C VAL B 271 0.32 18.35 -12.66
N ILE B 272 1.02 17.35 -12.13
CA ILE B 272 2.39 17.56 -11.64
C ILE B 272 3.41 17.21 -12.71
N CYS B 273 3.24 16.07 -13.38
CA CYS B 273 4.26 15.57 -14.30
C CYS B 273 4.35 16.37 -15.58
N GLY B 274 3.35 17.19 -15.90
CA GLY B 274 3.37 17.93 -17.14
C GLY B 274 4.35 19.09 -17.11
N PHE B 275 4.65 19.57 -18.32
CA PHE B 275 5.39 20.83 -18.52
C PHE B 275 6.80 20.79 -17.93
N GLY B 276 7.56 19.75 -18.33
CA GLY B 276 8.99 19.71 -18.10
C GLY B 276 9.43 18.94 -16.89
N ARG B 277 8.51 18.58 -15.99
CA ARG B 277 8.88 18.02 -14.69
C ARG B 277 9.72 16.76 -14.83
N LEU B 278 9.35 15.87 -15.75
CA LEU B 278 10.07 14.61 -15.94
C LEU B 278 11.01 14.63 -17.13
N GLY B 279 11.32 15.82 -17.66
CA GLY B 279 12.15 15.92 -18.84
C GLY B 279 11.40 15.81 -20.15
N GLN B 280 10.06 15.88 -20.11
CA GLN B 280 9.22 15.85 -21.29
C GLN B 280 8.12 16.87 -21.08
N TRP B 281 7.47 17.28 -22.17
CA TRP B 281 6.33 18.18 -22.03
C TRP B 281 5.20 17.53 -21.23
N PHE B 282 5.09 16.22 -21.28
CA PHE B 282 4.12 15.49 -20.47
C PHE B 282 4.69 14.16 -20.04
N GLY B 283 4.35 13.75 -18.81
CA GLY B 283 4.86 12.51 -18.25
C GLY B 283 4.67 11.31 -19.16
N HIS B 284 3.49 11.20 -19.79
CA HIS B 284 3.22 10.04 -20.62
C HIS B 284 4.15 9.94 -21.82
N GLN B 285 4.72 11.07 -22.26
CA GLN B 285 5.67 11.03 -23.36
C GLN B 285 7.00 10.39 -22.97
N HIS B 286 7.40 10.52 -21.70
CA HIS B 286 8.58 9.80 -21.24
C HIS B 286 8.39 8.29 -21.37
N TYR B 287 7.16 7.83 -21.15
CA TYR B 287 6.85 6.41 -21.17
C TYR B 287 6.35 5.92 -22.52
N GLY B 288 6.24 6.82 -23.51
CA GLY B 288 5.86 6.43 -24.85
C GLY B 288 4.44 5.93 -25.00
N ILE B 289 3.54 6.29 -24.09
CA ILE B 289 2.15 5.84 -24.16
C ILE B 289 1.29 6.97 -24.72
N LYS B 290 0.09 6.62 -25.17
CA LYS B 290 -0.80 7.54 -25.87
C LYS B 290 -2.17 7.54 -25.19
N PRO B 291 -2.33 8.30 -24.11
CA PRO B 291 -3.63 8.35 -23.44
C PRO B 291 -4.68 9.03 -24.30
N ASP B 292 -5.95 8.72 -24.00
CA ASP B 292 -7.05 9.36 -24.70
C ASP B 292 -7.38 10.73 -24.10
N LEU B 293 -7.11 10.94 -22.82
CA LEU B 293 -7.31 12.22 -22.17
C LEU B 293 -6.19 12.44 -21.17
N ILE B 294 -5.84 13.72 -20.96
CA ILE B 294 -4.91 14.09 -19.90
C ILE B 294 -5.45 15.31 -19.17
N ALA B 295 -5.17 15.38 -17.87
CA ALA B 295 -5.46 16.55 -17.05
C ALA B 295 -4.16 17.31 -16.80
N MET B 296 -4.22 18.64 -16.90
CA MET B 296 -3.04 19.46 -16.70
C MET B 296 -3.41 20.74 -15.97
N ALA B 297 -2.45 21.26 -15.22
CA ALA B 297 -2.59 22.50 -14.45
C ALA B 297 -1.22 22.87 -13.91
N LYS B 298 -1.17 23.52 -12.74
CA LYS B 298 0.06 23.82 -12.04
C LYS B 298 1.12 24.43 -12.97
N GLY B 299 2.02 23.60 -13.49
CA GLY B 299 3.08 24.06 -14.37
C GLY B 299 2.59 24.69 -15.66
N LEU B 300 1.33 24.46 -16.04
CA LEU B 300 0.75 25.09 -17.22
C LEU B 300 1.02 26.59 -17.25
N SER B 301 0.86 27.27 -16.12
CA SER B 301 1.12 28.71 -16.03
C SER B 301 2.19 29.01 -14.99
N SER B 302 2.96 27.99 -14.59
CA SER B 302 3.90 28.09 -13.46
C SER B 302 3.23 28.66 -12.22
N GLY B 303 1.93 28.40 -12.07
CA GLY B 303 1.18 28.93 -10.94
C GLY B 303 0.98 30.42 -10.95
N TYR B 304 1.40 31.11 -12.02
CA TYR B 304 1.33 32.57 -12.04
C TYR B 304 -0.11 33.05 -12.09
N LEU B 305 -0.99 32.33 -12.78
CA LEU B 305 -2.43 32.55 -12.70
C LEU B 305 -3.16 31.22 -12.71
N PRO B 306 -4.36 31.15 -12.13
CA PRO B 306 -5.13 29.90 -12.13
C PRO B 306 -5.64 29.56 -13.52
N ILE B 307 -5.24 28.39 -14.01
CA ILE B 307 -5.77 27.85 -15.26
C ILE B 307 -5.40 26.37 -15.31
N SER B 308 -6.29 25.57 -15.89
CA SER B 308 -6.06 24.15 -16.09
C SER B 308 -6.66 23.76 -17.43
N ALA B 309 -6.38 22.53 -17.87
CA ALA B 309 -6.90 22.08 -19.13
C ALA B 309 -6.99 20.56 -19.14
N VAL B 310 -7.91 20.05 -19.96
CA VAL B 310 -7.98 18.63 -20.30
C VAL B 310 -7.63 18.48 -21.76
N GLY B 311 -6.59 17.69 -22.05
CA GLY B 311 -6.30 17.32 -23.43
C GLY B 311 -7.21 16.19 -23.87
N VAL B 312 -7.83 16.34 -25.03
CA VAL B 312 -8.87 15.45 -25.51
C VAL B 312 -8.46 14.89 -26.86
N ALA B 313 -8.57 13.57 -27.00
CA ALA B 313 -8.20 12.90 -28.24
C ALA B 313 -9.18 13.27 -29.36
N ASP B 314 -8.66 13.25 -30.59
CA ASP B 314 -9.48 13.60 -31.75
C ASP B 314 -10.72 12.71 -31.86
N HIS B 315 -10.61 11.43 -31.51
CA HIS B 315 -11.75 10.54 -31.70
C HIS B 315 -12.88 10.82 -30.72
N ILE B 316 -12.58 11.40 -29.55
CA ILE B 316 -13.64 11.86 -28.66
C ILE B 316 -14.30 13.11 -29.21
N VAL B 317 -13.48 14.05 -29.69
CA VAL B 317 -14.02 15.26 -30.32
C VAL B 317 -14.91 14.89 -31.51
N ALA B 318 -14.53 13.83 -32.23
CA ALA B 318 -15.33 13.41 -33.39
C ALA B 318 -16.75 13.05 -32.98
N GLU B 319 -16.91 12.41 -31.81
CA GLU B 319 -18.26 12.09 -31.33
C GLU B 319 -19.04 13.37 -31.02
N LEU B 320 -18.42 14.31 -30.29
CA LEU B 320 -19.08 15.57 -30.00
C LEU B 320 -19.47 16.32 -31.27
N ARG B 321 -18.59 16.32 -32.27
CA ARG B 321 -18.81 17.11 -33.48
C ARG B 321 -19.82 16.47 -34.42
N GLU B 322 -19.87 15.14 -34.47
CA GLU B 322 -20.74 14.44 -35.42
C GLU B 322 -22.10 14.12 -34.83
N LYS B 323 -22.19 13.73 -33.55
CA LYS B 323 -23.50 13.52 -32.94
C LYS B 323 -24.13 14.83 -32.49
N GLY B 324 -23.31 15.84 -32.18
CA GLY B 324 -23.85 17.08 -31.68
C GLY B 324 -24.52 16.92 -30.31
N GLY B 325 -25.43 17.85 -30.04
CA GLY B 325 -26.01 17.96 -28.72
C GLY B 325 -25.09 18.69 -27.76
N ASP B 326 -25.65 19.45 -26.83
CA ASP B 326 -24.85 20.15 -25.84
C ASP B 326 -24.03 19.17 -25.02
N PHE B 327 -22.76 19.49 -24.81
CA PHE B 327 -22.00 18.91 -23.71
C PHE B 327 -22.14 19.90 -22.56
N ILE B 328 -23.08 19.64 -21.66
CA ILE B 328 -23.52 20.63 -20.69
C ILE B 328 -22.50 20.65 -19.55
N HIS B 329 -21.34 21.22 -19.82
CA HIS B 329 -20.24 21.21 -18.87
C HIS B 329 -19.33 22.40 -19.17
N GLY B 330 -18.94 23.11 -18.12
CA GLY B 330 -18.02 24.22 -18.26
C GLY B 330 -18.18 25.21 -17.13
N PHE B 331 -17.17 26.06 -17.00
CA PHE B 331 -17.05 26.98 -15.87
C PHE B 331 -16.94 28.41 -16.37
N THR B 332 -17.42 29.35 -15.56
CA THR B 332 -17.29 30.78 -15.85
C THR B 332 -15.90 31.13 -16.38
N TYR B 333 -14.86 30.65 -15.72
CA TYR B 333 -13.48 30.99 -16.05
C TYR B 333 -12.84 29.99 -17.00
N SER B 334 -13.63 29.11 -17.62
CA SER B 334 -13.13 28.29 -18.72
C SER B 334 -12.66 29.21 -19.84
N GLY B 335 -11.37 29.14 -20.18
CA GLY B 335 -10.83 29.96 -21.24
C GLY B 335 -10.55 31.39 -20.84
N HIS B 336 -10.36 31.67 -19.56
CA HIS B 336 -10.15 33.03 -19.07
C HIS B 336 -9.01 33.68 -19.85
N PRO B 337 -9.25 34.81 -20.53
CA PRO B 337 -8.25 35.32 -21.47
C PRO B 337 -6.95 35.76 -20.81
N THR B 338 -7.01 36.34 -19.61
CA THR B 338 -5.79 36.76 -18.94
C THR B 338 -4.98 35.57 -18.47
N ALA B 339 -5.63 34.60 -17.84
CA ALA B 339 -4.94 33.38 -17.42
C ALA B 339 -4.39 32.62 -18.63
N ALA B 340 -5.16 32.56 -19.71
CA ALA B 340 -4.68 31.90 -20.92
C ALA B 340 -3.46 32.61 -21.51
N ALA B 341 -3.49 33.95 -21.51
CA ALA B 341 -2.36 34.72 -22.04
C ALA B 341 -1.10 34.48 -21.22
N VAL B 342 -1.25 34.38 -19.89
CA VAL B 342 -0.09 34.14 -19.04
C VAL B 342 0.45 32.74 -19.24
N ALA B 343 -0.43 31.75 -19.36
CA ALA B 343 0.01 30.38 -19.59
C ALA B 343 0.74 30.27 -20.93
N LEU B 344 0.25 30.97 -21.95
CA LEU B 344 0.91 30.95 -23.25
C LEU B 344 2.32 31.51 -23.17
N LYS B 345 2.48 32.66 -22.50
CA LYS B 345 3.80 33.25 -22.35
C LYS B 345 4.71 32.36 -21.50
N ASN B 346 4.14 31.68 -20.51
CA ASN B 346 4.91 30.75 -19.69
C ASN B 346 5.49 29.63 -20.55
N ILE B 347 4.67 29.08 -21.45
CA ILE B 347 5.17 28.05 -22.37
C ILE B 347 6.24 28.63 -23.29
N GLU B 348 6.04 29.87 -23.76
CA GLU B 348 7.02 30.51 -24.61
C GLU B 348 8.35 30.71 -23.87
N ILE B 349 8.28 31.05 -22.58
CA ILE B 349 9.50 31.15 -21.77
C ILE B 349 10.19 29.80 -21.69
N MET B 350 9.41 28.74 -21.42
CA MET B 350 9.98 27.39 -21.36
C MET B 350 10.65 27.00 -22.67
N GLU B 351 10.00 27.29 -23.80
CA GLU B 351 10.60 27.00 -25.11
C GLU B 351 11.91 27.76 -25.29
N ARG B 352 11.88 29.08 -25.09
CA ARG B 352 13.04 29.93 -25.31
C ARG B 352 14.25 29.46 -24.51
N GLU B 353 14.03 29.10 -23.24
CA GLU B 353 15.12 28.71 -22.35
C GLU B 353 15.39 27.22 -22.37
N GLY B 354 14.66 26.45 -23.18
CA GLY B 354 14.90 25.02 -23.29
C GLY B 354 14.74 24.26 -22.00
N LEU B 355 13.79 24.67 -21.14
CA LEU B 355 13.72 24.13 -19.79
C LEU B 355 13.32 22.67 -19.77
N VAL B 356 12.55 22.21 -20.75
CA VAL B 356 12.16 20.80 -20.81
C VAL B 356 13.40 19.94 -21.07
N GLU B 357 14.17 20.26 -22.11
CA GLU B 357 15.37 19.49 -22.42
C GLU B 357 16.44 19.65 -21.34
N ARG B 358 16.56 20.86 -20.76
CA ARG B 358 17.50 21.05 -19.66
C ARG B 358 17.21 20.08 -18.52
N THR B 359 15.93 19.88 -18.20
CA THR B 359 15.56 18.93 -17.16
C THR B 359 15.94 17.51 -17.56
N ARG B 360 15.65 17.13 -18.80
CA ARG B 360 15.97 15.78 -19.25
C ARG B 360 17.48 15.56 -19.30
N ASP B 361 18.22 16.54 -19.81
CA ASP B 361 19.61 16.30 -20.16
C ASP B 361 20.60 16.82 -19.13
N GLU B 362 20.26 17.81 -18.30
CA GLU B 362 21.26 18.27 -17.35
C GLU B 362 20.78 18.20 -15.92
N THR B 363 19.82 19.02 -15.52
CA THR B 363 19.51 19.14 -14.10
C THR B 363 18.92 17.86 -13.53
N GLY B 364 18.17 17.12 -14.34
CA GLY B 364 17.64 15.85 -13.92
C GLY B 364 18.72 14.84 -13.56
N PRO B 365 19.61 14.53 -14.51
CA PRO B 365 20.75 13.67 -14.16
C PRO B 365 21.58 14.20 -13.01
N TYR B 366 21.81 15.52 -12.94
CA TYR B 366 22.57 16.07 -11.82
C TYR B 366 21.85 15.85 -10.51
N LEU B 367 20.53 16.05 -10.49
CA LEU B 367 19.77 15.80 -9.27
C LEU B 367 19.87 14.33 -8.86
N ALA B 368 19.78 13.42 -9.84
CA ALA B 368 19.92 11.99 -9.55
C ALA B 368 21.26 11.68 -8.88
N GLN B 369 22.37 12.17 -9.45
CA GLN B 369 23.68 11.92 -8.85
C GLN B 369 23.80 12.60 -7.49
N ALA B 370 23.26 13.82 -7.35
CA ALA B 370 23.35 14.53 -6.08
C ALA B 370 22.56 13.81 -4.99
N LEU B 371 21.35 13.36 -5.30
CA LEU B 371 20.56 12.60 -4.33
C LEU B 371 21.24 11.28 -3.99
N ALA B 372 21.94 10.68 -4.96
CA ALA B 372 22.61 9.41 -4.73
C ALA B 372 23.69 9.52 -3.67
N SER B 373 24.26 10.72 -3.48
CA SER B 373 25.26 10.91 -2.43
C SER B 373 24.67 10.72 -1.04
N LEU B 374 23.34 10.75 -0.92
CA LEU B 374 22.68 10.49 0.35
C LEU B 374 22.51 9.00 0.65
N ASN B 375 22.81 8.12 -0.32
CA ASN B 375 22.56 6.69 -0.13
C ASN B 375 23.32 6.12 1.06
N ASP B 376 24.49 6.67 1.37
CA ASP B 376 25.31 6.15 2.46
C ASP B 376 24.90 6.68 3.83
N HIS B 377 23.92 7.57 3.90
CA HIS B 377 23.51 8.09 5.20
C HIS B 377 22.83 6.98 6.01
N PRO B 378 23.10 6.91 7.32
CA PRO B 378 22.50 5.83 8.13
C PRO B 378 20.97 5.84 8.15
N LEU B 379 20.33 6.95 7.80
CA LEU B 379 18.88 7.03 7.81
C LEU B 379 18.24 6.74 6.46
N VAL B 380 19.02 6.66 5.38
CA VAL B 380 18.48 6.63 4.03
C VAL B 380 18.33 5.20 3.56
N GLY B 381 17.11 4.81 3.21
CA GLY B 381 16.83 3.48 2.71
C GLY B 381 16.86 3.39 1.19
N GLU B 382 16.57 4.52 0.54
CA GLU B 382 16.48 4.59 -0.91
C GLU B 382 16.37 6.05 -1.33
N VAL B 383 17.00 6.39 -2.45
CA VAL B 383 16.73 7.63 -3.16
C VAL B 383 16.30 7.28 -4.58
N ARG B 384 15.37 8.06 -5.12
CA ARG B 384 14.89 7.85 -6.47
C ARG B 384 14.51 9.20 -7.05
N SER B 385 14.62 9.33 -8.37
CA SER B 385 14.27 10.58 -9.02
C SER B 385 14.10 10.35 -10.52
N LEU B 386 13.37 11.28 -11.14
CA LEU B 386 13.22 11.31 -12.59
C LEU B 386 12.99 12.76 -12.98
N GLY B 387 13.83 13.29 -13.88
CA GLY B 387 13.83 14.72 -14.10
C GLY B 387 14.10 15.44 -12.79
N LEU B 388 13.32 16.50 -12.53
CA LEU B 388 13.43 17.27 -11.30
C LEU B 388 12.32 16.95 -10.31
N ILE B 389 11.99 15.67 -10.15
CA ILE B 389 11.16 15.18 -9.07
C ILE B 389 11.90 14.04 -8.39
N GLY B 390 11.86 14.00 -7.06
CA GLY B 390 12.65 13.02 -6.34
C GLY B 390 12.11 12.74 -4.96
N ALA B 391 12.66 11.70 -4.35
CA ALA B 391 12.20 11.23 -3.04
C ALA B 391 13.34 10.57 -2.30
N VAL B 392 13.38 10.78 -0.98
CA VAL B 392 14.33 10.13 -0.09
C VAL B 392 13.55 9.37 0.96
N GLU B 393 13.80 8.06 1.08
CA GLU B 393 13.10 7.21 2.04
C GLU B 393 13.88 7.19 3.35
N ILE B 394 13.17 7.40 4.46
CA ILE B 394 13.76 7.32 5.79
C ILE B 394 13.39 5.97 6.41
N VAL B 395 14.41 5.23 6.85
CA VAL B 395 14.22 3.91 7.45
C VAL B 395 15.01 3.85 8.75
N ARG B 396 14.56 2.97 9.65
CA ARG B 396 15.28 2.71 10.89
C ARG B 396 16.32 1.60 10.76
N GLU B 397 16.37 0.91 9.62
CA GLU B 397 17.31 -0.19 9.45
C GLU B 397 17.75 -0.23 8.00
N LYS B 398 19.04 -0.02 7.77
CA LYS B 398 19.61 -0.03 6.42
C LYS B 398 19.32 -1.34 5.71
N GLY B 399 19.07 -1.26 4.41
CA GLY B 399 18.80 -2.42 3.60
C GLY B 399 17.42 -3.00 3.77
N THR B 400 16.52 -2.31 4.44
CA THR B 400 15.14 -2.72 4.63
C THR B 400 14.24 -1.54 4.32
N ASN B 401 12.92 -1.77 4.39
CA ASN B 401 11.95 -0.69 4.37
C ASN B 401 11.29 -0.48 5.73
N HIS B 402 11.95 -0.93 6.80
CA HIS B 402 11.40 -0.77 8.14
C HIS B 402 11.42 0.70 8.54
N ARG B 403 10.33 1.15 9.15
CA ARG B 403 10.15 2.56 9.49
C ARG B 403 10.23 2.73 11.00
N PHE B 404 10.61 3.94 11.42
CA PHE B 404 10.71 4.23 12.85
C PHE B 404 9.37 4.01 13.54
N LEU B 405 9.42 3.38 14.71
CA LEU B 405 8.26 2.99 15.52
C LEU B 405 7.32 2.04 14.78
N ASP B 406 7.75 1.46 13.66
CA ASP B 406 6.89 0.68 12.78
C ASP B 406 5.56 1.40 12.53
N LYS B 407 5.64 2.71 12.33
CA LYS B 407 4.44 3.53 12.18
C LYS B 407 4.81 4.68 11.25
N GLU B 408 4.66 4.43 9.95
CA GLU B 408 5.01 5.38 8.90
C GLU B 408 4.42 6.75 9.17
N GLY B 409 5.27 7.77 9.05
CA GLY B 409 4.83 9.16 9.17
C GLY B 409 5.25 9.87 10.44
N GLU B 410 6.02 9.22 11.34
CA GLU B 410 6.60 9.87 12.51
C GLU B 410 7.96 10.49 12.19
N ALA B 411 8.81 9.75 11.45
CA ALA B 411 10.16 10.23 11.16
C ALA B 411 10.14 11.36 10.13
N GLY B 412 9.29 11.25 9.11
CA GLY B 412 9.17 12.23 8.05
C GLY B 412 9.07 13.66 8.52
N PRO B 413 8.00 13.99 9.25
CA PRO B 413 7.82 15.39 9.71
C PRO B 413 8.98 15.91 10.53
N ILE B 414 9.66 15.06 11.31
CA ILE B 414 10.79 15.51 12.10
C ILE B 414 11.93 15.96 11.17
N VAL B 415 12.23 15.16 10.15
CA VAL B 415 13.26 15.53 9.19
C VAL B 415 12.82 16.76 8.38
N ARG B 416 11.57 16.79 7.94
CA ARG B 416 11.04 17.92 7.19
C ARG B 416 11.24 19.23 7.94
N ASP B 417 10.84 19.27 9.22
CA ASP B 417 10.91 20.50 9.99
C ASP B 417 12.35 20.99 10.15
N LEU B 418 13.30 20.05 10.23
CA LEU B 418 14.70 20.44 10.31
C LEU B 418 15.19 21.02 8.99
N CYS B 419 14.78 20.43 7.87
CA CYS B 419 15.07 21.01 6.56
C CYS B 419 14.57 22.44 6.46
N ILE B 420 13.32 22.67 6.88
CA ILE B 420 12.73 24.00 6.76
C ILE B 420 13.47 25.00 7.64
N LYS B 421 13.85 24.56 8.85
CA LYS B 421 14.66 25.39 9.73
C LYS B 421 16.01 25.72 9.09
N ASN B 422 16.58 24.76 8.36
CA ASN B 422 17.88 24.95 7.71
C ASN B 422 17.78 25.66 6.37
N GLY B 423 16.61 26.17 6.01
CA GLY B 423 16.47 26.99 4.83
C GLY B 423 16.04 26.28 3.56
N LEU B 424 15.39 25.12 3.68
CA LEU B 424 14.95 24.36 2.51
C LEU B 424 13.51 23.91 2.71
N MET B 425 12.64 24.28 1.78
CA MET B 425 11.27 23.78 1.76
C MET B 425 11.25 22.47 1.00
N VAL B 426 11.07 21.37 1.72
CA VAL B 426 10.74 20.07 1.15
C VAL B 426 9.62 19.50 2.00
N ARG B 427 8.88 18.56 1.43
CA ARG B 427 7.73 17.99 2.10
C ARG B 427 8.03 16.57 2.54
N ALA B 428 7.36 16.14 3.61
CA ALA B 428 7.39 14.77 4.07
C ALA B 428 6.06 14.12 3.73
N ILE B 429 6.10 13.11 2.87
CA ILE B 429 4.94 12.26 2.60
C ILE B 429 5.26 10.91 3.21
N ARG B 430 4.53 10.56 4.27
CA ARG B 430 4.87 9.44 5.15
C ARG B 430 6.32 9.66 5.60
N ASP B 431 7.22 8.70 5.44
CA ASP B 431 8.63 8.89 5.75
C ASP B 431 9.48 9.08 4.50
N SER B 432 8.91 9.71 3.48
CA SER B 432 9.62 10.05 2.26
C SER B 432 9.77 11.57 2.19
N ILE B 433 11.00 12.04 2.07
CA ILE B 433 11.28 13.44 1.82
C ILE B 433 11.26 13.64 0.31
N VAL B 434 10.41 14.55 -0.17
CA VAL B 434 10.21 14.73 -1.59
C VAL B 434 10.65 16.14 -1.97
N CYS B 435 11.03 16.30 -3.24
CA CYS B 435 11.43 17.59 -3.75
C CYS B 435 10.92 17.74 -5.17
N CYS B 436 10.68 18.99 -5.56
CA CYS B 436 10.11 19.31 -6.86
C CYS B 436 10.47 20.76 -7.19
N PRO B 437 11.75 21.05 -7.44
CA PRO B 437 12.19 22.45 -7.49
C PRO B 437 11.85 23.09 -8.83
N PRO B 438 11.94 24.41 -8.93
CA PRO B 438 11.76 25.08 -10.22
C PRO B 438 12.74 24.56 -11.25
N LEU B 439 12.31 24.53 -12.51
CA LEU B 439 13.15 24.03 -13.59
C LEU B 439 14.38 24.91 -13.82
N ILE B 440 14.38 26.15 -13.31
CA ILE B 440 15.51 27.04 -13.47
C ILE B 440 16.58 26.84 -12.41
N ILE B 441 16.38 25.89 -11.49
CA ILE B 441 17.38 25.65 -10.44
C ILE B 441 18.72 25.31 -11.07
N THR B 442 19.79 25.88 -10.51
CA THR B 442 21.13 25.64 -10.99
C THR B 442 21.74 24.41 -10.30
N LYS B 443 22.82 23.89 -10.90
CA LYS B 443 23.52 22.77 -10.30
C LYS B 443 24.03 23.11 -8.90
N ALA B 444 24.53 24.33 -8.72
CA ALA B 444 24.97 24.76 -7.39
C ALA B 444 23.83 24.71 -6.38
N GLN B 445 22.62 25.13 -6.81
CA GLN B 445 21.47 25.12 -5.92
C GLN B 445 20.98 23.71 -5.64
N ILE B 446 21.14 22.79 -6.59
CA ILE B 446 20.84 21.39 -6.33
C ILE B 446 21.76 20.84 -5.25
N ASP B 447 23.04 21.21 -5.29
CA ASP B 447 23.97 20.78 -4.25
C ASP B 447 23.61 21.40 -2.91
N GLU B 448 23.15 22.66 -2.90
CA GLU B 448 22.68 23.26 -1.67
C GLU B 448 21.47 22.52 -1.12
N LEU B 449 20.51 22.20 -1.98
CA LEU B 449 19.33 21.46 -1.56
C LEU B 449 19.71 20.13 -0.92
N VAL B 450 20.55 19.35 -1.59
CA VAL B 450 20.96 18.04 -1.07
C VAL B 450 21.75 18.21 0.22
N GLY B 451 22.64 19.20 0.26
CA GLY B 451 23.42 19.44 1.47
C GLY B 451 22.56 19.75 2.68
N ILE B 452 21.50 20.53 2.49
CA ILE B 452 20.62 20.86 3.60
C ILE B 452 19.88 19.60 4.09
N ILE B 453 19.46 18.74 3.16
CA ILE B 453 18.82 17.48 3.54
C ILE B 453 19.77 16.64 4.38
N ARG B 454 21.02 16.50 3.94
CA ARG B 454 21.99 15.70 4.69
C ARG B 454 22.22 16.28 6.07
N LYS B 455 22.46 17.59 6.14
CA LYS B 455 22.60 18.28 7.42
C LYS B 455 21.38 18.02 8.31
N SER B 456 20.18 18.06 7.73
CA SER B 456 18.97 17.82 8.51
C SER B 456 18.86 16.36 8.92
N LEU B 457 19.27 15.43 8.04
CA LEU B 457 19.32 14.02 8.41
C LEU B 457 20.28 13.79 9.57
N ASP B 458 21.46 14.42 9.52
CA ASP B 458 22.41 14.29 10.63
C ASP B 458 21.80 14.77 11.94
N GLU B 459 21.13 15.92 11.92
CA GLU B 459 20.49 16.43 13.14
C GLU B 459 19.32 15.56 13.56
N ALA B 460 18.61 14.97 12.58
CA ALA B 460 17.45 14.13 12.90
C ALA B 460 17.85 12.79 13.50
N GLU B 461 19.06 12.31 13.22
CA GLU B 461 19.43 10.96 13.63
C GLU B 461 19.30 10.74 15.14
N PRO B 462 19.85 11.59 16.02
CA PRO B 462 19.67 11.31 17.46
C PRO B 462 18.24 11.36 17.94
N VAL B 463 17.42 12.29 17.45
CA VAL B 463 16.03 12.36 17.91
C VAL B 463 15.25 11.15 17.42
N LEU B 464 15.49 10.70 16.19
CA LEU B 464 14.79 9.52 15.68
C LEU B 464 15.22 8.26 16.42
N ARG B 465 16.52 8.11 16.70
CA ARG B 465 16.98 6.97 17.47
C ARG B 465 16.36 6.94 18.86
N ALA B 466 16.01 8.10 19.41
CA ALA B 466 15.48 8.18 20.76
C ALA B 466 13.99 7.90 20.85
N LEU B 467 13.29 7.74 19.72
CA LEU B 467 11.84 7.51 19.78
C LEU B 467 11.54 6.14 20.37
N HIS C 14 -40.79 -30.26 28.27
CA HIS C 14 -40.34 -28.87 28.26
C HIS C 14 -41.46 -27.93 27.83
N ASP C 15 -41.69 -26.88 28.62
CA ASP C 15 -42.54 -25.78 28.18
C ASP C 15 -41.69 -24.87 27.30
N ILE C 16 -41.76 -25.08 25.98
CA ILE C 16 -40.89 -24.37 25.06
C ILE C 16 -41.17 -22.87 25.10
N ALA C 17 -42.45 -22.50 25.12
CA ALA C 17 -42.81 -21.08 25.18
C ALA C 17 -42.24 -20.41 26.41
N GLU C 18 -42.30 -21.07 27.56
CA GLU C 18 -41.75 -20.49 28.79
C GLU C 18 -40.24 -20.41 28.74
N LEU C 19 -39.58 -21.44 28.20
CA LEU C 19 -38.13 -21.41 28.06
C LEU C 19 -37.67 -20.24 27.18
N LYS C 20 -38.39 -19.96 26.11
CA LYS C 20 -38.06 -18.82 25.26
C LYS C 20 -38.26 -17.50 26.00
N ARG C 21 -39.33 -17.40 26.79
CA ARG C 21 -39.53 -16.20 27.60
C ARG C 21 -38.40 -16.03 28.61
N LEU C 22 -38.07 -17.10 29.32
CA LEU C 22 -36.97 -17.03 30.28
C LEU C 22 -35.63 -16.78 29.60
N ASP C 23 -35.46 -17.26 28.37
CA ASP C 23 -34.22 -17.04 27.62
C ASP C 23 -33.95 -15.56 27.43
N LEU C 24 -34.93 -14.81 26.92
CA LEU C 24 -34.75 -13.38 26.73
C LEU C 24 -34.58 -12.65 28.05
N ALA C 25 -35.31 -13.08 29.07
CA ALA C 25 -35.31 -12.38 30.35
C ALA C 25 -34.02 -12.56 31.13
N HIS C 26 -33.28 -13.65 30.91
CA HIS C 26 -32.17 -13.98 31.80
C HIS C 26 -30.92 -14.53 31.12
N HIS C 27 -30.97 -14.92 29.85
CA HIS C 27 -29.84 -15.57 29.20
C HIS C 27 -29.26 -14.67 28.12
N LEU C 28 -27.94 -14.55 28.10
CA LEU C 28 -27.22 -13.87 27.03
C LEU C 28 -26.40 -14.90 26.26
N PRO C 29 -26.87 -15.36 25.10
CA PRO C 29 -26.13 -16.40 24.36
C PRO C 29 -24.77 -15.92 23.88
N ALA C 30 -23.90 -16.89 23.62
CA ALA C 30 -22.55 -16.60 23.17
C ALA C 30 -22.53 -16.13 21.72
N GLN C 31 -21.64 -15.17 21.44
CA GLN C 31 -21.34 -14.69 20.08
C GLN C 31 -22.62 -14.45 19.28
N ALA C 32 -23.50 -13.63 19.83
CA ALA C 32 -24.83 -13.42 19.28
C ALA C 32 -25.14 -11.93 19.18
N ASP C 33 -26.04 -11.60 18.27
CA ASP C 33 -26.70 -10.29 18.23
C ASP C 33 -27.98 -10.42 19.04
N HIS C 34 -28.01 -9.77 20.21
CA HIS C 34 -29.11 -9.97 21.15
C HIS C 34 -30.38 -9.24 20.72
N LYS C 35 -30.26 -8.21 19.87
CA LYS C 35 -31.44 -7.65 19.21
C LYS C 35 -32.09 -8.68 18.30
N VAL C 36 -31.28 -9.44 17.56
CA VAL C 36 -31.81 -10.46 16.65
C VAL C 36 -32.48 -11.58 17.44
N ILE C 37 -31.89 -11.97 18.57
CA ILE C 37 -32.49 -13.03 19.39
C ILE C 37 -33.85 -12.59 19.92
N ALA C 38 -33.95 -11.35 20.39
CA ALA C 38 -35.24 -10.84 20.85
C ALA C 38 -36.26 -10.83 19.71
N GLU C 39 -35.86 -10.39 18.52
CA GLU C 39 -36.79 -10.28 17.40
C GLU C 39 -37.32 -11.63 16.92
N GLN C 40 -36.64 -12.73 17.24
CA GLN C 40 -37.16 -14.06 16.94
C GLN C 40 -37.83 -14.69 18.14
N GLY C 41 -38.07 -13.92 19.21
CA GLY C 41 -38.80 -14.41 20.36
C GLY C 41 -38.01 -15.32 21.28
N GLY C 42 -36.69 -15.19 21.30
CA GLY C 42 -35.85 -16.03 22.12
C GLY C 42 -35.09 -17.05 21.29
N SER C 43 -34.11 -17.67 21.94
CA SER C 43 -33.30 -18.69 21.29
C SER C 43 -34.15 -19.86 20.82
N ARG C 44 -33.73 -20.47 19.72
CA ARG C 44 -34.30 -21.75 19.30
C ARG C 44 -33.87 -22.84 20.27
N ILE C 45 -34.83 -23.61 20.77
CA ILE C 45 -34.57 -24.55 21.86
C ILE C 45 -34.21 -25.91 21.30
N ILE C 46 -33.01 -26.39 21.61
CA ILE C 46 -32.58 -27.75 21.29
C ILE C 46 -32.78 -28.59 22.56
N THR C 47 -33.54 -29.67 22.44
CA THR C 47 -33.94 -30.42 23.61
C THR C 47 -33.30 -31.80 23.74
N ARG C 48 -33.02 -32.48 22.63
CA ARG C 48 -32.45 -33.81 22.68
C ARG C 48 -31.65 -34.05 21.40
N ALA C 49 -30.84 -35.10 21.42
CA ALA C 49 -30.06 -35.50 20.25
C ALA C 49 -29.65 -36.97 20.38
N GLU C 50 -29.45 -37.60 19.23
CA GLU C 50 -28.96 -38.98 19.17
C GLU C 50 -28.25 -39.17 17.84
N GLY C 51 -27.14 -39.88 17.86
CA GLY C 51 -26.38 -40.13 16.64
C GLY C 51 -25.79 -38.85 16.07
N VAL C 52 -26.26 -38.46 14.89
CA VAL C 52 -25.85 -37.21 14.26
C VAL C 52 -27.00 -36.22 14.16
N TYR C 53 -28.11 -36.50 14.84
CA TYR C 53 -29.33 -35.70 14.72
C TYR C 53 -29.63 -34.98 16.02
N ILE C 54 -30.10 -33.73 15.90
CA ILE C 54 -30.59 -32.95 17.03
C ILE C 54 -32.06 -32.69 16.81
N HIS C 55 -32.77 -32.36 17.89
CA HIS C 55 -34.21 -32.13 17.84
C HIS C 55 -34.53 -30.84 18.58
N ASP C 56 -35.38 -30.00 17.98
CA ASP C 56 -35.69 -28.72 18.58
C ASP C 56 -37.04 -28.75 19.30
N GLY C 57 -37.40 -27.60 19.89
CA GLY C 57 -38.61 -27.53 20.70
C GLY C 57 -39.88 -27.76 19.90
N GLU C 58 -39.85 -27.46 18.61
CA GLU C 58 -41.00 -27.63 17.73
C GLU C 58 -40.98 -28.96 17.00
N GLY C 59 -40.10 -29.88 17.40
CA GLY C 59 -40.07 -31.23 16.87
C GLY C 59 -39.25 -31.43 15.62
N HIS C 60 -38.55 -30.41 15.14
CA HIS C 60 -37.75 -30.56 13.93
C HIS C 60 -36.52 -31.40 14.21
N GLN C 61 -36.33 -32.46 13.43
CA GLN C 61 -35.11 -33.25 13.47
C GLN C 61 -34.13 -32.66 12.45
N ILE C 62 -32.91 -32.38 12.90
CA ILE C 62 -31.90 -31.72 12.09
C ILE C 62 -30.64 -32.57 12.05
N LEU C 63 -30.17 -32.88 10.85
CA LEU C 63 -28.86 -33.47 10.67
C LEU C 63 -27.80 -32.45 11.10
N ASP C 64 -27.06 -32.76 12.16
CA ASP C 64 -26.10 -31.82 12.72
C ASP C 64 -24.78 -31.97 11.96
N GLY C 65 -24.66 -31.21 10.88
CA GLY C 65 -23.43 -31.21 10.10
C GLY C 65 -22.27 -30.49 10.73
N MET C 66 -22.45 -29.91 11.92
CA MET C 66 -21.39 -29.18 12.61
C MET C 66 -20.93 -29.87 13.88
N ALA C 67 -21.47 -31.04 14.21
CA ALA C 67 -21.11 -31.80 15.41
C ALA C 67 -21.12 -30.93 16.67
N GLY C 68 -22.28 -30.34 16.92
CA GLY C 68 -22.42 -29.43 18.04
C GLY C 68 -21.77 -28.09 17.76
N LEU C 69 -20.49 -27.96 18.14
CA LEU C 69 -19.67 -26.82 17.77
C LEU C 69 -18.29 -27.35 17.38
N TRP C 70 -18.25 -28.03 16.22
CA TRP C 70 -17.03 -28.65 15.70
C TRP C 70 -16.45 -29.67 16.68
N CYS C 71 -17.28 -30.29 17.53
CA CYS C 71 -16.70 -30.96 18.70
C CYS C 71 -17.28 -32.32 19.04
N VAL C 72 -18.54 -32.63 18.74
CA VAL C 72 -19.13 -33.88 19.19
C VAL C 72 -18.68 -35.01 18.25
N ASN C 73 -17.42 -35.43 18.40
CA ASN C 73 -16.80 -36.30 17.40
C ASN C 73 -17.33 -37.72 17.47
N VAL C 74 -17.61 -38.24 18.67
CA VAL C 74 -18.12 -39.60 18.80
C VAL C 74 -19.63 -39.68 18.63
N GLY C 75 -20.30 -38.56 18.38
CA GLY C 75 -21.74 -38.54 18.21
C GLY C 75 -22.49 -38.44 19.52
N TYR C 76 -23.79 -38.12 19.40
CA TYR C 76 -24.69 -38.02 20.54
C TYR C 76 -25.18 -39.40 20.96
N GLY C 77 -25.62 -39.49 22.21
CA GLY C 77 -26.26 -40.69 22.72
C GLY C 77 -25.34 -41.67 23.40
N ARG C 78 -24.19 -41.24 23.90
CA ARG C 78 -23.19 -42.13 24.47
C ARG C 78 -23.52 -42.34 25.94
N GLU C 79 -24.33 -43.35 26.24
CA GLU C 79 -24.59 -43.72 27.62
C GLU C 79 -23.30 -44.06 28.35
N GLU C 80 -22.32 -44.61 27.62
CA GLU C 80 -21.03 -44.96 28.20
C GLU C 80 -20.32 -43.73 28.78
N LEU C 81 -20.48 -42.57 28.14
CA LEU C 81 -19.84 -41.37 28.64
C LEU C 81 -20.58 -40.78 29.85
N ALA C 82 -21.91 -40.84 29.83
CA ALA C 82 -22.68 -40.45 31.00
C ALA C 82 -22.32 -41.32 32.20
N LYS C 83 -22.15 -42.62 31.97
CA LYS C 83 -21.81 -43.54 33.06
C LYS C 83 -20.46 -43.21 33.66
N ALA C 84 -19.46 -42.92 32.81
CA ALA C 84 -18.14 -42.54 33.31
C ALA C 84 -18.20 -41.30 34.18
N ALA C 85 -19.03 -40.32 33.80
CA ALA C 85 -19.17 -39.11 34.60
C ALA C 85 -19.82 -39.43 35.95
N TYR C 86 -20.93 -40.17 35.92
CA TYR C 86 -21.61 -40.57 37.15
C TYR C 86 -20.65 -41.27 38.11
N ASP C 87 -19.89 -42.23 37.59
CA ASP C 87 -19.03 -43.06 38.45
C ASP C 87 -17.95 -42.21 39.12
N GLN C 88 -17.31 -41.32 38.36
CA GLN C 88 -16.26 -40.48 38.93
C GLN C 88 -16.82 -39.48 39.94
N MET C 89 -17.99 -38.92 39.66
CA MET C 89 -18.58 -37.93 40.57
C MET C 89 -18.96 -38.55 41.90
N LEU C 90 -19.33 -39.82 41.90
CA LEU C 90 -19.61 -40.52 43.16
C LEU C 90 -18.33 -40.74 43.97
N GLU C 91 -17.25 -41.11 43.29
CA GLU C 91 -16.00 -41.45 43.98
C GLU C 91 -15.25 -40.19 44.40
N LEU C 92 -15.06 -39.26 43.47
CA LEU C 92 -14.35 -38.02 43.74
C LEU C 92 -14.73 -36.98 42.69
N PRO C 93 -15.74 -36.15 42.95
CA PRO C 93 -16.19 -35.22 41.91
C PRO C 93 -15.21 -34.12 41.60
N TYR C 94 -14.44 -33.66 42.59
CA TYR C 94 -13.47 -32.59 42.37
C TYR C 94 -12.34 -32.69 43.37
N TYR C 95 -11.12 -32.45 42.89
CA TYR C 95 -10.06 -31.91 43.73
C TYR C 95 -9.07 -31.17 42.87
N ASN C 96 -8.32 -30.27 43.51
CA ASN C 96 -7.44 -29.34 42.81
C ASN C 96 -6.08 -29.96 42.53
N THR C 97 -5.37 -29.34 41.58
CA THR C 97 -3.97 -29.64 41.33
C THR C 97 -3.06 -28.50 41.77
N PHE C 98 -3.54 -27.66 42.70
CA PHE C 98 -2.78 -26.52 43.20
C PHE C 98 -1.89 -26.87 44.39
N PHE C 99 -2.33 -27.78 45.25
CA PHE C 99 -1.70 -27.99 46.56
C PHE C 99 -0.70 -29.14 46.51
N LYS C 100 0.14 -29.19 45.48
CA LYS C 100 0.98 -30.37 45.19
C LYS C 100 0.15 -31.65 45.14
N THR C 101 -1.12 -31.52 44.77
CA THR C 101 -2.04 -32.64 44.74
C THR C 101 -2.47 -32.94 43.30
N ALA C 102 -3.00 -34.13 43.12
CA ALA C 102 -3.64 -34.52 41.86
C ALA C 102 -4.60 -35.66 42.16
N THR C 103 -5.36 -36.06 41.14
CA THR C 103 -6.30 -37.16 41.23
C THR C 103 -6.03 -38.11 40.07
N PRO C 104 -6.50 -39.35 40.15
CA PRO C 104 -6.14 -40.36 39.15
C PRO C 104 -6.55 -39.99 37.73
N PRO C 105 -7.78 -39.53 37.49
CA PRO C 105 -8.24 -39.37 36.09
C PRO C 105 -7.36 -38.42 35.26
N PRO C 106 -7.02 -37.22 35.76
CA PRO C 106 -6.18 -36.34 34.91
C PRO C 106 -4.79 -36.89 34.66
N ILE C 107 -4.26 -37.72 35.57
CA ILE C 107 -2.95 -38.31 35.35
C ILE C 107 -3.04 -39.38 34.28
N GLU C 108 -4.04 -40.26 34.37
CA GLU C 108 -4.22 -41.28 33.36
C GLU C 108 -4.55 -40.66 32.00
N LEU C 109 -5.39 -39.63 31.99
CA LEU C 109 -5.66 -38.90 30.75
C LEU C 109 -4.40 -38.27 30.19
N ALA C 110 -3.54 -37.73 31.06
CA ALA C 110 -2.31 -37.11 30.60
C ALA C 110 -1.42 -38.10 29.87
N ALA C 111 -1.29 -39.32 30.40
CA ALA C 111 -0.51 -40.35 29.73
C ALA C 111 -1.14 -40.73 28.39
N LYS C 112 -2.47 -40.80 28.33
CA LYS C 112 -3.14 -41.16 27.09
C LYS C 112 -2.98 -40.09 26.03
N ILE C 113 -3.16 -38.81 26.41
CA ILE C 113 -2.98 -37.72 25.46
C ILE C 113 -1.55 -37.70 24.93
N ALA C 114 -0.57 -37.89 25.81
CA ALA C 114 0.83 -37.91 25.39
C ALA C 114 1.08 -39.01 24.38
N GLN C 115 0.46 -40.18 24.57
CA GLN C 115 0.63 -41.27 23.62
C GLN C 115 0.12 -40.88 22.23
N LYS C 116 -0.99 -40.15 22.17
CA LYS C 116 -1.54 -39.73 20.89
C LYS C 116 -0.78 -38.55 20.29
N MET C 117 -0.18 -37.71 21.13
CA MET C 117 0.55 -36.55 20.62
C MET C 117 1.85 -36.97 19.96
N GLY C 118 2.56 -37.93 20.56
CA GLY C 118 3.85 -38.43 20.11
C GLY C 118 4.90 -37.33 20.03
N GLY C 119 5.96 -37.66 19.30
CA GLY C 119 7.12 -36.77 19.27
C GLY C 119 7.63 -36.45 20.64
N HIS C 120 8.07 -35.21 20.83
CA HIS C 120 8.55 -34.74 22.12
C HIS C 120 7.43 -34.13 22.97
N LEU C 121 6.18 -34.15 22.49
CA LEU C 121 5.05 -33.69 23.30
C LEU C 121 4.71 -34.72 24.37
N SER C 122 5.32 -34.56 25.55
CA SER C 122 5.23 -35.54 26.62
C SER C 122 4.26 -35.17 27.73
N HIS C 123 3.98 -33.88 27.92
CA HIS C 123 3.21 -33.41 29.07
C HIS C 123 2.00 -32.62 28.62
N VAL C 124 1.02 -32.51 29.52
CA VAL C 124 -0.18 -31.71 29.26
C VAL C 124 -0.43 -30.81 30.46
N PHE C 125 -0.84 -29.57 30.18
CA PHE C 125 -1.35 -28.66 31.19
C PHE C 125 -2.84 -28.49 30.95
N TYR C 126 -3.65 -28.60 32.00
CA TYR C 126 -5.09 -28.69 31.85
C TYR C 126 -5.75 -27.33 32.05
N ASN C 127 -6.83 -27.12 31.30
CA ASN C 127 -7.75 -26.01 31.49
C ASN C 127 -9.15 -26.53 31.15
N SER C 128 -10.10 -25.61 30.94
CA SER C 128 -11.45 -25.99 30.56
C SER C 128 -11.79 -25.73 29.10
N SER C 129 -11.42 -24.57 28.57
CA SER C 129 -11.81 -24.16 27.22
C SER C 129 -10.59 -24.06 26.32
N GLY C 130 -10.86 -24.11 25.01
CA GLY C 130 -9.81 -23.86 24.04
C GLY C 130 -9.21 -22.47 24.18
N SER C 131 -10.04 -21.48 24.56
CA SER C 131 -9.53 -20.13 24.79
C SER C 131 -8.51 -20.12 25.92
N GLU C 132 -8.85 -20.71 27.07
CA GLU C 132 -7.92 -20.80 28.19
C GLU C 132 -6.62 -21.49 27.79
N ALA C 133 -6.71 -22.56 27.00
CA ALA C 133 -5.51 -23.26 26.55
C ALA C 133 -4.55 -22.30 25.85
N ASN C 134 -5.09 -21.36 25.08
CA ASN C 134 -4.23 -20.40 24.39
C ASN C 134 -3.74 -19.30 25.32
N ASP C 135 -4.49 -19.00 26.38
CA ASP C 135 -3.92 -18.20 27.47
C ASP C 135 -2.73 -18.93 28.09
N THR C 136 -2.85 -20.25 28.28
CA THR C 136 -1.75 -21.04 28.80
C THR C 136 -0.55 -21.01 27.86
N VAL C 137 -0.80 -21.19 26.56
CA VAL C 137 0.26 -21.04 25.56
C VAL C 137 0.93 -19.68 25.73
N PHE C 138 0.13 -18.62 25.84
CA PHE C 138 0.66 -17.26 25.88
C PHE C 138 1.61 -17.07 27.06
N ARG C 139 1.16 -17.46 28.26
CA ARG C 139 1.98 -17.22 29.46
C ARG C 139 3.13 -18.21 29.59
N LEU C 140 2.91 -19.48 29.20
CA LEU C 140 3.98 -20.46 29.31
C LEU C 140 5.11 -20.15 28.33
N VAL C 141 4.77 -19.76 27.10
CA VAL C 141 5.80 -19.45 26.11
C VAL C 141 6.68 -18.30 26.59
N ARG C 142 6.05 -17.23 27.11
CA ARG C 142 6.83 -16.10 27.57
C ARG C 142 7.65 -16.45 28.82
N HIS C 143 7.07 -17.23 29.73
CA HIS C 143 7.81 -17.65 30.91
C HIS C 143 8.95 -18.58 30.56
N PHE C 144 8.73 -19.48 29.59
CA PHE C 144 9.79 -20.36 29.11
C PHE C 144 11.01 -19.55 28.66
N TRP C 145 10.78 -18.49 27.89
CA TRP C 145 11.90 -17.72 27.35
C TRP C 145 12.62 -16.94 28.43
N LYS C 146 11.90 -16.53 29.49
CA LYS C 146 12.59 -15.93 30.63
C LYS C 146 13.46 -16.97 31.34
N LEU C 147 12.93 -18.18 31.55
CA LEU C 147 13.74 -19.24 32.15
C LEU C 147 14.94 -19.58 31.28
N LYS C 148 14.78 -19.50 29.96
CA LYS C 148 15.87 -19.78 29.02
C LYS C 148 16.94 -18.69 29.02
N GLY C 149 16.70 -17.58 29.70
CA GLY C 149 17.65 -16.48 29.64
C GLY C 149 17.60 -15.71 28.34
N GLU C 150 16.45 -15.69 27.68
CA GLU C 150 16.22 -14.90 26.47
C GLU C 150 14.96 -14.07 26.66
N PRO C 151 14.98 -13.10 27.57
CA PRO C 151 13.73 -12.39 27.93
C PRO C 151 13.20 -11.49 26.83
N SER C 152 13.99 -11.17 25.80
CA SER C 152 13.48 -10.33 24.71
C SER C 152 12.49 -11.07 23.83
N ARG C 153 12.46 -12.40 23.88
CA ARG C 153 11.55 -13.18 23.04
C ARG C 153 10.16 -13.15 23.66
N THR C 154 9.34 -12.21 23.19
CA THR C 154 8.00 -12.01 23.74
C THR C 154 6.88 -11.97 22.71
N VAL C 155 7.16 -11.76 21.43
CA VAL C 155 6.13 -11.45 20.46
C VAL C 155 5.61 -12.74 19.82
N PHE C 156 4.28 -12.82 19.70
CA PHE C 156 3.61 -13.92 19.02
C PHE C 156 3.24 -13.47 17.62
N ILE C 157 3.48 -14.34 16.64
CA ILE C 157 3.11 -14.07 15.25
C ILE C 157 1.97 -15.01 14.88
N SER C 158 0.85 -14.43 14.47
CA SER C 158 -0.31 -15.19 14.03
C SER C 158 -0.67 -14.72 12.63
N ARG C 159 -1.93 -14.94 12.25
CA ARG C 159 -2.39 -14.63 10.90
C ARG C 159 -3.76 -13.98 10.95
N TRP C 160 -4.03 -13.12 9.99
CA TRP C 160 -5.39 -12.62 9.79
C TRP C 160 -6.32 -13.79 9.50
N ASN C 161 -7.54 -13.70 10.03
CA ASN C 161 -8.58 -14.71 9.90
C ASN C 161 -8.25 -15.98 10.66
N ALA C 162 -7.20 -15.96 11.48
CA ALA C 162 -7.00 -17.03 12.46
C ALA C 162 -8.01 -16.88 13.58
N TYR C 163 -8.36 -18.00 14.21
CA TYR C 163 -9.20 -17.99 15.39
C TYR C 163 -8.54 -18.80 16.48
N HIS C 164 -8.33 -18.17 17.64
CA HIS C 164 -7.69 -18.83 18.78
C HIS C 164 -8.45 -18.61 20.08
N GLY C 165 -9.74 -18.32 20.01
CA GLY C 165 -10.59 -18.31 21.18
C GLY C 165 -11.19 -16.94 21.44
N SER C 166 -11.78 -16.80 22.64
CA SER C 166 -12.57 -15.64 22.97
C SER C 166 -12.18 -14.99 24.30
N THR C 167 -11.12 -15.46 24.94
CA THR C 167 -10.49 -14.65 25.98
C THR C 167 -9.76 -13.47 25.34
N VAL C 168 -9.36 -12.52 26.18
CA VAL C 168 -8.60 -11.36 25.70
C VAL C 168 -7.38 -11.82 24.91
N ALA C 169 -6.65 -12.80 25.45
CA ALA C 169 -5.48 -13.31 24.75
C ALA C 169 -5.88 -14.09 23.50
N GLY C 170 -6.93 -14.91 23.60
CA GLY C 170 -7.39 -15.67 22.45
C GLY C 170 -7.87 -14.78 21.32
N VAL C 171 -8.61 -13.72 21.65
CA VAL C 171 -9.00 -12.75 20.64
C VAL C 171 -7.76 -12.09 20.04
N SER C 172 -6.81 -11.71 20.89
CA SER C 172 -5.60 -11.05 20.42
C SER C 172 -4.79 -11.98 19.52
N LEU C 173 -4.70 -13.27 19.88
CA LEU C 173 -3.97 -14.20 19.06
C LEU C 173 -4.70 -14.51 17.77
N GLY C 174 -6.03 -14.62 17.83
CA GLY C 174 -6.82 -14.72 16.62
C GLY C 174 -6.69 -13.48 15.76
N GLY C 175 -7.17 -13.61 14.52
CA GLY C 175 -7.03 -12.51 13.58
C GLY C 175 -8.34 -12.01 13.00
N MET C 176 -9.39 -12.02 13.81
CA MET C 176 -10.71 -11.53 13.39
C MET C 176 -10.80 -10.06 13.78
N LYS C 177 -10.67 -9.18 12.79
CA LYS C 177 -10.57 -7.74 13.08
C LYS C 177 -11.80 -7.22 13.81
N HIS C 178 -12.99 -7.71 13.44
CA HIS C 178 -14.21 -7.26 14.10
C HIS C 178 -14.23 -7.70 15.56
N MET C 179 -13.70 -8.89 15.85
CA MET C 179 -13.61 -9.34 17.23
C MET C 179 -12.58 -8.54 18.02
N HIS C 180 -11.45 -8.22 17.39
CA HIS C 180 -10.43 -7.35 18.01
C HIS C 180 -11.03 -6.05 18.53
N LYS C 181 -11.92 -5.42 17.76
CA LYS C 181 -12.46 -4.12 18.13
C LYS C 181 -13.13 -4.17 19.51
N GLN C 182 -13.84 -5.25 19.81
CA GLN C 182 -14.60 -5.34 21.05
C GLN C 182 -13.66 -5.78 22.16
N GLY C 183 -13.36 -4.85 23.07
CA GLY C 183 -12.29 -5.01 24.02
C GLY C 183 -11.05 -4.20 23.67
N ASP C 184 -11.04 -3.57 22.50
CA ASP C 184 -9.92 -2.76 22.03
C ASP C 184 -8.62 -3.57 21.99
N LEU C 185 -8.69 -4.67 21.25
CA LEU C 185 -7.63 -5.65 21.12
C LEU C 185 -7.07 -5.61 19.70
N PRO C 186 -5.91 -6.25 19.45
CA PRO C 186 -5.07 -7.12 20.30
C PRO C 186 -4.23 -6.37 21.32
N ILE C 187 -3.88 -7.07 22.40
CA ILE C 187 -2.90 -6.60 23.38
C ILE C 187 -1.52 -6.56 22.72
N ALA C 188 -0.56 -5.95 23.40
CA ALA C 188 0.76 -5.76 22.82
C ALA C 188 1.49 -7.09 22.65
N GLY C 189 2.42 -7.12 21.70
CA GLY C 189 3.22 -8.31 21.47
C GLY C 189 2.58 -9.37 20.63
N VAL C 190 1.61 -9.01 19.78
CA VAL C 190 0.96 -9.93 18.85
C VAL C 190 0.92 -9.28 17.47
N GLU C 191 1.47 -9.97 16.47
CA GLU C 191 1.47 -9.51 15.10
C GLU C 191 0.71 -10.50 14.22
N HIS C 192 0.15 -10.01 13.12
CA HIS C 192 -0.66 -10.84 12.21
C HIS C 192 -0.20 -10.64 10.77
N VAL C 193 -0.10 -11.75 10.04
CA VAL C 193 0.30 -11.74 8.63
C VAL C 193 -0.75 -12.48 7.80
N MET C 194 -0.55 -12.46 6.48
CA MET C 194 -1.51 -13.05 5.55
C MET C 194 -1.82 -14.52 5.87
N GLN C 195 -3.09 -14.88 5.68
CA GLN C 195 -3.51 -16.28 5.72
C GLN C 195 -3.30 -16.93 4.35
N PRO C 196 -2.99 -18.23 4.32
CA PRO C 196 -2.80 -18.96 3.04
C PRO C 196 -4.12 -19.44 2.44
N TYR C 197 -4.96 -18.48 2.06
CA TYR C 197 -6.30 -18.74 1.51
C TYR C 197 -6.20 -18.57 0.00
N GLN C 198 -5.96 -19.68 -0.71
CA GLN C 198 -5.72 -19.62 -2.15
C GLN C 198 -6.94 -19.10 -2.90
N PHE C 199 -8.12 -19.64 -2.60
CA PHE C 199 -9.30 -19.30 -3.39
C PHE C 199 -9.61 -17.81 -3.32
N GLY C 200 -9.53 -17.23 -2.12
CA GLY C 200 -9.86 -15.83 -1.95
C GLY C 200 -8.74 -14.89 -2.35
N ASP C 201 -7.50 -15.23 -1.99
CA ASP C 201 -6.38 -14.30 -2.08
C ASP C 201 -5.30 -14.71 -3.07
N GLY C 202 -5.36 -15.92 -3.62
CA GLY C 202 -4.38 -16.35 -4.59
C GLY C 202 -4.99 -17.03 -5.79
N PHE C 203 -6.21 -16.62 -6.14
CA PHE C 203 -6.93 -17.24 -7.25
C PHE C 203 -6.20 -17.04 -8.56
N GLY C 204 -5.86 -18.13 -9.23
CA GLY C 204 -5.12 -18.08 -10.47
C GLY C 204 -3.61 -17.99 -10.31
N GLU C 205 -3.12 -17.94 -9.07
CA GLU C 205 -1.68 -18.02 -8.83
C GLU C 205 -1.22 -19.46 -8.80
N ASP C 206 0.03 -19.66 -9.22
CA ASP C 206 0.66 -20.95 -9.01
C ASP C 206 0.62 -21.29 -7.52
N PRO C 207 0.11 -22.46 -7.14
CA PRO C 207 0.03 -22.79 -5.70
C PRO C 207 1.36 -22.69 -4.96
N ALA C 208 2.44 -23.22 -5.54
CA ALA C 208 3.75 -23.13 -4.90
C ALA C 208 4.18 -21.68 -4.68
N ALA C 209 3.91 -20.81 -5.67
CA ALA C 209 4.30 -19.41 -5.53
C ALA C 209 3.44 -18.72 -4.48
N PHE C 210 2.13 -19.01 -4.46
CA PHE C 210 1.26 -18.44 -3.44
C PHE C 210 1.67 -18.91 -2.05
N ARG C 211 1.92 -20.22 -1.91
CA ARG C 211 2.43 -20.76 -0.65
C ARG C 211 3.68 -20.03 -0.19
N ASP C 212 4.66 -19.87 -1.09
CA ASP C 212 5.89 -19.17 -0.75
C ASP C 212 5.60 -17.73 -0.34
N ARG C 213 4.65 -17.07 -1.01
CA ARG C 213 4.23 -15.74 -0.60
C ARG C 213 3.76 -15.74 0.85
N ALA C 214 2.92 -16.71 1.21
CA ALA C 214 2.33 -16.73 2.54
C ALA C 214 3.37 -17.07 3.61
N VAL C 215 4.34 -17.91 3.28
CA VAL C 215 5.42 -18.19 4.22
C VAL C 215 6.34 -16.98 4.38
N GLN C 216 6.66 -16.30 3.28
CA GLN C 216 7.53 -15.13 3.32
C GLN C 216 6.96 -14.02 4.19
N ALA C 217 5.63 -13.86 4.23
CA ALA C 217 5.03 -12.83 5.07
C ALA C 217 5.41 -13.00 6.54
N ILE C 218 5.47 -14.24 7.03
CA ILE C 218 5.88 -14.47 8.41
C ILE C 218 7.33 -14.06 8.62
N GLU C 219 8.22 -14.49 7.71
CA GLU C 219 9.63 -14.13 7.83
C GLU C 219 9.82 -12.62 7.77
N ASP C 220 9.07 -11.95 6.89
CA ASP C 220 9.15 -10.49 6.82
C ASP C 220 8.75 -9.87 8.16
N LYS C 221 7.71 -10.43 8.79
CA LYS C 221 7.28 -9.95 10.10
C LYS C 221 8.33 -10.28 11.16
N ILE C 222 8.90 -11.48 11.12
CA ILE C 222 9.98 -11.84 12.02
C ILE C 222 11.12 -10.82 11.92
N LEU C 223 11.52 -10.51 10.68
CA LEU C 223 12.62 -9.57 10.48
C LEU C 223 12.24 -8.16 10.90
N GLU C 224 10.98 -7.76 10.68
CA GLU C 224 10.53 -6.44 11.11
C GLU C 224 10.53 -6.33 12.62
N VAL C 225 10.00 -7.34 13.31
CA VAL C 225 9.95 -7.32 14.76
C VAL C 225 11.35 -7.43 15.36
N GLY C 226 12.25 -8.13 14.66
CA GLY C 226 13.52 -8.50 15.22
C GLY C 226 13.46 -9.93 15.74
N PRO C 227 14.17 -10.83 15.08
CA PRO C 227 14.07 -12.26 15.44
C PRO C 227 14.33 -12.54 16.91
N GLU C 228 15.27 -11.83 17.52
CA GLU C 228 15.54 -11.99 18.94
C GLU C 228 14.36 -11.56 19.82
N ASN C 229 13.36 -10.89 19.24
CA ASN C 229 12.18 -10.47 19.98
C ASN C 229 10.97 -11.38 19.80
N VAL C 230 11.06 -12.36 18.91
CA VAL C 230 9.93 -13.23 18.59
C VAL C 230 9.97 -14.46 19.49
N ALA C 231 8.84 -14.77 20.12
CA ALA C 231 8.76 -15.95 20.97
C ALA C 231 8.24 -17.17 20.23
N ALA C 232 7.27 -17.01 19.34
CA ALA C 232 6.63 -18.17 18.71
C ALA C 232 5.78 -17.71 17.54
N PHE C 233 5.54 -18.66 16.63
CA PHE C 233 4.45 -18.57 15.66
C PHE C 233 3.35 -19.53 16.05
N ILE C 234 2.11 -19.11 15.89
CA ILE C 234 0.94 -19.92 16.23
C ILE C 234 0.03 -20.00 15.02
N GLY C 235 -0.56 -21.18 14.79
CA GLY C 235 -1.54 -21.31 13.75
C GLY C 235 -2.35 -22.60 13.82
N GLU C 236 -3.59 -22.53 13.35
CA GLU C 236 -4.39 -23.73 13.16
C GLU C 236 -3.88 -24.49 11.95
N PRO C 237 -3.68 -25.81 12.04
CA PRO C 237 -3.34 -26.57 10.83
C PRO C 237 -4.32 -26.33 9.69
N VAL C 238 -5.62 -26.44 9.98
CA VAL C 238 -6.66 -25.95 9.10
C VAL C 238 -7.47 -24.90 9.87
N GLN C 239 -7.61 -23.72 9.29
CA GLN C 239 -8.35 -22.65 9.95
C GLN C 239 -9.83 -22.99 9.97
N GLY C 240 -10.42 -23.10 11.16
CA GLY C 240 -11.80 -23.52 11.28
C GLY C 240 -12.79 -22.39 11.13
N ALA C 241 -12.91 -21.57 12.18
CA ALA C 241 -13.84 -20.44 12.16
C ALA C 241 -13.54 -19.46 11.02
N GLY C 242 -12.31 -19.46 10.51
CA GLY C 242 -11.98 -18.62 9.37
C GLY C 242 -12.56 -19.08 8.04
N GLY C 243 -13.18 -20.25 8.00
CA GLY C 243 -13.86 -20.73 6.81
C GLY C 243 -13.27 -21.99 6.20
N VAL C 244 -12.75 -22.88 7.06
CA VAL C 244 -12.11 -24.12 6.64
C VAL C 244 -11.06 -23.79 5.59
N ILE C 245 -10.05 -23.03 6.00
CA ILE C 245 -8.98 -22.60 5.11
C ILE C 245 -7.90 -23.67 5.14
N ILE C 246 -7.81 -24.45 4.07
CA ILE C 246 -6.83 -25.53 3.96
C ILE C 246 -5.60 -24.97 3.25
N PRO C 247 -4.42 -25.00 3.87
CA PRO C 247 -3.26 -24.33 3.30
C PRO C 247 -2.73 -25.12 2.10
N PRO C 248 -2.01 -24.45 1.20
CA PRO C 248 -1.45 -25.16 0.04
C PRO C 248 -0.40 -26.17 0.47
N ASP C 249 -0.19 -27.17 -0.39
CA ASP C 249 0.80 -28.20 -0.11
C ASP C 249 2.18 -27.60 0.10
N GLY C 250 2.90 -28.11 1.11
CA GLY C 250 4.21 -27.61 1.44
C GLY C 250 4.24 -26.42 2.37
N TYR C 251 3.09 -25.81 2.66
CA TYR C 251 3.04 -24.65 3.55
C TYR C 251 3.60 -24.97 4.93
N TRP C 252 3.05 -26.00 5.56
CA TRP C 252 3.40 -26.29 6.95
C TRP C 252 4.85 -26.76 7.12
N PRO C 253 5.40 -27.62 6.25
CA PRO C 253 6.85 -27.87 6.34
C PRO C 253 7.69 -26.61 6.21
N ALA C 254 7.29 -25.70 5.31
CA ALA C 254 8.05 -24.46 5.15
C ALA C 254 7.91 -23.56 6.37
N VAL C 255 6.72 -23.53 6.99
CA VAL C 255 6.54 -22.76 8.21
C VAL C 255 7.37 -23.34 9.34
N GLU C 256 7.40 -24.66 9.48
CA GLU C 256 8.23 -25.29 10.50
C GLU C 256 9.70 -24.98 10.29
N ALA C 257 10.19 -25.13 9.06
CA ALA C 257 11.59 -24.79 8.77
C ALA C 257 11.88 -23.34 9.10
N LEU C 258 10.92 -22.45 8.84
CA LEU C 258 11.06 -21.05 9.19
C LEU C 258 11.28 -20.89 10.69
N CYS C 259 10.43 -21.53 11.50
CA CYS C 259 10.57 -21.42 12.95
C CYS C 259 11.92 -21.92 13.42
N ARG C 260 12.37 -23.06 12.88
CA ARG C 260 13.68 -23.60 13.24
C ARG C 260 14.81 -22.68 12.77
N LYS C 261 14.63 -22.01 11.64
CA LYS C 261 15.66 -21.11 11.13
C LYS C 261 15.97 -20.02 12.15
N TYR C 262 14.95 -19.44 12.77
CA TYR C 262 15.12 -18.35 13.70
C TYR C 262 15.03 -18.78 15.17
N GLY C 263 14.90 -20.08 15.43
CA GLY C 263 14.87 -20.55 16.80
C GLY C 263 13.67 -20.12 17.60
N ILE C 264 12.54 -19.87 16.94
CA ILE C 264 11.31 -19.50 17.62
C ILE C 264 10.46 -20.75 17.77
N LEU C 265 9.56 -20.73 18.75
CA LEU C 265 8.69 -21.87 19.02
C LEU C 265 7.58 -21.97 17.98
N LEU C 266 7.17 -23.20 17.70
CA LEU C 266 6.05 -23.50 16.82
C LEU C 266 4.88 -23.99 17.65
N VAL C 267 3.74 -23.31 17.54
CA VAL C 267 2.53 -23.65 18.27
C VAL C 267 1.43 -23.95 17.25
N CYS C 268 0.83 -25.13 17.35
CA CYS C 268 -0.30 -25.51 16.52
C CYS C 268 -1.57 -25.55 17.37
N ASP C 269 -2.59 -24.81 16.93
CA ASP C 269 -3.89 -24.78 17.61
C ASP C 269 -4.71 -25.95 17.05
N GLU C 270 -4.82 -27.02 17.84
CA GLU C 270 -5.49 -28.25 17.43
C GLU C 270 -6.89 -28.38 17.99
N VAL C 271 -7.51 -27.25 18.40
CA VAL C 271 -8.78 -27.33 19.11
C VAL C 271 -9.86 -27.93 18.21
N ILE C 272 -9.86 -27.58 16.92
CA ILE C 272 -10.76 -28.21 15.96
C ILE C 272 -10.10 -29.39 15.28
N CYS C 273 -8.86 -29.24 14.84
CA CYS C 273 -8.21 -30.26 14.03
C CYS C 273 -7.82 -31.50 14.82
N GLY C 274 -7.80 -31.42 16.15
CA GLY C 274 -7.39 -32.56 16.94
C GLY C 274 -8.45 -33.66 16.99
N PHE C 275 -7.99 -34.85 17.39
CA PHE C 275 -8.85 -35.97 17.74
C PHE C 275 -9.69 -36.43 16.55
N GLY C 276 -9.02 -36.72 15.44
CA GLY C 276 -9.60 -37.43 14.32
C GLY C 276 -10.11 -36.57 13.20
N ARG C 277 -10.22 -35.25 13.39
CA ARG C 277 -10.92 -34.40 12.43
C ARG C 277 -10.29 -34.45 11.04
N LEU C 278 -8.96 -34.44 10.97
CA LEU C 278 -8.24 -34.45 9.71
C LEU C 278 -7.68 -35.82 9.34
N GLY C 279 -8.14 -36.88 10.02
CA GLY C 279 -7.61 -38.21 9.78
C GLY C 279 -6.40 -38.57 10.61
N GLN C 280 -6.07 -37.77 11.60
CA GLN C 280 -4.96 -38.03 12.51
C GLN C 280 -5.42 -37.66 13.91
N TRP C 281 -4.68 -38.14 14.91
CA TRP C 281 -5.00 -37.73 16.28
C TRP C 281 -4.85 -36.22 16.44
N PHE C 282 -3.98 -35.59 15.65
CA PHE C 282 -3.82 -34.15 15.65
C PHE C 282 -3.49 -33.67 14.25
N GLY C 283 -4.04 -32.51 13.89
CA GLY C 283 -3.84 -31.95 12.56
C GLY C 283 -2.38 -31.89 12.13
N HIS C 284 -1.50 -31.46 13.04
CA HIS C 284 -0.09 -31.28 12.66
C HIS C 284 0.57 -32.59 12.25
N GLN C 285 0.04 -33.73 12.72
CA GLN C 285 0.58 -35.02 12.31
C GLN C 285 0.30 -35.31 10.84
N HIS C 286 -0.82 -34.81 10.31
CA HIS C 286 -1.06 -34.94 8.88
C HIS C 286 0.02 -34.25 8.06
N TYR C 287 0.53 -33.12 8.56
CA TYR C 287 1.50 -32.32 7.83
C TYR C 287 2.94 -32.66 8.19
N GLY C 288 3.15 -33.61 9.10
CA GLY C 288 4.48 -34.08 9.43
C GLY C 288 5.36 -33.08 10.15
N ILE C 289 4.78 -32.09 10.82
CA ILE C 289 5.55 -31.10 11.54
C ILE C 289 5.52 -31.42 13.03
N LYS C 290 6.43 -30.78 13.78
CA LYS C 290 6.66 -31.10 15.20
C LYS C 290 6.54 -29.82 16.02
N PRO C 291 5.33 -29.44 16.39
CA PRO C 291 5.15 -28.22 17.20
C PRO C 291 5.73 -28.40 18.60
N ASP C 292 6.08 -27.27 19.21
CA ASP C 292 6.55 -27.27 20.60
C ASP C 292 5.39 -27.26 21.58
N LEU C 293 4.26 -26.68 21.20
CA LEU C 293 3.06 -26.68 22.02
C LEU C 293 1.85 -26.83 21.12
N ILE C 294 0.80 -27.44 21.65
CA ILE C 294 -0.49 -27.51 20.96
C ILE C 294 -1.60 -27.22 21.97
N ALA C 295 -2.66 -26.59 21.48
CA ALA C 295 -3.88 -26.39 22.24
C ALA C 295 -4.94 -27.36 21.77
N MET C 296 -5.68 -27.94 22.72
CA MET C 296 -6.70 -28.91 22.39
C MET C 296 -7.91 -28.72 23.29
N ALA C 297 -9.08 -29.05 22.75
CA ALA C 297 -10.35 -28.98 23.45
C ALA C 297 -11.42 -29.65 22.60
N LYS C 298 -12.66 -29.19 22.69
CA LYS C 298 -13.75 -29.64 21.82
C LYS C 298 -13.78 -31.17 21.69
N GLY C 299 -13.18 -31.71 20.63
CA GLY C 299 -13.17 -33.14 20.40
C GLY C 299 -12.47 -33.95 21.48
N LEU C 300 -11.65 -33.30 22.32
CA LEU C 300 -10.99 -33.96 23.44
C LEU C 300 -11.98 -34.79 24.25
N SER C 301 -13.16 -34.24 24.52
CA SER C 301 -14.21 -34.94 25.25
C SER C 301 -15.48 -35.07 24.42
N SER C 302 -15.37 -34.85 23.11
CA SER C 302 -16.52 -34.73 22.22
C SER C 302 -17.56 -33.75 22.76
N GLY C 303 -17.10 -32.74 23.49
CA GLY C 303 -17.99 -31.77 24.10
C GLY C 303 -18.85 -32.30 25.23
N TYR C 304 -18.67 -33.56 25.64
CA TYR C 304 -19.54 -34.12 26.67
C TYR C 304 -19.33 -33.47 28.02
N LEU C 305 -18.10 -33.06 28.34
CA LEU C 305 -17.83 -32.22 29.49
C LEU C 305 -16.76 -31.21 29.14
N PRO C 306 -16.75 -30.05 29.79
CA PRO C 306 -15.71 -29.04 29.53
C PRO C 306 -14.36 -29.47 30.05
N ILE C 307 -13.39 -29.55 29.14
CA ILE C 307 -11.99 -29.80 29.51
C ILE C 307 -11.13 -29.42 28.30
N SER C 308 -9.94 -28.87 28.59
CA SER C 308 -8.98 -28.55 27.55
C SER C 308 -7.59 -28.82 28.08
N ALA C 309 -6.60 -28.76 27.19
CA ALA C 309 -5.23 -29.02 27.59
C ALA C 309 -4.27 -28.35 26.61
N VAL C 310 -3.07 -28.08 27.11
CA VAL C 310 -1.95 -27.69 26.26
C VAL C 310 -0.94 -28.82 26.30
N GLY C 311 -0.60 -29.36 25.13
CA GLY C 311 0.50 -30.30 25.03
C GLY C 311 1.82 -29.57 25.01
N VAL C 312 2.76 -30.01 25.84
CA VAL C 312 4.00 -29.29 26.08
C VAL C 312 5.18 -30.20 25.75
N ALA C 313 6.13 -29.68 24.98
CA ALA C 313 7.32 -30.43 24.59
C ALA C 313 8.22 -30.68 25.79
N ASP C 314 8.99 -31.78 25.72
CA ASP C 314 9.86 -32.17 26.83
C ASP C 314 10.87 -31.08 27.19
N HIS C 315 11.40 -30.37 26.19
CA HIS C 315 12.42 -29.36 26.50
C HIS C 315 11.83 -28.14 27.20
N ILE C 316 10.53 -27.89 27.05
CA ILE C 316 9.87 -26.84 27.82
C ILE C 316 9.76 -27.26 29.28
N VAL C 317 9.30 -28.50 29.51
CA VAL C 317 9.21 -29.06 30.85
C VAL C 317 10.57 -29.08 31.53
N ALA C 318 11.64 -29.30 30.76
CA ALA C 318 12.98 -29.32 31.32
C ALA C 318 13.33 -28.00 31.98
N GLU C 319 12.92 -26.89 31.37
CA GLU C 319 13.15 -25.59 31.99
C GLU C 319 12.40 -25.46 33.31
N LEU C 320 11.11 -25.82 33.31
CA LEU C 320 10.33 -25.78 34.54
C LEU C 320 10.93 -26.68 35.63
N ARG C 321 11.38 -27.87 35.25
CA ARG C 321 11.85 -28.84 36.23
C ARG C 321 13.25 -28.54 36.74
N GLU C 322 14.11 -27.97 35.91
CA GLU C 322 15.50 -27.75 36.32
C GLU C 322 15.73 -26.39 36.97
N LYS C 323 15.09 -25.32 36.44
CA LYS C 323 15.21 -24.02 37.08
C LYS C 323 14.27 -23.88 38.27
N GLY C 324 13.17 -24.62 38.28
CA GLY C 324 12.20 -24.50 39.35
C GLY C 324 11.51 -23.14 39.39
N GLY C 325 11.01 -22.80 40.58
CA GLY C 325 10.17 -21.64 40.74
C GLY C 325 8.73 -21.90 40.34
N ASP C 326 7.79 -21.25 41.01
CA ASP C 326 6.39 -21.39 40.65
C ASP C 326 6.16 -20.97 39.21
N PHE C 327 5.41 -21.76 38.46
CA PHE C 327 4.75 -21.28 37.25
C PHE C 327 3.37 -20.85 37.70
N ILE C 328 3.21 -19.56 37.95
CA ILE C 328 2.02 -19.06 38.64
C ILE C 328 0.89 -18.97 37.62
N HIS C 329 0.36 -20.14 37.26
CA HIS C 329 -0.62 -20.25 36.19
C HIS C 329 -1.45 -21.50 36.44
N GLY C 330 -2.76 -21.38 36.36
CA GLY C 330 -3.64 -22.52 36.49
C GLY C 330 -5.02 -22.10 36.97
N PHE C 331 -5.98 -23.01 36.79
CA PHE C 331 -7.39 -22.74 37.04
C PHE C 331 -7.96 -23.73 38.04
N THR C 332 -8.96 -23.29 38.80
CA THR C 332 -9.68 -24.17 39.72
C THR C 332 -9.98 -25.53 39.09
N TYR C 333 -10.49 -25.52 37.87
CA TYR C 333 -10.91 -26.75 37.20
C TYR C 333 -9.83 -27.34 36.31
N SER C 334 -8.59 -26.87 36.43
CA SER C 334 -7.47 -27.56 35.81
C SER C 334 -7.37 -28.98 36.34
N GLY C 335 -7.51 -29.95 35.45
CA GLY C 335 -7.42 -31.35 35.86
C GLY C 335 -8.68 -31.89 36.50
N HIS C 336 -9.84 -31.29 36.22
CA HIS C 336 -11.10 -31.68 36.84
C HIS C 336 -11.31 -33.19 36.70
N PRO C 337 -11.44 -33.92 37.81
CA PRO C 337 -11.41 -35.40 37.71
C PRO C 337 -12.58 -35.97 36.91
N THR C 338 -13.77 -35.38 37.03
CA THR C 338 -14.92 -35.89 36.29
C THR C 338 -14.77 -35.60 34.79
N ALA C 339 -14.39 -34.37 34.45
CA ALA C 339 -14.16 -34.03 33.04
C ALA C 339 -13.05 -34.88 32.44
N ALA C 340 -11.98 -35.12 33.20
CA ALA C 340 -10.88 -35.95 32.71
C ALA C 340 -11.35 -37.38 32.47
N ALA C 341 -12.17 -37.92 33.37
CA ALA C 341 -12.65 -39.29 33.21
C ALA C 341 -13.49 -39.45 31.95
N VAL C 342 -14.31 -38.45 31.64
CA VAL C 342 -15.12 -38.49 30.43
C VAL C 342 -14.23 -38.36 29.20
N ALA C 343 -13.23 -37.49 29.25
CA ALA C 343 -12.31 -37.35 28.13
C ALA C 343 -11.54 -38.64 27.88
N LEU C 344 -11.12 -39.31 28.96
CA LEU C 344 -10.40 -40.58 28.81
C LEU C 344 -11.30 -41.62 28.15
N LYS C 345 -12.54 -41.75 28.62
CA LYS C 345 -13.47 -42.70 28.01
C LYS C 345 -13.81 -42.31 26.57
N ASN C 346 -13.89 -41.01 26.29
CA ASN C 346 -14.12 -40.56 24.92
C ASN C 346 -13.01 -41.02 23.99
N ILE C 347 -11.76 -40.89 24.43
CA ILE C 347 -10.63 -41.35 23.62
C ILE C 347 -10.71 -42.85 23.41
N GLU C 348 -11.07 -43.59 24.47
CA GLU C 348 -11.17 -45.04 24.39
C GLU C 348 -12.23 -45.47 23.40
N ILE C 349 -13.35 -44.73 23.34
CA ILE C 349 -14.37 -45.00 22.33
C ILE C 349 -13.80 -44.81 20.93
N MET C 350 -13.09 -43.69 20.72
CA MET C 350 -12.46 -43.44 19.43
C MET C 350 -11.51 -44.57 19.05
N GLU C 351 -10.70 -45.03 20.01
CA GLU C 351 -9.80 -46.15 19.77
C GLU C 351 -10.57 -47.42 19.42
N ARG C 352 -11.54 -47.78 20.27
CA ARG C 352 -12.29 -49.02 20.09
C ARG C 352 -12.97 -49.08 18.73
N GLU C 353 -13.57 -47.98 18.30
CA GLU C 353 -14.31 -47.92 17.05
C GLU C 353 -13.45 -47.47 15.86
N GLY C 354 -12.16 -47.24 16.07
CA GLY C 354 -11.27 -46.86 14.98
C GLY C 354 -11.60 -45.57 14.25
N LEU C 355 -12.08 -44.55 14.97
CA LEU C 355 -12.60 -43.34 14.33
C LEU C 355 -11.53 -42.51 13.63
N VAL C 356 -10.30 -42.53 14.12
CA VAL C 356 -9.24 -41.79 13.46
C VAL C 356 -8.94 -42.39 12.09
N GLU C 357 -8.72 -43.71 12.07
CA GLU C 357 -8.41 -44.39 10.81
C GLU C 357 -9.61 -44.38 9.86
N ARG C 358 -10.82 -44.56 10.40
CA ARG C 358 -12.02 -44.49 9.55
C ARG C 358 -12.12 -43.14 8.85
N THR C 359 -11.84 -42.06 9.58
CA THR C 359 -11.87 -40.72 8.97
C THR C 359 -10.81 -40.60 7.88
N ARG C 360 -9.61 -41.10 8.14
CA ARG C 360 -8.53 -41.01 7.16
C ARG C 360 -8.80 -41.83 5.92
N ASP C 361 -9.31 -43.06 6.09
CA ASP C 361 -9.36 -44.01 4.97
C ASP C 361 -10.74 -44.15 4.34
N GLU C 362 -11.82 -43.83 5.07
CA GLU C 362 -13.16 -44.07 4.56
C GLU C 362 -13.99 -42.80 4.47
N THR C 363 -14.42 -42.22 5.61
CA THR C 363 -15.39 -41.13 5.56
C THR C 363 -14.79 -39.85 5.00
N GLY C 364 -13.51 -39.59 5.25
CA GLY C 364 -12.84 -38.44 4.70
C GLY C 364 -12.84 -38.45 3.19
N PRO C 365 -12.27 -39.50 2.59
CA PRO C 365 -12.35 -39.63 1.13
C PRO C 365 -13.77 -39.62 0.58
N TYR C 366 -14.71 -40.28 1.26
CA TYR C 366 -16.10 -40.27 0.77
C TYR C 366 -16.68 -38.86 0.76
N LEU C 367 -16.41 -38.08 1.81
CA LEU C 367 -16.91 -36.71 1.85
C LEU C 367 -16.35 -35.90 0.68
N ALA C 368 -15.06 -36.06 0.39
CA ALA C 368 -14.47 -35.42 -0.77
C ALA C 368 -15.18 -35.83 -2.05
N GLN C 369 -15.43 -37.15 -2.20
CA GLN C 369 -16.13 -37.63 -3.38
C GLN C 369 -17.54 -37.08 -3.45
N ALA C 370 -18.24 -37.04 -2.32
CA ALA C 370 -19.61 -36.51 -2.30
C ALA C 370 -19.63 -35.02 -2.58
N LEU C 371 -18.74 -34.25 -1.95
CA LEU C 371 -18.70 -32.81 -2.16
C LEU C 371 -18.34 -32.47 -3.60
N ALA C 372 -17.50 -33.29 -4.24
CA ALA C 372 -17.10 -33.02 -5.61
C ALA C 372 -18.29 -33.07 -6.57
N SER C 373 -19.34 -33.81 -6.23
CA SER C 373 -20.53 -33.84 -7.06
C SER C 373 -21.24 -32.49 -7.15
N LEU C 374 -20.93 -31.57 -6.24
CA LEU C 374 -21.48 -30.22 -6.30
C LEU C 374 -20.73 -29.32 -7.28
N ASN C 375 -19.61 -29.81 -7.83
CA ASN C 375 -18.75 -28.97 -8.67
C ASN C 375 -19.48 -28.43 -9.89
N ASP C 376 -20.50 -29.14 -10.38
CA ASP C 376 -21.23 -28.72 -11.56
C ASP C 376 -22.34 -27.71 -11.26
N HIS C 377 -22.58 -27.39 -9.99
CA HIS C 377 -23.64 -26.45 -9.67
C HIS C 377 -23.27 -25.04 -10.14
N PRO C 378 -24.23 -24.30 -10.70
CA PRO C 378 -23.91 -22.94 -11.19
C PRO C 378 -23.45 -21.98 -10.12
N LEU C 379 -23.72 -22.26 -8.83
CA LEU C 379 -23.32 -21.36 -7.75
C LEU C 379 -21.99 -21.73 -7.12
N VAL C 380 -21.43 -22.89 -7.43
CA VAL C 380 -20.30 -23.44 -6.69
C VAL C 380 -19.01 -23.04 -7.39
N GLY C 381 -18.13 -22.34 -6.66
CA GLY C 381 -16.84 -21.94 -7.21
C GLY C 381 -15.73 -22.91 -6.90
N GLU C 382 -15.84 -23.62 -5.79
CA GLU C 382 -14.82 -24.54 -5.32
C GLU C 382 -15.37 -25.34 -4.14
N VAL C 383 -15.03 -26.62 -4.09
CA VAL C 383 -15.21 -27.42 -2.90
C VAL C 383 -13.85 -27.96 -2.48
N ARG C 384 -13.63 -28.04 -1.17
CA ARG C 384 -12.37 -28.55 -0.63
C ARG C 384 -12.69 -29.22 0.70
N SER C 385 -11.87 -30.22 1.05
CA SER C 385 -12.08 -30.93 2.30
C SER C 385 -10.82 -31.70 2.66
N LEU C 386 -10.71 -32.03 3.93
CA LEU C 386 -9.65 -32.90 4.44
C LEU C 386 -10.22 -33.62 5.66
N GLY C 387 -10.17 -34.94 5.64
CA GLY C 387 -10.93 -35.69 6.64
C GLY C 387 -12.40 -35.32 6.57
N LEU C 388 -13.00 -35.12 7.75
CA LEU C 388 -14.40 -34.75 7.86
C LEU C 388 -14.58 -33.26 8.17
N ILE C 389 -13.80 -32.39 7.53
CA ILE C 389 -14.02 -30.96 7.54
C ILE C 389 -14.02 -30.49 6.09
N GLY C 390 -14.94 -29.60 5.74
CA GLY C 390 -15.08 -29.21 4.34
C GLY C 390 -15.75 -27.86 4.19
N ALA C 391 -15.69 -27.36 2.96
CA ALA C 391 -16.20 -26.02 2.65
C ALA C 391 -16.68 -25.98 1.20
N VAL C 392 -17.77 -25.24 0.98
CA VAL C 392 -18.30 -25.00 -0.36
C VAL C 392 -18.32 -23.49 -0.60
N GLU C 393 -17.67 -23.04 -1.66
CA GLU C 393 -17.59 -21.63 -2.00
C GLU C 393 -18.75 -21.24 -2.90
N ILE C 394 -19.44 -20.16 -2.54
CA ILE C 394 -20.54 -19.61 -3.33
C ILE C 394 -20.01 -18.42 -4.14
N VAL C 395 -20.20 -18.47 -5.46
CA VAL C 395 -19.74 -17.41 -6.36
C VAL C 395 -20.87 -17.00 -7.27
N ARG C 396 -20.81 -15.77 -7.78
CA ARG C 396 -21.77 -15.29 -8.75
C ARG C 396 -21.37 -15.57 -10.19
N GLU C 397 -20.15 -16.06 -10.42
CA GLU C 397 -19.67 -16.30 -11.77
C GLU C 397 -18.77 -17.53 -11.76
N LYS C 398 -19.19 -18.58 -12.46
CA LYS C 398 -18.43 -19.83 -12.53
C LYS C 398 -17.01 -19.57 -13.01
N GLY C 399 -16.06 -20.32 -12.45
CA GLY C 399 -14.67 -20.20 -12.83
C GLY C 399 -13.95 -18.98 -12.28
N THR C 400 -14.55 -18.26 -11.35
CA THR C 400 -13.94 -17.10 -10.70
C THR C 400 -14.14 -17.21 -9.20
N ASN C 401 -13.59 -16.25 -8.46
CA ASN C 401 -13.93 -16.08 -7.05
C ASN C 401 -14.80 -14.85 -6.82
N HIS C 402 -15.49 -14.39 -7.85
CA HIS C 402 -16.35 -13.22 -7.72
C HIS C 402 -17.56 -13.55 -6.86
N ARG C 403 -17.91 -12.63 -5.98
CA ARG C 403 -18.97 -12.84 -5.00
C ARG C 403 -20.18 -11.98 -5.33
N PHE C 404 -21.35 -12.45 -4.91
CA PHE C 404 -22.58 -11.72 -5.15
C PHE C 404 -22.53 -10.34 -4.52
N LEU C 405 -22.99 -9.34 -5.27
CA LEU C 405 -22.97 -7.93 -4.91
C LEU C 405 -21.55 -7.40 -4.70
N ASP C 406 -20.54 -8.17 -5.09
CA ASP C 406 -19.14 -7.87 -4.77
C ASP C 406 -18.98 -7.49 -3.29
N LYS C 407 -19.67 -8.25 -2.44
CA LYS C 407 -19.73 -7.94 -1.01
C LYS C 407 -19.87 -9.29 -0.28
N GLU C 408 -18.72 -9.90 -0.01
CA GLU C 408 -18.66 -11.19 0.65
C GLU C 408 -19.51 -11.22 1.91
N GLY C 409 -20.34 -12.25 2.03
CA GLY C 409 -21.17 -12.45 3.21
C GLY C 409 -22.65 -12.20 3.00
N GLU C 410 -23.07 -11.88 1.78
CA GLU C 410 -24.49 -11.76 1.48
C GLU C 410 -25.09 -13.09 1.06
N ALA C 411 -24.39 -13.82 0.19
CA ALA C 411 -24.91 -15.08 -0.32
C ALA C 411 -24.89 -16.17 0.75
N GLY C 412 -23.83 -16.21 1.56
CA GLY C 412 -23.65 -17.21 2.57
C GLY C 412 -24.86 -17.48 3.46
N PRO C 413 -25.28 -16.47 4.23
CA PRO C 413 -26.40 -16.68 5.16
C PRO C 413 -27.69 -17.14 4.49
N ILE C 414 -27.95 -16.72 3.25
CA ILE C 414 -29.16 -17.14 2.57
C ILE C 414 -29.15 -18.65 2.31
N VAL C 415 -28.03 -19.17 1.80
CA VAL C 415 -27.92 -20.60 1.57
C VAL C 415 -27.94 -21.36 2.90
N ARG C 416 -27.22 -20.85 3.90
CA ARG C 416 -27.21 -21.48 5.22
C ARG C 416 -28.63 -21.65 5.77
N ASP C 417 -29.41 -20.57 5.74
CA ASP C 417 -30.76 -20.63 6.30
C ASP C 417 -31.64 -21.62 5.55
N LEU C 418 -31.42 -21.77 4.24
CA LEU C 418 -32.16 -22.77 3.48
C LEU C 418 -31.73 -24.18 3.87
N CYS C 419 -30.43 -24.38 4.08
CA CYS C 419 -29.94 -25.67 4.60
C CYS C 419 -30.63 -26.04 5.91
N ILE C 420 -30.68 -25.09 6.86
CA ILE C 420 -31.26 -25.38 8.17
C ILE C 420 -32.74 -25.67 8.03
N LYS C 421 -33.44 -24.92 7.17
CA LYS C 421 -34.86 -25.19 6.92
C LYS C 421 -35.04 -26.60 6.35
N ASN C 422 -34.11 -27.03 5.51
CA ASN C 422 -34.17 -28.34 4.86
C ASN C 422 -33.61 -29.46 5.72
N GLY C 423 -33.30 -29.20 6.98
CA GLY C 423 -32.91 -30.23 7.92
C GLY C 423 -31.44 -30.48 8.07
N LEU C 424 -30.58 -29.50 7.75
CA LEU C 424 -29.14 -29.67 7.87
C LEU C 424 -28.57 -28.42 8.53
N MET C 425 -27.88 -28.63 9.65
CA MET C 425 -27.14 -27.55 10.31
C MET C 425 -25.76 -27.46 9.69
N VAL C 426 -25.53 -26.40 8.92
CA VAL C 426 -24.21 -26.01 8.47
C VAL C 426 -24.10 -24.51 8.70
N ARG C 427 -22.88 -24.01 8.69
CA ARG C 427 -22.63 -22.60 8.94
C ARG C 427 -22.13 -21.91 7.68
N ALA C 428 -22.45 -20.64 7.56
CA ALA C 428 -21.91 -19.79 6.51
C ALA C 428 -20.83 -18.91 7.12
N ILE C 429 -19.60 -19.07 6.64
CA ILE C 429 -18.50 -18.18 6.97
C ILE C 429 -18.19 -17.41 5.70
N ARG C 430 -18.50 -16.11 5.71
CA ARG C 430 -18.50 -15.28 4.50
C ARG C 430 -19.44 -15.96 3.50
N ASP C 431 -19.00 -16.23 2.27
CA ASP C 431 -19.80 -16.96 1.30
C ASP C 431 -19.35 -18.41 1.15
N SER C 432 -18.85 -19.00 2.23
CA SER C 432 -18.43 -20.39 2.27
C SER C 432 -19.37 -21.18 3.18
N ILE C 433 -19.97 -22.23 2.63
CA ILE C 433 -20.73 -23.19 3.44
C ILE C 433 -19.78 -24.25 3.94
N VAL C 434 -19.71 -24.42 5.27
CA VAL C 434 -18.74 -25.31 5.88
C VAL C 434 -19.47 -26.42 6.63
N CYS C 435 -18.79 -27.55 6.78
CA CYS C 435 -19.34 -28.68 7.51
C CYS C 435 -18.24 -29.35 8.33
N CYS C 436 -18.66 -29.97 9.43
CA CYS C 436 -17.75 -30.62 10.37
C CYS C 436 -18.54 -31.66 11.15
N PRO C 437 -18.98 -32.74 10.51
CA PRO C 437 -19.95 -33.64 11.15
C PRO C 437 -19.28 -34.56 12.14
N PRO C 438 -20.06 -35.25 12.99
CA PRO C 438 -19.47 -36.26 13.88
C PRO C 438 -18.75 -37.33 13.08
N LEU C 439 -17.67 -37.86 13.66
CA LEU C 439 -16.87 -38.87 12.96
C LEU C 439 -17.64 -40.16 12.72
N ILE C 440 -18.75 -40.38 13.43
CA ILE C 440 -19.56 -41.58 13.25
C ILE C 440 -20.53 -41.47 12.10
N ILE C 441 -20.55 -40.35 11.39
CA ILE C 441 -21.46 -40.17 10.27
C ILE C 441 -21.25 -41.28 9.24
N THR C 442 -22.36 -41.80 8.71
CA THR C 442 -22.32 -42.85 7.70
C THR C 442 -22.24 -42.24 6.30
N LYS C 443 -21.86 -43.09 5.33
CA LYS C 443 -21.86 -42.66 3.93
C LYS C 443 -23.24 -42.21 3.49
N ALA C 444 -24.28 -42.95 3.91
CA ALA C 444 -25.64 -42.55 3.57
C ALA C 444 -25.96 -41.17 4.14
N GLN C 445 -25.52 -40.90 5.36
CA GLN C 445 -25.76 -39.59 5.97
C GLN C 445 -24.91 -38.50 5.33
N ILE C 446 -23.70 -38.83 4.87
CA ILE C 446 -22.92 -37.87 4.10
C ILE C 446 -23.65 -37.51 2.81
N ASP C 447 -24.24 -38.50 2.15
CA ASP C 447 -25.02 -38.21 0.95
C ASP C 447 -26.23 -37.34 1.27
N GLU C 448 -26.88 -37.59 2.41
CA GLU C 448 -27.98 -36.73 2.84
C GLU C 448 -27.49 -35.30 3.06
N LEU C 449 -26.35 -35.15 3.75
CA LEU C 449 -25.77 -33.82 3.97
C LEU C 449 -25.54 -33.09 2.66
N VAL C 450 -24.86 -33.74 1.70
CA VAL C 450 -24.56 -33.09 0.42
C VAL C 450 -25.84 -32.81 -0.36
N GLY C 451 -26.79 -33.76 -0.34
CA GLY C 451 -28.03 -33.55 -1.07
C GLY C 451 -28.80 -32.34 -0.58
N ILE C 452 -28.84 -32.13 0.73
CA ILE C 452 -29.53 -30.96 1.27
C ILE C 452 -28.82 -29.67 0.86
N ILE C 453 -27.49 -29.68 0.83
CA ILE C 453 -26.75 -28.52 0.36
C ILE C 453 -27.14 -28.19 -1.08
N ARG C 454 -27.16 -29.20 -1.95
CA ARG C 454 -27.53 -28.98 -3.34
C ARG C 454 -28.96 -28.47 -3.46
N LYS C 455 -29.90 -29.12 -2.76
CA LYS C 455 -31.28 -28.66 -2.72
C LYS C 455 -31.38 -27.20 -2.29
N SER C 456 -30.60 -26.82 -1.27
CA SER C 456 -30.64 -25.44 -0.78
C SER C 456 -29.99 -24.49 -1.77
N LEU C 457 -28.91 -24.92 -2.43
CA LEU C 457 -28.30 -24.09 -3.48
C LEU C 457 -29.28 -23.84 -4.62
N ASP C 458 -30.01 -24.88 -5.05
CA ASP C 458 -31.01 -24.71 -6.09
C ASP C 458 -32.07 -23.68 -5.68
N GLU C 459 -32.57 -23.78 -4.45
CA GLU C 459 -33.56 -22.80 -3.98
C GLU C 459 -32.95 -21.42 -3.81
N ALA C 460 -31.68 -21.35 -3.43
CA ALA C 460 -31.02 -20.06 -3.23
C ALA C 460 -30.72 -19.37 -4.55
N GLU C 461 -30.57 -20.12 -5.64
CA GLU C 461 -30.13 -19.52 -6.90
C GLU C 461 -31.03 -18.39 -7.38
N PRO C 462 -32.36 -18.52 -7.44
CA PRO C 462 -33.17 -17.38 -7.92
C PRO C 462 -33.08 -16.16 -7.03
N VAL C 463 -33.07 -16.34 -5.70
CA VAL C 463 -32.98 -15.20 -4.80
C VAL C 463 -31.61 -14.53 -4.90
N LEU C 464 -30.54 -15.32 -5.05
CA LEU C 464 -29.21 -14.72 -5.17
C LEU C 464 -29.07 -13.94 -6.47
N ARG C 465 -29.59 -14.47 -7.57
CA ARG C 465 -29.56 -13.75 -8.85
C ARG C 465 -30.32 -12.44 -8.77
N ALA C 466 -31.33 -12.36 -7.90
CA ALA C 466 -32.19 -11.20 -7.77
C ALA C 466 -31.63 -10.10 -6.87
N LEU C 467 -30.45 -10.29 -6.28
CA LEU C 467 -29.93 -9.31 -5.31
C LEU C 467 -29.63 -7.97 -5.97
N HIS D 14 -5.46 40.92 -34.81
CA HIS D 14 -5.91 39.53 -34.81
C HIS D 14 -6.33 39.05 -36.19
N ASP D 15 -5.81 37.90 -36.59
CA ASP D 15 -6.30 37.19 -37.77
C ASP D 15 -7.55 36.43 -37.35
N ILE D 16 -8.72 37.05 -37.59
CA ILE D 16 -9.97 36.47 -37.10
C ILE D 16 -10.24 35.13 -37.80
N ALA D 17 -10.04 35.07 -39.11
CA ALA D 17 -10.26 33.83 -39.85
C ALA D 17 -9.39 32.71 -39.31
N GLU D 18 -8.13 32.99 -39.00
CA GLU D 18 -7.25 31.96 -38.48
C GLU D 18 -7.64 31.55 -37.06
N LEU D 19 -8.03 32.52 -36.23
CA LEU D 19 -8.49 32.19 -34.88
C LEU D 19 -9.68 31.26 -34.90
N LYS D 20 -10.61 31.48 -35.83
CA LYS D 20 -11.76 30.58 -35.98
C LYS D 20 -11.33 29.19 -36.42
N ARG D 21 -10.36 29.12 -37.33
CA ARG D 21 -9.83 27.82 -37.75
C ARG D 21 -9.16 27.11 -36.58
N LEU D 22 -8.29 27.83 -35.84
CA LEU D 22 -7.64 27.23 -34.68
C LEU D 22 -8.65 26.87 -33.61
N ASP D 23 -9.72 27.67 -33.48
CA ASP D 23 -10.77 27.36 -32.50
C ASP D 23 -11.37 25.98 -32.78
N LEU D 24 -11.75 25.73 -34.04
CA LEU D 24 -12.31 24.43 -34.40
C LEU D 24 -11.27 23.33 -34.25
N ALA D 25 -10.02 23.62 -34.59
CA ALA D 25 -8.99 22.59 -34.61
C ALA D 25 -8.55 22.18 -33.21
N HIS D 26 -8.70 23.06 -32.21
CA HIS D 26 -8.05 22.82 -30.92
C HIS D 26 -8.86 23.19 -29.69
N HIS D 27 -9.97 23.92 -29.80
CA HIS D 27 -10.68 24.42 -28.63
C HIS D 27 -12.05 23.76 -28.49
N LEU D 28 -12.39 23.35 -27.26
CA LEU D 28 -13.73 22.88 -26.93
C LEU D 28 -14.40 23.88 -26.00
N PRO D 29 -15.30 24.72 -26.51
CA PRO D 29 -15.95 25.73 -25.65
C PRO D 29 -16.80 25.10 -24.57
N ALA D 30 -17.01 25.89 -23.50
CA ALA D 30 -17.81 25.43 -22.37
C ALA D 30 -19.30 25.39 -22.70
N GLN D 31 -19.97 24.37 -22.17
CA GLN D 31 -21.43 24.23 -22.24
C GLN D 31 -21.96 24.53 -23.64
N ALA D 32 -21.42 23.82 -24.62
CA ALA D 32 -21.67 24.12 -26.02
C ALA D 32 -22.02 22.84 -26.78
N ASP D 33 -22.74 23.04 -27.89
CA ASP D 33 -22.91 22.02 -28.91
C ASP D 33 -21.81 22.23 -29.95
N HIS D 34 -20.85 21.32 -29.99
CA HIS D 34 -19.67 21.51 -30.84
C HIS D 34 -19.97 21.25 -32.30
N LYS D 35 -21.02 20.49 -32.61
CA LYS D 35 -21.54 20.42 -33.97
C LYS D 35 -22.05 21.79 -34.42
N VAL D 36 -22.77 22.48 -33.54
CA VAL D 36 -23.26 23.82 -33.85
C VAL D 36 -22.10 24.80 -34.00
N ILE D 37 -21.08 24.69 -33.15
CA ILE D 37 -19.92 25.57 -33.26
C ILE D 37 -19.23 25.35 -34.60
N ALA D 38 -19.03 24.09 -34.99
CA ALA D 38 -18.45 23.79 -36.29
C ALA D 38 -19.31 24.34 -37.43
N GLU D 39 -20.62 24.16 -37.33
CA GLU D 39 -21.51 24.58 -38.42
C GLU D 39 -21.55 26.09 -38.62
N GLN D 40 -21.13 26.87 -37.63
CA GLN D 40 -20.99 28.31 -37.81
C GLN D 40 -19.55 28.71 -38.11
N GLY D 41 -18.67 27.75 -38.38
CA GLY D 41 -17.31 28.04 -38.76
C GLY D 41 -16.39 28.44 -37.63
N GLY D 42 -16.68 28.01 -36.42
CA GLY D 42 -15.89 28.37 -35.25
C GLY D 42 -16.61 29.37 -34.36
N SER D 43 -16.07 29.52 -33.15
CA SER D 43 -16.63 30.44 -32.19
C SER D 43 -16.60 31.88 -32.72
N ARG D 44 -17.59 32.65 -32.30
CA ARG D 44 -17.56 34.09 -32.53
C ARG D 44 -16.50 34.71 -31.64
N ILE D 45 -15.61 35.51 -32.24
CA ILE D 45 -14.42 35.99 -31.55
C ILE D 45 -14.72 37.34 -30.90
N ILE D 46 -14.61 37.40 -29.59
CA ILE D 46 -14.67 38.65 -28.85
C ILE D 46 -13.25 39.10 -28.57
N THR D 47 -12.90 40.31 -29.00
CA THR D 47 -11.52 40.76 -28.97
C THR D 47 -11.24 41.85 -27.95
N ARG D 48 -12.18 42.76 -27.69
CA ARG D 48 -11.94 43.85 -26.75
C ARG D 48 -13.26 44.27 -26.12
N ALA D 49 -13.17 45.04 -25.04
CA ALA D 49 -14.34 45.58 -24.35
C ALA D 49 -13.92 46.75 -23.47
N GLU D 50 -14.87 47.65 -23.19
CA GLU D 50 -14.69 48.73 -22.21
C GLU D 50 -16.08 49.22 -21.81
N GLY D 51 -16.20 49.66 -20.56
CA GLY D 51 -17.47 50.15 -20.05
C GLY D 51 -18.43 49.00 -19.96
N VAL D 52 -19.52 49.04 -20.74
CA VAL D 52 -20.50 47.94 -20.79
C VAL D 52 -20.56 47.30 -22.16
N TYR D 53 -19.61 47.62 -23.04
CA TYR D 53 -19.65 47.19 -24.43
C TYR D 53 -18.52 46.22 -24.74
N ILE D 54 -18.83 45.21 -25.56
CA ILE D 54 -17.85 44.28 -26.09
C ILE D 54 -17.80 44.45 -27.59
N HIS D 55 -16.71 43.97 -28.19
CA HIS D 55 -16.49 44.09 -29.63
C HIS D 55 -16.05 42.73 -30.17
N ASP D 56 -16.65 42.32 -31.29
CA ASP D 56 -16.33 41.02 -31.86
C ASP D 56 -15.34 41.15 -33.02
N GLY D 57 -14.99 40.00 -33.62
CA GLY D 57 -13.97 39.98 -34.65
C GLY D 57 -14.32 40.76 -35.90
N GLU D 58 -15.61 40.90 -36.19
CA GLU D 58 -16.06 41.61 -37.36
C GLU D 58 -16.39 43.07 -37.07
N GLY D 59 -16.00 43.57 -35.90
CA GLY D 59 -16.16 44.97 -35.57
C GLY D 59 -17.48 45.34 -34.92
N HIS D 60 -18.34 44.36 -34.62
CA HIS D 60 -19.63 44.67 -34.02
C HIS D 60 -19.48 45.08 -32.56
N GLN D 61 -20.05 46.23 -32.22
CA GLN D 61 -20.19 46.67 -30.84
C GLN D 61 -21.46 46.08 -30.25
N ILE D 62 -21.35 45.44 -29.09
CA ILE D 62 -22.49 44.80 -28.44
C ILE D 62 -22.60 45.35 -27.03
N LEU D 63 -23.77 45.88 -26.70
CA LEU D 63 -24.11 46.20 -25.32
C LEU D 63 -24.18 44.89 -24.54
N ASP D 64 -23.26 44.67 -23.62
CA ASP D 64 -23.20 43.39 -22.90
C ASP D 64 -24.17 43.45 -21.74
N GLY D 65 -25.42 43.06 -22.01
CA GLY D 65 -26.41 43.02 -20.96
C GLY D 65 -26.27 41.88 -19.98
N MET D 66 -25.24 41.04 -20.14
CA MET D 66 -24.99 39.93 -19.25
C MET D 66 -23.72 40.11 -18.42
N ALA D 67 -23.02 41.23 -18.57
CA ALA D 67 -21.79 41.52 -17.85
C ALA D 67 -20.82 40.34 -17.91
N GLY D 68 -20.48 39.95 -19.14
CA GLY D 68 -19.64 38.79 -19.36
C GLY D 68 -20.40 37.50 -19.16
N LEU D 69 -20.36 36.96 -17.94
CA LEU D 69 -21.17 35.82 -17.55
C LEU D 69 -21.73 36.08 -16.13
N TRP D 70 -22.65 37.03 -16.05
CA TRP D 70 -23.26 37.45 -14.78
C TRP D 70 -22.23 37.98 -13.78
N CYS D 71 -21.09 38.50 -14.26
CA CYS D 71 -19.97 38.63 -13.33
C CYS D 71 -19.18 39.94 -13.41
N VAL D 72 -19.12 40.62 -14.56
CA VAL D 72 -18.26 41.80 -14.67
C VAL D 72 -18.98 43.01 -14.07
N ASN D 73 -19.02 43.06 -12.74
CA ASN D 73 -19.88 44.03 -12.06
C ASN D 73 -19.34 45.45 -12.14
N VAL D 74 -18.02 45.64 -12.04
CA VAL D 74 -17.45 46.98 -12.11
C VAL D 74 -17.23 47.46 -13.54
N GLY D 75 -17.59 46.65 -14.53
CA GLY D 75 -17.42 47.02 -15.93
C GLY D 75 -16.04 46.71 -16.47
N TYR D 76 -15.95 46.76 -17.79
CA TYR D 76 -14.69 46.54 -18.48
C TYR D 76 -13.85 47.81 -18.50
N GLY D 77 -12.54 47.63 -18.69
CA GLY D 77 -11.63 48.75 -18.87
C GLY D 77 -10.97 49.28 -17.63
N ARG D 78 -10.86 48.47 -16.58
CA ARG D 78 -10.31 48.91 -15.29
C ARG D 78 -8.80 48.74 -15.31
N GLU D 79 -8.09 49.78 -15.75
CA GLU D 79 -6.62 49.75 -15.65
C GLU D 79 -6.18 49.53 -14.21
N GLU D 80 -6.94 50.04 -13.25
CA GLU D 80 -6.61 49.87 -11.84
C GLU D 80 -6.52 48.41 -11.45
N LEU D 81 -7.37 47.56 -12.03
CA LEU D 81 -7.34 46.15 -11.72
C LEU D 81 -6.18 45.45 -12.41
N ALA D 82 -5.88 45.85 -13.65
CA ALA D 82 -4.67 45.35 -14.32
C ALA D 82 -3.43 45.72 -13.53
N LYS D 83 -3.37 46.95 -13.01
CA LYS D 83 -2.20 47.39 -12.26
C LYS D 83 -2.04 46.59 -10.96
N ALA D 84 -3.15 46.36 -10.25
CA ALA D 84 -3.09 45.56 -9.02
C ALA D 84 -2.56 44.16 -9.31
N ALA D 85 -2.96 43.57 -10.45
CA ALA D 85 -2.44 42.26 -10.83
C ALA D 85 -0.95 42.33 -11.13
N TYR D 86 -0.54 43.29 -11.96
CA TYR D 86 0.87 43.46 -12.30
C TYR D 86 1.74 43.57 -11.05
N ASP D 87 1.33 44.43 -10.11
CA ASP D 87 2.16 44.71 -8.94
C ASP D 87 2.34 43.47 -8.07
N GLN D 88 1.26 42.71 -7.85
CA GLN D 88 1.37 41.51 -7.04
C GLN D 88 2.21 40.44 -7.74
N MET D 89 2.06 40.31 -9.06
CA MET D 89 2.82 39.29 -9.78
C MET D 89 4.31 39.59 -9.77
N LEU D 90 4.69 40.87 -9.70
CA LEU D 90 6.10 41.20 -9.56
C LEU D 90 6.63 40.81 -8.18
N GLU D 91 5.85 41.09 -7.14
CA GLU D 91 6.31 40.81 -5.78
C GLU D 91 6.15 39.33 -5.44
N LEU D 92 4.97 38.77 -5.64
CA LEU D 92 4.82 37.37 -5.28
C LEU D 92 3.68 36.78 -6.07
N PRO D 93 3.96 36.18 -7.23
CA PRO D 93 2.87 35.70 -8.09
C PRO D 93 2.13 34.52 -7.49
N TYR D 94 2.82 33.65 -6.76
CA TYR D 94 2.16 32.49 -6.17
C TYR D 94 2.89 32.03 -4.92
N TYR D 95 2.11 31.66 -3.90
CA TYR D 95 2.54 30.66 -2.94
C TYR D 95 1.30 30.00 -2.34
N ASN D 96 1.50 28.81 -1.78
CA ASN D 96 0.42 27.96 -1.35
C ASN D 96 -0.02 28.29 0.08
N THR D 97 -1.22 27.84 0.41
CA THR D 97 -1.72 27.84 1.79
C THR D 97 -1.76 26.43 2.37
N PHE D 98 -0.95 25.52 1.83
CA PHE D 98 -0.90 24.12 2.25
C PHE D 98 0.09 23.90 3.41
N PHE D 99 1.20 24.62 3.41
CA PHE D 99 2.34 24.29 4.28
C PHE D 99 2.34 25.14 5.55
N LYS D 100 1.18 25.26 6.21
CA LYS D 100 1.01 26.21 7.31
C LYS D 100 1.43 27.62 6.89
N THR D 101 1.31 27.91 5.60
CA THR D 101 1.73 29.18 5.03
C THR D 101 0.54 29.97 4.52
N ALA D 102 0.77 31.27 4.33
CA ALA D 102 -0.17 32.13 3.65
C ALA D 102 0.60 33.33 3.14
N THR D 103 -0.09 34.17 2.37
CA THR D 103 0.46 35.41 1.82
C THR D 103 -0.47 36.55 2.16
N PRO D 104 0.01 37.79 2.09
CA PRO D 104 -0.79 38.94 2.55
C PRO D 104 -2.12 39.09 1.82
N PRO D 105 -2.16 39.01 0.48
CA PRO D 105 -3.42 39.34 -0.24
C PRO D 105 -4.61 38.51 0.20
N PRO D 106 -4.51 37.17 0.27
CA PRO D 106 -5.70 36.41 0.68
C PRO D 106 -6.12 36.68 2.10
N ILE D 107 -5.18 37.07 2.97
CA ILE D 107 -5.54 37.40 4.35
C ILE D 107 -6.29 38.72 4.40
N GLU D 108 -5.78 39.74 3.71
CA GLU D 108 -6.46 41.03 3.67
C GLU D 108 -7.81 40.91 2.99
N LEU D 109 -7.87 40.15 1.88
CA LEU D 109 -9.16 39.91 1.23
C LEU D 109 -10.11 39.17 2.15
N ALA D 110 -9.61 38.21 2.93
CA ALA D 110 -10.47 37.48 3.85
C ALA D 110 -11.13 38.40 4.87
N ALA D 111 -10.36 39.34 5.42
CA ALA D 111 -10.94 40.32 6.34
C ALA D 111 -11.96 41.20 5.65
N LYS D 112 -11.69 41.59 4.41
CA LYS D 112 -12.62 42.45 3.67
C LYS D 112 -13.93 41.72 3.37
N ILE D 113 -13.83 40.48 2.89
CA ILE D 113 -15.04 39.70 2.62
C ILE D 113 -15.85 39.49 3.90
N ALA D 114 -15.16 39.20 5.01
CA ALA D 114 -15.86 39.02 6.29
C ALA D 114 -16.59 40.29 6.69
N GLN D 115 -15.98 41.46 6.45
CA GLN D 115 -16.64 42.72 6.77
C GLN D 115 -17.92 42.88 5.96
N LYS D 116 -17.90 42.46 4.69
CA LYS D 116 -19.09 42.56 3.84
C LYS D 116 -20.12 41.48 4.15
N MET D 117 -19.69 40.32 4.65
CA MET D 117 -20.64 39.25 4.94
C MET D 117 -21.46 39.54 6.18
N GLY D 118 -20.83 40.07 7.22
CA GLY D 118 -21.47 40.34 8.50
C GLY D 118 -22.05 39.09 9.14
N GLY D 119 -22.93 39.33 10.11
CA GLY D 119 -23.47 38.24 10.91
C GLY D 119 -22.36 37.41 11.53
N HIS D 120 -22.60 36.10 11.62
CA HIS D 120 -21.61 35.18 12.17
C HIS D 120 -20.69 34.60 11.10
N LEU D 121 -20.83 35.02 9.84
CA LEU D 121 -19.94 34.58 8.78
C LEU D 121 -18.59 35.28 8.90
N SER D 122 -17.66 34.67 9.61
CA SER D 122 -16.41 35.32 9.95
C SER D 122 -15.21 34.89 9.10
N HIS D 123 -15.26 33.70 8.51
CA HIS D 123 -14.10 33.12 7.84
C HIS D 123 -14.44 32.80 6.39
N VAL D 124 -13.40 32.69 5.57
CA VAL D 124 -13.55 32.31 4.16
C VAL D 124 -12.57 31.20 3.83
N PHE D 125 -13.03 30.25 3.02
CA PHE D 125 -12.19 29.22 2.41
C PHE D 125 -12.12 29.52 0.92
N TYR D 126 -10.91 29.50 0.36
CA TYR D 126 -10.69 29.97 -1.01
C TYR D 126 -10.64 28.82 -2.00
N ASN D 127 -11.13 29.12 -3.21
CA ASN D 127 -10.99 28.24 -4.37
C ASN D 127 -10.84 29.14 -5.60
N SER D 128 -11.04 28.58 -6.78
CA SER D 128 -10.98 29.34 -8.03
C SER D 128 -12.35 29.60 -8.64
N SER D 129 -13.22 28.59 -8.69
CA SER D 129 -14.50 28.71 -9.37
C SER D 129 -15.66 28.59 -8.37
N GLY D 130 -16.82 29.09 -8.81
CA GLY D 130 -18.03 28.88 -8.03
C GLY D 130 -18.39 27.42 -7.86
N SER D 131 -18.08 26.60 -8.87
CA SER D 131 -18.32 25.15 -8.76
C SER D 131 -17.51 24.56 -7.61
N GLU D 132 -16.21 24.85 -7.56
CA GLU D 132 -15.37 24.38 -6.45
C GLU D 132 -15.93 24.84 -5.12
N ALA D 133 -16.45 26.07 -5.05
CA ALA D 133 -17.02 26.59 -3.81
C ALA D 133 -18.09 25.65 -3.27
N ASN D 134 -18.90 25.08 -4.15
CA ASN D 134 -19.94 24.17 -3.69
C ASN D 134 -19.39 22.79 -3.38
N ASP D 135 -18.31 22.38 -4.04
CA ASP D 135 -17.57 21.20 -3.57
C ASP D 135 -17.06 21.41 -2.16
N THR D 136 -16.55 22.61 -1.87
CA THR D 136 -16.10 22.93 -0.52
C THR D 136 -17.27 22.90 0.46
N VAL D 137 -18.40 23.50 0.09
CA VAL D 137 -19.61 23.40 0.90
C VAL D 137 -19.95 21.95 1.18
N PHE D 138 -19.94 21.12 0.13
CA PHE D 138 -20.36 19.72 0.27
C PHE D 138 -19.50 18.98 1.29
N ARG D 139 -18.18 19.10 1.16
CA ARG D 139 -17.29 18.33 2.03
C ARG D 139 -17.19 18.95 3.42
N LEU D 140 -17.19 20.28 3.52
CA LEU D 140 -17.10 20.92 4.83
C LEU D 140 -18.35 20.65 5.66
N VAL D 141 -19.52 20.73 5.05
CA VAL D 141 -20.77 20.47 5.78
C VAL D 141 -20.77 19.05 6.33
N ARG D 142 -20.40 18.07 5.49
CA ARG D 142 -20.38 16.69 5.95
C ARG D 142 -19.32 16.46 7.01
N HIS D 143 -18.14 17.06 6.83
CA HIS D 143 -17.09 16.93 7.84
C HIS D 143 -17.49 17.63 9.14
N PHE D 144 -18.13 18.80 9.03
CA PHE D 144 -18.63 19.50 10.21
C PHE D 144 -19.51 18.60 11.07
N TRP D 145 -20.45 17.89 10.43
CA TRP D 145 -21.40 17.09 11.21
C TRP D 145 -20.73 15.88 11.84
N LYS D 146 -19.67 15.35 11.23
CA LYS D 146 -18.90 14.29 11.89
C LYS D 146 -18.19 14.81 13.12
N LEU D 147 -17.58 15.99 13.03
CA LEU D 147 -16.94 16.59 14.20
C LEU D 147 -17.95 16.88 15.30
N LYS D 148 -19.17 17.27 14.92
CA LYS D 148 -20.23 17.55 15.88
C LYS D 148 -20.79 16.31 16.54
N GLY D 149 -20.38 15.12 16.11
CA GLY D 149 -20.95 13.89 16.65
C GLY D 149 -22.34 13.58 16.14
N GLU D 150 -22.68 14.04 14.94
CA GLU D 150 -23.93 13.69 14.27
C GLU D 150 -23.60 13.20 12.86
N PRO D 151 -22.95 12.03 12.76
CA PRO D 151 -22.46 11.58 11.44
C PRO D 151 -23.56 11.18 10.48
N SER D 152 -24.80 11.00 10.95
CA SER D 152 -25.89 10.65 10.05
C SER D 152 -26.32 11.80 9.17
N ARG D 153 -25.97 13.04 9.52
CA ARG D 153 -26.36 14.22 8.76
C ARG D 153 -25.49 14.33 7.52
N THR D 154 -25.99 13.78 6.41
CA THR D 154 -25.24 13.74 5.15
C THR D 154 -26.02 14.26 3.95
N VAL D 155 -27.34 14.37 4.02
CA VAL D 155 -28.16 14.63 2.84
C VAL D 155 -28.29 16.13 2.63
N PHE D 156 -28.11 16.55 1.39
CA PHE D 156 -28.34 17.93 0.98
C PHE D 156 -29.68 18.03 0.27
N ILE D 157 -30.45 19.06 0.59
CA ILE D 157 -31.73 19.31 -0.05
C ILE D 157 -31.59 20.54 -0.92
N SER D 158 -31.86 20.37 -2.22
CA SER D 158 -31.82 21.47 -3.16
C SER D 158 -33.17 21.54 -3.87
N ARG D 159 -33.18 22.16 -5.05
CA ARG D 159 -34.41 22.39 -5.78
C ARG D 159 -34.20 22.09 -7.26
N TRP D 160 -35.26 21.63 -7.91
CA TRP D 160 -35.25 21.54 -9.37
C TRP D 160 -35.05 22.94 -9.95
N ASN D 161 -34.30 23.00 -11.05
CA ASN D 161 -33.96 24.23 -11.77
C ASN D 161 -32.99 25.12 -10.98
N ALA D 162 -32.43 24.62 -9.88
CA ALA D 162 -31.30 25.29 -9.26
C ALA D 162 -30.03 25.08 -10.08
N TYR D 163 -29.10 26.02 -9.97
CA TYR D 163 -27.79 25.87 -10.58
C TYR D 163 -26.72 26.13 -9.54
N HIS D 164 -25.84 25.15 -9.34
CA HIS D 164 -24.78 25.25 -8.33
C HIS D 164 -23.42 24.83 -8.88
N GLY D 165 -23.23 24.90 -10.19
CA GLY D 165 -21.93 24.71 -10.81
C GLY D 165 -21.89 23.52 -11.73
N SER D 166 -20.67 23.17 -12.16
CA SER D 166 -20.47 22.19 -13.22
C SER D 166 -19.45 21.12 -12.83
N THR D 167 -18.95 21.13 -11.61
CA THR D 167 -18.28 19.94 -11.09
C THR D 167 -19.32 18.85 -10.84
N VAL D 168 -18.82 17.64 -10.61
CA VAL D 168 -19.73 16.53 -10.29
C VAL D 168 -20.62 16.90 -9.11
N ALA D 169 -20.03 17.49 -8.06
CA ALA D 169 -20.83 17.92 -6.92
C ALA D 169 -21.73 19.09 -7.28
N GLY D 170 -21.22 20.06 -8.04
CA GLY D 170 -22.03 21.21 -8.43
C GLY D 170 -23.21 20.83 -9.29
N VAL D 171 -23.01 19.92 -10.26
CA VAL D 171 -24.12 19.44 -11.06
C VAL D 171 -25.13 18.70 -10.18
N SER D 172 -24.63 17.87 -9.26
CA SER D 172 -25.52 17.10 -8.39
C SER D 172 -26.34 18.02 -7.49
N LEU D 173 -25.73 19.09 -6.99
CA LEU D 173 -26.45 20.01 -6.12
C LEU D 173 -27.50 20.81 -6.91
N GLY D 174 -27.15 21.20 -8.13
CA GLY D 174 -28.12 21.80 -9.03
C GLY D 174 -29.26 20.86 -9.38
N GLY D 175 -30.30 21.42 -10.00
CA GLY D 175 -31.48 20.65 -10.34
C GLY D 175 -31.78 20.68 -11.82
N MET D 176 -30.73 20.68 -12.64
CA MET D 176 -30.89 20.67 -14.10
C MET D 176 -30.84 19.22 -14.56
N LYS D 177 -32.01 18.66 -14.89
CA LYS D 177 -32.12 17.24 -15.18
C LYS D 177 -31.27 16.83 -16.38
N HIS D 178 -31.26 17.66 -17.43
CA HIS D 178 -30.47 17.32 -18.62
C HIS D 178 -28.98 17.34 -18.31
N MET D 179 -28.55 18.24 -17.42
CA MET D 179 -27.16 18.27 -16.98
C MET D 179 -26.83 17.06 -16.13
N HIS D 180 -27.75 16.67 -15.23
CA HIS D 180 -27.60 15.45 -14.44
C HIS D 180 -27.26 14.24 -15.30
N LYS D 181 -27.94 14.09 -16.44
CA LYS D 181 -27.78 12.90 -17.27
C LYS D 181 -26.32 12.69 -17.68
N GLN D 182 -25.61 13.78 -17.99
CA GLN D 182 -24.25 13.65 -18.49
C GLN D 182 -23.31 13.51 -17.29
N GLY D 183 -22.77 12.31 -17.12
CA GLY D 183 -22.09 11.92 -15.90
C GLY D 183 -22.90 10.99 -15.01
N ASP D 184 -24.16 10.75 -15.36
CA ASP D 184 -25.07 9.89 -14.61
C ASP D 184 -25.22 10.35 -13.16
N LEU D 185 -25.64 11.59 -13.01
CA LEU D 185 -25.78 12.29 -11.75
C LEU D 185 -27.27 12.51 -11.46
N PRO D 186 -27.62 12.91 -10.22
CA PRO D 186 -26.82 13.31 -9.06
C PRO D 186 -26.18 12.15 -8.32
N ILE D 187 -25.06 12.45 -7.64
CA ILE D 187 -24.44 11.53 -6.70
C ILE D 187 -25.37 11.35 -5.51
N ALA D 188 -25.07 10.37 -4.67
CA ALA D 188 -25.96 10.03 -3.56
C ALA D 188 -25.99 11.15 -2.52
N GLY D 189 -27.09 11.20 -1.78
CA GLY D 189 -27.21 12.17 -0.70
C GLY D 189 -27.60 13.56 -1.13
N VAL D 190 -28.26 13.71 -2.28
CA VAL D 190 -28.76 14.99 -2.76
C VAL D 190 -30.21 14.81 -3.18
N GLU D 191 -31.11 15.60 -2.60
CA GLU D 191 -32.53 15.55 -2.92
C GLU D 191 -32.97 16.88 -3.50
N HIS D 192 -34.01 16.85 -4.34
CA HIS D 192 -34.48 18.04 -5.03
C HIS D 192 -35.99 18.19 -4.87
N VAL D 193 -36.43 19.40 -4.56
CA VAL D 193 -37.84 19.73 -4.36
C VAL D 193 -38.23 20.90 -5.25
N MET D 194 -39.50 21.31 -5.12
CA MET D 194 -40.08 22.38 -5.92
C MET D 194 -39.23 23.64 -5.94
N GLN D 195 -39.11 24.28 -7.16
CA GLN D 195 -38.60 25.64 -7.18
C GLN D 195 -39.76 26.62 -6.98
N PRO D 196 -39.53 27.76 -6.33
CA PRO D 196 -40.61 28.75 -6.12
C PRO D 196 -40.80 29.69 -7.32
N TYR D 197 -41.22 29.11 -8.45
CA TYR D 197 -41.41 29.84 -9.70
C TYR D 197 -42.91 30.07 -9.89
N GLN D 198 -43.39 31.22 -9.43
CA GLN D 198 -44.83 31.51 -9.45
C GLN D 198 -45.37 31.56 -10.87
N PHE D 199 -44.68 32.27 -11.77
CA PHE D 199 -45.21 32.48 -13.11
C PHE D 199 -45.41 31.16 -13.83
N GLY D 200 -44.46 30.24 -13.73
CA GLY D 200 -44.55 28.98 -14.43
C GLY D 200 -45.42 27.96 -13.73
N ASP D 201 -45.31 27.86 -12.40
CA ASP D 201 -45.89 26.76 -11.67
C ASP D 201 -46.98 27.17 -10.68
N GLY D 202 -47.19 28.46 -10.45
CA GLY D 202 -48.23 28.90 -9.53
C GLY D 202 -49.06 30.03 -10.10
N PHE D 203 -49.22 30.04 -11.42
CA PHE D 203 -49.93 31.12 -12.09
C PHE D 203 -51.39 31.17 -11.65
N GLY D 204 -51.82 32.31 -11.11
CA GLY D 204 -53.16 32.46 -10.60
C GLY D 204 -53.37 31.97 -9.19
N GLU D 205 -52.34 31.44 -8.54
CA GLU D 205 -52.43 31.07 -7.13
C GLU D 205 -52.20 32.29 -6.26
N ASP D 206 -52.83 32.30 -5.09
CA ASP D 206 -52.50 33.28 -4.08
C ASP D 206 -51.00 33.20 -3.79
N PRO D 207 -50.26 34.31 -3.88
CA PRO D 207 -48.80 34.24 -3.62
C PRO D 207 -48.44 33.63 -2.28
N ALA D 208 -49.13 34.02 -1.21
CA ALA D 208 -48.85 33.45 0.11
C ALA D 208 -49.05 31.95 0.12
N ALA D 209 -50.10 31.46 -0.55
CA ALA D 209 -50.35 30.03 -0.59
C ALA D 209 -49.30 29.30 -1.42
N PHE D 210 -48.92 29.87 -2.57
CA PHE D 210 -47.89 29.25 -3.40
C PHE D 210 -46.56 29.17 -2.67
N ARG D 211 -46.16 30.27 -2.02
CA ARG D 211 -44.95 30.26 -1.21
C ARG D 211 -44.98 29.16 -0.16
N ASP D 212 -46.10 29.03 0.56
CA ASP D 212 -46.22 27.98 1.57
C ASP D 212 -46.06 26.61 0.95
N ARG D 213 -46.61 26.41 -0.25
CA ARG D 213 -46.42 25.15 -0.97
C ARG D 213 -44.94 24.84 -1.17
N ALA D 214 -44.16 25.83 -1.60
CA ALA D 214 -42.76 25.60 -1.93
C ALA D 214 -41.92 25.33 -0.69
N VAL D 215 -42.24 25.99 0.43
CA VAL D 215 -41.54 25.70 1.67
C VAL D 215 -41.97 24.34 2.20
N GLN D 216 -43.27 24.04 2.14
CA GLN D 216 -43.75 22.74 2.60
C GLN D 216 -43.10 21.60 1.83
N ALA D 217 -42.84 21.82 0.53
CA ALA D 217 -42.13 20.81 -0.25
C ALA D 217 -40.77 20.49 0.37
N ILE D 218 -40.09 21.51 0.90
CA ILE D 218 -38.80 21.27 1.56
C ILE D 218 -39.01 20.47 2.84
N GLU D 219 -40.01 20.84 3.65
CA GLU D 219 -40.29 20.10 4.87
C GLU D 219 -40.66 18.65 4.59
N ASP D 220 -41.45 18.43 3.53
CA ASP D 220 -41.84 17.06 3.18
C ASP D 220 -40.63 16.19 2.87
N LYS D 221 -39.64 16.74 2.16
CA LYS D 221 -38.42 15.98 1.86
C LYS D 221 -37.61 15.72 3.12
N ILE D 222 -37.50 16.72 4.01
CA ILE D 222 -36.79 16.54 5.26
C ILE D 222 -37.36 15.34 6.02
N LEU D 223 -38.69 15.29 6.15
CA LEU D 223 -39.34 14.21 6.89
C LEU D 223 -39.19 12.87 6.17
N GLU D 224 -39.23 12.88 4.83
CA GLU D 224 -39.04 11.65 4.08
C GLU D 224 -37.62 11.12 4.26
N VAL D 225 -36.63 12.00 4.16
CA VAL D 225 -35.24 11.59 4.34
C VAL D 225 -34.98 11.20 5.78
N GLY D 226 -35.68 11.81 6.73
CA GLY D 226 -35.36 11.67 8.12
C GLY D 226 -34.55 12.85 8.59
N PRO D 227 -35.14 13.69 9.46
CA PRO D 227 -34.46 14.93 9.87
C PRO D 227 -33.05 14.70 10.42
N GLU D 228 -32.85 13.62 11.17
CA GLU D 228 -31.51 13.29 11.67
C GLU D 228 -30.54 12.95 10.55
N ASN D 229 -31.02 12.76 9.32
CA ASN D 229 -30.16 12.43 8.19
C ASN D 229 -29.83 13.63 7.30
N VAL D 230 -30.46 14.78 7.54
CA VAL D 230 -30.31 15.94 6.67
C VAL D 230 -29.16 16.81 7.17
N ALA D 231 -28.25 17.17 6.28
CA ALA D 231 -27.11 18.01 6.62
C ALA D 231 -27.38 19.49 6.40
N ALA D 232 -28.06 19.85 5.31
CA ALA D 232 -28.21 21.25 4.95
C ALA D 232 -29.27 21.40 3.87
N PHE D 233 -29.81 22.62 3.77
CA PHE D 233 -30.52 23.08 2.60
C PHE D 233 -29.65 24.11 1.88
N ILE D 234 -29.62 24.04 0.55
CA ILE D 234 -28.83 24.96 -0.25
C ILE D 234 -29.73 25.59 -1.32
N GLY D 235 -29.53 26.88 -1.57
CA GLY D 235 -30.26 27.54 -2.63
C GLY D 235 -29.71 28.90 -3.01
N GLU D 236 -29.89 29.28 -4.27
CA GLU D 236 -29.63 30.66 -4.69
C GLU D 236 -30.72 31.57 -4.16
N PRO D 237 -30.38 32.73 -3.58
CA PRO D 237 -31.43 33.68 -3.19
C PRO D 237 -32.38 33.98 -4.35
N VAL D 238 -31.83 34.32 -5.51
CA VAL D 238 -32.56 34.37 -6.77
C VAL D 238 -31.91 33.37 -7.71
N GLN D 239 -32.71 32.47 -8.30
CA GLN D 239 -32.17 31.48 -9.21
C GLN D 239 -31.70 32.15 -10.49
N GLY D 240 -30.42 32.03 -10.80
CA GLY D 240 -29.86 32.74 -11.94
C GLY D 240 -29.99 32.02 -13.26
N ALA D 241 -29.13 31.02 -13.48
CA ALA D 241 -29.14 30.26 -14.73
C ALA D 241 -30.48 29.60 -15.01
N GLY D 242 -31.31 29.38 -13.98
CA GLY D 242 -32.64 28.85 -14.17
C GLY D 242 -33.64 29.81 -14.76
N GLY D 243 -33.28 31.09 -14.92
CA GLY D 243 -34.14 32.05 -15.57
C GLY D 243 -34.57 33.22 -14.69
N VAL D 244 -33.68 33.65 -13.80
CA VAL D 244 -33.93 34.75 -12.88
C VAL D 244 -35.25 34.51 -12.14
N ILE D 245 -35.28 33.45 -11.33
CA ILE D 245 -36.47 33.07 -10.58
C ILE D 245 -36.44 33.80 -9.24
N ILE D 246 -37.30 34.79 -9.09
CA ILE D 246 -37.38 35.58 -7.86
C ILE D 246 -38.45 34.97 -6.98
N PRO D 247 -38.13 34.53 -5.77
CA PRO D 247 -39.10 33.80 -4.95
C PRO D 247 -40.17 34.71 -4.39
N PRO D 248 -41.33 34.18 -4.04
CA PRO D 248 -42.39 35.02 -3.45
C PRO D 248 -41.99 35.58 -2.09
N ASP D 249 -42.64 36.68 -1.73
CA ASP D 249 -42.40 37.33 -0.45
C ASP D 249 -42.64 36.38 0.71
N GLY D 250 -41.73 36.40 1.68
CA GLY D 250 -41.81 35.54 2.84
C GLY D 250 -41.21 34.16 2.66
N TYR D 251 -40.83 33.79 1.44
CA TYR D 251 -40.25 32.47 1.19
C TYR D 251 -38.98 32.24 2.00
N TRP D 252 -38.00 33.14 1.86
CA TRP D 252 -36.70 32.92 2.48
C TRP D 252 -36.75 32.97 4.01
N PRO D 253 -37.48 33.90 4.63
CA PRO D 253 -37.67 33.79 6.09
C PRO D 253 -38.27 32.46 6.50
N ALA D 254 -39.23 31.94 5.73
CA ALA D 254 -39.84 30.66 6.06
C ALA D 254 -38.87 29.51 5.89
N VAL D 255 -38.01 29.57 4.87
CA VAL D 255 -37.01 28.53 4.68
C VAL D 255 -36.02 28.53 5.83
N GLU D 256 -35.59 29.72 6.27
CA GLU D 256 -34.69 29.81 7.41
C GLU D 256 -35.32 29.22 8.67
N ALA D 257 -36.57 29.58 8.95
CA ALA D 257 -37.26 28.99 10.09
C ALA D 257 -37.32 27.47 9.97
N LEU D 258 -37.50 26.97 8.75
CA LEU D 258 -37.47 25.54 8.50
C LEU D 258 -36.13 24.93 8.91
N CYS D 259 -35.03 25.52 8.44
CA CYS D 259 -33.72 24.99 8.77
C CYS D 259 -33.47 25.01 10.27
N ARG D 260 -33.84 26.11 10.94
CA ARG D 260 -33.67 26.20 12.39
C ARG D 260 -34.57 25.20 13.10
N LYS D 261 -35.78 24.95 12.56
CA LYS D 261 -36.69 24.00 13.18
C LYS D 261 -36.08 22.61 13.29
N TYR D 262 -35.40 22.16 12.24
CA TYR D 262 -34.82 20.81 12.20
C TYR D 262 -33.32 20.79 12.45
N GLY D 263 -32.71 21.93 12.76
CA GLY D 263 -31.30 21.96 13.07
C GLY D 263 -30.38 21.63 11.91
N ILE D 264 -30.80 21.92 10.68
CA ILE D 264 -29.97 21.70 9.51
C ILE D 264 -29.34 23.04 9.12
N LEU D 265 -28.21 22.95 8.42
CA LEU D 265 -27.50 24.15 8.00
C LEU D 265 -28.21 24.83 6.83
N LEU D 266 -28.09 26.15 6.77
CA LEU D 266 -28.61 26.95 5.67
C LEU D 266 -27.44 27.44 4.82
N VAL D 267 -27.47 27.10 3.54
CA VAL D 267 -26.43 27.49 2.59
C VAL D 267 -27.06 28.32 1.48
N CYS D 268 -26.55 29.52 1.27
CA CYS D 268 -26.96 30.38 0.16
C CYS D 268 -25.84 30.46 -0.85
N ASP D 269 -26.15 30.14 -2.11
CA ASP D 269 -25.18 30.23 -3.20
C ASP D 269 -25.24 31.66 -3.73
N GLU D 270 -24.23 32.46 -3.39
CA GLU D 270 -24.19 33.88 -3.73
C GLU D 270 -23.32 34.16 -4.95
N VAL D 271 -23.08 33.15 -5.78
CA VAL D 271 -22.12 33.30 -6.87
C VAL D 271 -22.60 34.37 -7.86
N ILE D 272 -23.91 34.41 -8.14
CA ILE D 272 -24.47 35.49 -8.94
C ILE D 272 -24.97 36.62 -8.06
N CYS D 273 -25.71 36.30 -7.00
CA CYS D 273 -26.39 37.31 -6.21
C CYS D 273 -25.43 38.14 -5.36
N GLY D 274 -24.20 37.68 -5.15
CA GLY D 274 -23.29 38.42 -4.32
C GLY D 274 -22.75 39.67 -4.99
N PHE D 275 -22.18 40.55 -4.16
CA PHE D 275 -21.41 41.69 -4.61
C PHE D 275 -22.23 42.67 -5.46
N GLY D 276 -23.37 43.08 -4.91
CA GLY D 276 -24.11 44.21 -5.44
C GLY D 276 -25.25 43.86 -6.37
N ARG D 277 -25.34 42.61 -6.83
CA ARG D 277 -26.27 42.28 -7.91
C ARG D 277 -27.70 42.62 -7.52
N LEU D 278 -28.09 42.34 -6.27
CA LEU D 278 -29.44 42.61 -5.79
C LEU D 278 -29.52 43.88 -4.96
N GLY D 279 -28.49 44.74 -4.97
CA GLY D 279 -28.47 45.93 -4.15
C GLY D 279 -27.94 45.72 -2.75
N GLN D 280 -27.32 44.58 -2.48
CA GLN D 280 -26.70 44.28 -1.20
C GLN D 280 -25.36 43.61 -1.47
N TRP D 281 -24.50 43.57 -0.46
CA TRP D 281 -23.25 42.85 -0.64
C TRP D 281 -23.50 41.37 -0.91
N PHE D 282 -24.61 40.83 -0.40
CA PHE D 282 -24.98 39.45 -0.66
C PHE D 282 -26.50 39.33 -0.71
N GLY D 283 -26.97 38.47 -1.62
CA GLY D 283 -28.41 38.28 -1.81
C GLY D 283 -29.16 38.00 -0.52
N HIS D 284 -28.60 37.14 0.33
CA HIS D 284 -29.30 36.75 1.56
C HIS D 284 -29.54 37.94 2.48
N GLN D 285 -28.73 38.99 2.37
CA GLN D 285 -28.94 40.19 3.18
C GLN D 285 -30.19 40.94 2.76
N HIS D 286 -30.56 40.89 1.47
CA HIS D 286 -31.82 41.47 1.04
C HIS D 286 -33.00 40.79 1.74
N TYR D 287 -32.90 39.50 1.99
CA TYR D 287 -33.99 38.73 2.57
C TYR D 287 -33.89 38.61 4.08
N GLY D 288 -32.85 39.18 4.69
CA GLY D 288 -32.73 39.19 6.14
C GLY D 288 -32.48 37.85 6.80
N ILE D 289 -31.96 36.88 6.05
CA ILE D 289 -31.69 35.56 6.59
C ILE D 289 -30.20 35.45 6.88
N LYS D 290 -29.82 34.46 7.68
CA LYS D 290 -28.45 34.30 8.18
C LYS D 290 -27.95 32.90 7.86
N PRO D 291 -27.44 32.69 6.65
CA PRO D 291 -26.94 31.35 6.29
C PRO D 291 -25.69 30.98 7.08
N ASP D 292 -25.48 29.66 7.21
CA ASP D 292 -24.29 29.15 7.88
C ASP D 292 -23.07 29.14 6.97
N LEU D 293 -23.30 29.00 5.66
CA LEU D 293 -22.24 29.05 4.66
C LEU D 293 -22.79 29.74 3.42
N ILE D 294 -21.91 30.42 2.69
CA ILE D 294 -22.26 30.97 1.38
C ILE D 294 -21.15 30.66 0.40
N ALA D 295 -21.53 30.45 -0.85
CA ALA D 295 -20.59 30.30 -1.95
C ALA D 295 -20.55 31.59 -2.75
N MET D 296 -19.35 32.00 -3.15
CA MET D 296 -19.20 33.24 -3.89
C MET D 296 -18.15 33.08 -4.97
N ALA D 297 -18.32 33.84 -6.04
CA ALA D 297 -17.41 33.87 -7.19
C ALA D 297 -17.84 35.02 -8.08
N LYS D 298 -17.61 34.89 -9.39
CA LYS D 298 -18.11 35.85 -10.37
C LYS D 298 -17.82 37.30 -9.97
N GLY D 299 -18.79 37.96 -9.36
CA GLY D 299 -18.64 39.35 -8.95
C GLY D 299 -17.57 39.60 -7.91
N LEU D 300 -17.10 38.54 -7.23
CA LEU D 300 -16.01 38.70 -6.27
C LEU D 300 -14.83 39.47 -6.85
N SER D 301 -14.45 39.17 -8.10
CA SER D 301 -13.36 39.86 -8.76
C SER D 301 -13.81 40.52 -10.06
N SER D 302 -15.12 40.68 -10.24
CA SER D 302 -15.71 41.13 -11.51
C SER D 302 -15.19 40.30 -12.69
N GLY D 303 -14.87 39.03 -12.44
CA GLY D 303 -14.33 38.17 -13.47
C GLY D 303 -12.94 38.52 -13.97
N TYR D 304 -12.28 39.51 -13.35
CA TYR D 304 -10.98 39.95 -13.87
C TYR D 304 -9.91 38.88 -13.66
N LEU D 305 -9.97 38.12 -12.57
CA LEU D 305 -9.15 36.93 -12.40
C LEU D 305 -9.97 35.85 -11.72
N PRO D 306 -9.64 34.58 -11.96
CA PRO D 306 -10.38 33.48 -11.33
C PRO D 306 -10.13 33.42 -9.83
N ILE D 307 -11.21 33.53 -9.05
CA ILE D 307 -11.14 33.32 -7.60
C ILE D 307 -12.56 33.14 -7.09
N SER D 308 -12.71 32.29 -6.08
CA SER D 308 -13.98 32.06 -5.41
C SER D 308 -13.72 31.84 -3.93
N ALA D 309 -14.80 31.80 -3.15
CA ALA D 309 -14.65 31.62 -1.71
C ALA D 309 -15.93 31.03 -1.12
N VAL D 310 -15.77 30.35 0.01
CA VAL D 310 -16.89 29.94 0.86
C VAL D 310 -16.81 30.75 2.14
N GLY D 311 -17.87 31.49 2.44
CA GLY D 311 -17.99 32.14 3.74
C GLY D 311 -18.48 31.13 4.76
N VAL D 312 -17.81 31.08 5.91
CA VAL D 312 -18.03 30.03 6.91
C VAL D 312 -18.40 30.67 8.24
N ALA D 313 -19.48 30.16 8.86
CA ALA D 313 -19.92 30.68 10.15
C ALA D 313 -18.91 30.37 11.24
N ASP D 314 -18.89 31.23 12.27
CA ASP D 314 -17.95 31.08 13.37
C ASP D 314 -18.09 29.72 14.05
N HIS D 315 -19.33 29.23 14.19
CA HIS D 315 -19.52 27.96 14.90
C HIS D 315 -19.03 26.77 14.10
N ILE D 316 -18.93 26.89 12.77
CA ILE D 316 -18.29 25.84 11.98
C ILE D 316 -16.79 25.85 12.20
N VAL D 317 -16.19 27.04 12.16
CA VAL D 317 -14.76 27.18 12.41
C VAL D 317 -14.40 26.69 13.81
N ALA D 318 -15.31 26.89 14.78
CA ALA D 318 -15.04 26.45 16.15
C ALA D 318 -14.84 24.94 16.21
N GLU D 319 -15.60 24.18 15.43
CA GLU D 319 -15.39 22.74 15.38
C GLU D 319 -14.02 22.41 14.82
N LEU D 320 -13.65 23.04 13.70
CA LEU D 320 -12.32 22.82 13.13
C LEU D 320 -11.22 23.18 14.12
N ARG D 321 -11.41 24.28 14.85
CA ARG D 321 -10.35 24.78 15.73
C ARG D 321 -10.26 24.01 17.05
N GLU D 322 -11.40 23.52 17.57
CA GLU D 322 -11.36 22.87 18.88
C GLU D 322 -11.13 21.36 18.77
N LYS D 323 -11.71 20.69 17.78
CA LYS D 323 -11.44 19.27 17.60
C LYS D 323 -10.12 19.03 16.88
N GLY D 324 -9.68 19.97 16.05
CA GLY D 324 -8.47 19.80 15.28
C GLY D 324 -8.61 18.68 14.26
N GLY D 325 -7.45 18.15 13.86
CA GLY D 325 -7.40 17.22 12.75
C GLY D 325 -7.41 17.91 11.41
N ASP D 326 -6.74 17.33 10.42
CA ASP D 326 -6.75 17.88 9.07
C ASP D 326 -8.16 17.94 8.51
N PHE D 327 -8.50 19.07 7.91
CA PHE D 327 -9.59 19.14 6.93
C PHE D 327 -8.93 18.96 5.58
N ILE D 328 -8.96 17.74 5.06
CA ILE D 328 -8.14 17.37 3.91
C ILE D 328 -8.83 17.85 2.64
N HIS D 329 -8.82 19.16 2.41
CA HIS D 329 -9.52 19.78 1.30
C HIS D 329 -8.84 21.10 0.97
N GLY D 330 -8.64 21.34 -0.31
CA GLY D 330 -8.08 22.57 -0.78
C GLY D 330 -7.43 22.38 -2.13
N PHE D 331 -7.20 23.51 -2.80
CA PHE D 331 -6.75 23.50 -4.18
C PHE D 331 -5.44 24.27 -4.28
N THR D 332 -4.60 23.85 -5.23
CA THR D 332 -3.35 24.55 -5.51
C THR D 332 -3.51 26.06 -5.48
N TYR D 333 -4.54 26.56 -6.15
CA TYR D 333 -4.78 27.99 -6.27
C TYR D 333 -5.74 28.54 -5.23
N SER D 334 -6.05 27.76 -4.19
CA SER D 334 -6.75 28.32 -3.04
C SER D 334 -5.92 29.45 -2.43
N GLY D 335 -6.48 30.66 -2.43
CA GLY D 335 -5.77 31.80 -1.88
C GLY D 335 -4.73 32.40 -2.79
N HIS D 336 -4.84 32.20 -4.10
CA HIS D 336 -3.86 32.69 -5.07
C HIS D 336 -3.61 34.18 -4.85
N PRO D 337 -2.37 34.60 -4.60
CA PRO D 337 -2.14 35.98 -4.16
C PRO D 337 -2.51 37.03 -5.20
N THR D 338 -2.27 36.76 -6.48
CA THR D 338 -2.61 37.74 -7.52
C THR D 338 -4.12 37.86 -7.67
N ALA D 339 -4.83 36.73 -7.74
CA ALA D 339 -6.28 36.77 -7.80
C ALA D 339 -6.87 37.46 -6.58
N ALA D 340 -6.30 37.20 -5.40
CA ALA D 340 -6.78 37.85 -4.19
C ALA D 340 -6.55 39.36 -4.25
N ALA D 341 -5.39 39.78 -4.77
CA ALA D 341 -5.10 41.20 -4.87
C ALA D 341 -6.07 41.91 -5.81
N VAL D 342 -6.43 41.25 -6.91
CA VAL D 342 -7.39 41.85 -7.85
C VAL D 342 -8.79 41.89 -7.24
N ALA D 343 -9.19 40.81 -6.55
CA ALA D 343 -10.50 40.80 -5.91
C ALA D 343 -10.62 41.87 -4.84
N LEU D 344 -9.55 42.06 -4.07
CA LEU D 344 -9.56 43.11 -3.03
C LEU D 344 -9.71 44.48 -3.67
N LYS D 345 -8.95 44.76 -4.73
CA LYS D 345 -9.07 46.03 -5.42
C LYS D 345 -10.44 46.18 -6.07
N ASN D 346 -11.02 45.07 -6.55
CA ASN D 346 -12.36 45.10 -7.11
C ASN D 346 -13.38 45.55 -6.07
N ILE D 347 -13.29 45.02 -4.85
CA ILE D 347 -14.21 45.41 -3.79
C ILE D 347 -14.02 46.89 -3.45
N GLU D 348 -12.76 47.34 -3.43
CA GLU D 348 -12.46 48.73 -3.12
C GLU D 348 -13.06 49.68 -4.15
N ILE D 349 -13.03 49.28 -5.43
CA ILE D 349 -13.68 50.08 -6.46
C ILE D 349 -15.18 50.16 -6.21
N MET D 350 -15.80 49.01 -5.90
CA MET D 350 -17.22 49.00 -5.58
C MET D 350 -17.53 49.92 -4.41
N GLU D 351 -16.71 49.87 -3.36
CA GLU D 351 -16.87 50.77 -2.22
C GLU D 351 -16.73 52.22 -2.64
N ARG D 352 -15.63 52.55 -3.32
CA ARG D 352 -15.35 53.93 -3.70
C ARG D 352 -16.47 54.53 -4.54
N GLU D 353 -16.99 53.76 -5.49
CA GLU D 353 -18.02 54.24 -6.40
C GLU D 353 -19.43 53.99 -5.90
N GLY D 354 -19.59 53.41 -4.70
CA GLY D 354 -20.91 53.18 -4.14
C GLY D 354 -21.81 52.30 -4.96
N LEU D 355 -21.26 51.28 -5.61
CA LEU D 355 -22.01 50.49 -6.58
C LEU D 355 -23.11 49.65 -5.93
N VAL D 356 -22.91 49.22 -4.68
CA VAL D 356 -23.95 48.45 -4.00
C VAL D 356 -25.17 49.33 -3.73
N GLU D 357 -24.94 50.50 -3.14
CA GLU D 357 -26.04 51.41 -2.83
C GLU D 357 -26.68 51.96 -4.10
N ARG D 358 -25.87 52.25 -5.12
CA ARG D 358 -26.43 52.71 -6.38
C ARG D 358 -27.40 51.70 -6.97
N THR D 359 -27.05 50.42 -6.91
CA THR D 359 -27.94 49.37 -7.40
C THR D 359 -29.24 49.33 -6.60
N ARG D 360 -29.14 49.44 -5.28
CA ARG D 360 -30.32 49.37 -4.43
C ARG D 360 -31.25 50.57 -4.65
N ASP D 361 -30.68 51.77 -4.74
CA ASP D 361 -31.47 52.98 -4.69
C ASP D 361 -31.72 53.63 -6.04
N GLU D 362 -30.87 53.38 -7.04
CA GLU D 362 -30.99 54.08 -8.32
C GLU D 362 -31.17 53.12 -9.49
N THR D 363 -30.13 52.37 -9.87
CA THR D 363 -30.18 51.61 -11.13
C THR D 363 -31.14 50.43 -11.03
N GLY D 364 -31.26 49.81 -9.87
CA GLY D 364 -32.19 48.72 -9.67
C GLY D 364 -33.63 49.14 -9.93
N PRO D 365 -34.11 50.11 -9.16
CA PRO D 365 -35.45 50.67 -9.44
C PRO D 365 -35.61 51.18 -10.86
N TYR D 366 -34.60 51.84 -11.43
CA TYR D 366 -34.72 52.31 -12.81
C TYR D 366 -34.91 51.16 -13.78
N LEU D 367 -34.19 50.06 -13.60
CA LEU D 367 -34.38 48.91 -14.46
C LEU D 367 -35.81 48.37 -14.33
N ALA D 368 -36.32 48.29 -13.10
CA ALA D 368 -37.71 47.90 -12.89
C ALA D 368 -38.66 48.83 -13.63
N GLN D 369 -38.45 50.14 -13.50
CA GLN D 369 -39.30 51.10 -14.20
C GLN D 369 -39.18 50.96 -15.71
N ALA D 370 -37.96 50.77 -16.21
CA ALA D 370 -37.77 50.61 -17.65
C ALA D 370 -38.38 49.31 -18.17
N LEU D 371 -38.16 48.20 -17.45
CA LEU D 371 -38.73 46.93 -17.87
C LEU D 371 -40.25 46.95 -17.85
N ALA D 372 -40.85 47.72 -16.94
CA ALA D 372 -42.30 47.81 -16.86
C ALA D 372 -42.91 48.39 -18.12
N SER D 373 -42.14 49.20 -18.87
CA SER D 373 -42.64 49.74 -20.13
C SER D 373 -42.88 48.64 -21.17
N LEU D 374 -42.34 47.44 -20.96
CA LEU D 374 -42.59 46.32 -21.85
C LEU D 374 -43.89 45.60 -21.55
N ASN D 375 -44.57 45.94 -20.45
CA ASN D 375 -45.76 45.19 -20.04
C ASN D 375 -46.87 45.22 -21.08
N ASP D 376 -46.96 46.28 -21.87
CA ASP D 376 -48.04 46.36 -22.85
C ASP D 376 -47.71 45.64 -24.17
N HIS D 377 -46.52 45.08 -24.31
CA HIS D 377 -46.18 44.40 -25.55
C HIS D 377 -47.01 43.12 -25.69
N PRO D 378 -47.49 42.81 -26.90
CA PRO D 378 -48.34 41.61 -27.08
C PRO D 378 -47.65 40.30 -26.74
N LEU D 379 -46.33 40.24 -26.71
CA LEU D 379 -45.64 38.99 -26.42
C LEU D 379 -45.26 38.82 -24.95
N VAL D 380 -45.38 39.87 -24.14
CA VAL D 380 -44.82 39.88 -22.80
C VAL D 380 -45.88 39.42 -21.79
N GLY D 381 -45.58 38.36 -21.06
CA GLY D 381 -46.49 37.85 -20.04
C GLY D 381 -46.21 38.42 -18.66
N GLU D 382 -44.95 38.80 -18.43
CA GLU D 382 -44.50 39.28 -17.13
C GLU D 382 -43.10 39.83 -17.27
N VAL D 383 -42.82 40.92 -16.56
CA VAL D 383 -41.45 41.36 -16.33
C VAL D 383 -41.22 41.38 -14.82
N ARG D 384 -40.00 41.02 -14.42
CA ARG D 384 -39.64 41.02 -13.02
C ARG D 384 -38.17 41.35 -12.90
N SER D 385 -37.80 41.96 -11.77
CA SER D 385 -36.41 42.31 -11.56
C SER D 385 -36.19 42.59 -10.08
N LEU D 386 -34.93 42.50 -9.67
CA LEU D 386 -34.50 42.88 -8.33
C LEU D 386 -33.06 43.33 -8.45
N GLY D 387 -32.77 44.54 -8.00
CA GLY D 387 -31.49 45.13 -8.32
C GLY D 387 -31.30 45.18 -9.83
N LEU D 388 -30.10 44.80 -10.28
CA LEU D 388 -29.79 44.77 -11.71
C LEU D 388 -29.78 43.35 -12.27
N ILE D 389 -30.77 42.53 -11.88
CA ILE D 389 -31.04 41.25 -12.52
C ILE D 389 -32.53 41.24 -12.86
N GLY D 390 -32.87 40.73 -14.04
CA GLY D 390 -34.25 40.81 -14.48
C GLY D 390 -34.59 39.77 -15.52
N ALA D 391 -35.88 39.64 -15.80
CA ALA D 391 -36.39 38.63 -16.70
C ALA D 391 -37.66 39.12 -17.38
N VAL D 392 -37.81 38.76 -18.66
CA VAL D 392 -39.02 39.04 -19.43
C VAL D 392 -39.58 37.71 -19.94
N GLU D 393 -40.84 37.44 -19.63
CA GLU D 393 -41.48 36.20 -20.04
C GLU D 393 -42.17 36.39 -21.40
N ILE D 394 -41.93 35.45 -22.30
CA ILE D 394 -42.54 35.45 -23.63
C ILE D 394 -43.71 34.46 -23.61
N VAL D 395 -44.90 34.94 -23.99
CA VAL D 395 -46.10 34.12 -23.98
C VAL D 395 -46.82 34.27 -25.32
N ARG D 396 -47.60 33.25 -25.68
CA ARG D 396 -48.43 33.31 -26.88
C ARG D 396 -49.81 33.88 -26.62
N GLU D 397 -50.18 34.11 -25.36
CA GLU D 397 -51.52 34.60 -25.03
C GLU D 397 -51.41 35.52 -23.83
N LYS D 398 -51.75 36.80 -24.04
CA LYS D 398 -51.70 37.80 -22.98
C LYS D 398 -52.55 37.37 -21.79
N GLY D 399 -52.06 37.67 -20.59
CA GLY D 399 -52.78 37.33 -19.38
C GLY D 399 -52.70 35.87 -18.98
N THR D 400 -51.85 35.08 -19.61
CA THR D 400 -51.64 33.67 -19.28
C THR D 400 -50.15 33.41 -19.20
N ASN D 401 -49.79 32.17 -18.87
CA ASN D 401 -48.42 31.70 -19.00
C ASN D 401 -48.27 30.71 -20.16
N HIS D 402 -49.19 30.76 -21.12
CA HIS D 402 -49.14 29.86 -22.26
C HIS D 402 -47.96 30.21 -23.17
N ARG D 403 -47.26 29.18 -23.64
CA ARG D 403 -46.04 29.34 -24.40
C ARG D 403 -46.27 28.95 -25.86
N PHE D 404 -45.47 29.51 -26.76
CA PHE D 404 -45.57 29.18 -28.16
C PHE D 404 -45.36 27.69 -28.39
N LEU D 405 -46.20 27.09 -29.23
CA LEU D 405 -46.20 25.67 -29.55
C LEU D 405 -46.45 24.79 -28.34
N ASP D 406 -46.87 25.38 -27.22
CA ASP D 406 -46.96 24.67 -25.94
C ASP D 406 -45.70 23.86 -25.69
N LYS D 407 -44.55 24.46 -26.00
CA LYS D 407 -43.25 23.81 -25.98
C LYS D 407 -42.22 24.88 -25.59
N GLU D 408 -42.06 25.06 -24.28
CA GLU D 408 -41.14 26.04 -23.75
C GLU D 408 -39.75 25.90 -24.38
N GLY D 409 -39.20 27.02 -24.84
CA GLY D 409 -37.88 27.05 -25.42
C GLY D 409 -37.81 27.25 -26.91
N GLU D 410 -38.95 27.44 -27.58
CA GLU D 410 -38.92 27.76 -29.00
C GLU D 410 -38.87 29.26 -29.23
N ALA D 411 -39.69 30.02 -28.49
CA ALA D 411 -39.75 31.46 -28.69
C ALA D 411 -38.50 32.16 -28.17
N GLY D 412 -38.00 31.71 -27.02
CA GLY D 412 -36.85 32.31 -26.38
C GLY D 412 -35.66 32.56 -27.29
N PRO D 413 -35.07 31.49 -27.83
CA PRO D 413 -33.89 31.66 -28.69
C PRO D 413 -34.11 32.57 -29.88
N ILE D 414 -35.33 32.60 -30.43
CA ILE D 414 -35.63 33.47 -31.56
C ILE D 414 -35.52 34.93 -31.14
N VAL D 415 -36.11 35.27 -29.99
CA VAL D 415 -36.02 36.63 -29.48
C VAL D 415 -34.59 36.98 -29.09
N ARG D 416 -33.90 36.05 -28.43
CA ARG D 416 -32.50 36.26 -28.06
C ARG D 416 -31.65 36.60 -29.28
N ASP D 417 -31.76 35.78 -30.34
CA ASP D 417 -30.90 35.96 -31.51
C ASP D 417 -31.14 37.31 -32.17
N LEU D 418 -32.38 37.80 -32.14
CA LEU D 418 -32.66 39.13 -32.67
C LEU D 418 -32.05 40.22 -31.80
N CYS D 419 -32.10 40.04 -30.48
CA CYS D 419 -31.43 40.95 -29.56
C CYS D 419 -29.94 41.06 -29.88
N ILE D 420 -29.27 39.92 -30.05
CA ILE D 420 -27.83 39.94 -30.32
C ILE D 420 -27.58 40.59 -31.68
N LYS D 421 -28.42 40.28 -32.66
CA LYS D 421 -28.32 40.92 -33.96
C LYS D 421 -28.51 42.44 -33.85
N ASN D 422 -29.40 42.88 -32.95
CA ASN D 422 -29.65 44.29 -32.75
C ASN D 422 -28.67 44.95 -31.78
N GLY D 423 -27.61 44.26 -31.37
CA GLY D 423 -26.55 44.88 -30.60
C GLY D 423 -26.65 44.75 -29.10
N LEU D 424 -27.36 43.74 -28.59
CA LEU D 424 -27.53 43.53 -27.16
C LEU D 424 -27.30 42.07 -26.82
N MET D 425 -26.36 41.80 -25.92
CA MET D 425 -26.18 40.45 -25.40
C MET D 425 -27.12 40.24 -24.23
N VAL D 426 -28.15 39.42 -24.46
CA VAL D 426 -29.00 38.86 -23.41
C VAL D 426 -29.18 37.38 -23.73
N ARG D 427 -29.67 36.63 -22.76
CA ARG D 427 -29.80 35.19 -22.89
CA ARG D 427 -29.81 35.20 -22.90
C ARG D 427 -31.27 34.78 -22.78
N ALA D 428 -31.61 33.70 -23.48
CA ALA D 428 -32.93 33.10 -23.40
C ALA D 428 -32.82 31.83 -22.56
N ILE D 429 -33.52 31.82 -21.43
CA ILE D 429 -33.65 30.63 -20.61
C ILE D 429 -35.10 30.19 -20.72
N ARG D 430 -35.33 29.04 -21.36
CA ARG D 430 -36.67 28.62 -21.79
C ARG D 430 -37.25 29.77 -22.63
N ASP D 431 -38.43 30.28 -22.30
CA ASP D 431 -38.98 31.44 -23.00
C ASP D 431 -38.83 32.73 -22.18
N SER D 432 -37.76 32.82 -21.40
CA SER D 432 -37.46 34.01 -20.59
C SER D 432 -36.22 34.69 -21.15
N ILE D 433 -36.34 35.97 -21.46
CA ILE D 433 -35.19 36.81 -21.80
C ILE D 433 -34.66 37.40 -20.50
N VAL D 434 -33.38 37.18 -20.21
CA VAL D 434 -32.81 37.59 -18.93
C VAL D 434 -31.69 38.59 -19.20
N CYS D 435 -31.43 39.43 -18.19
CA CYS D 435 -30.37 40.42 -18.26
C CYS D 435 -29.68 40.53 -16.91
N CYS D 436 -28.40 40.91 -16.96
CA CYS D 436 -27.57 41.01 -15.77
C CYS D 436 -26.41 41.95 -16.08
N PRO D 437 -26.66 43.24 -16.27
CA PRO D 437 -25.65 44.13 -16.83
C PRO D 437 -24.63 44.53 -15.78
N PRO D 438 -23.51 45.11 -16.19
CA PRO D 438 -22.55 45.64 -15.21
C PRO D 438 -23.20 46.70 -14.32
N LEU D 439 -22.74 46.77 -13.07
CA LEU D 439 -23.32 47.70 -12.11
C LEU D 439 -23.09 49.15 -12.50
N ILE D 440 -22.14 49.43 -13.39
CA ILE D 440 -21.86 50.80 -13.82
C ILE D 440 -22.76 51.26 -14.96
N ILE D 441 -23.69 50.42 -15.41
CA ILE D 441 -24.59 50.80 -16.49
C ILE D 441 -25.34 52.08 -16.12
N THR D 442 -25.46 52.99 -17.08
CA THR D 442 -26.18 54.23 -16.88
C THR D 442 -27.66 54.05 -17.17
N LYS D 443 -28.46 55.02 -16.72
CA LYS D 443 -29.89 55.00 -17.03
C LYS D 443 -30.12 55.02 -18.54
N ALA D 444 -29.33 55.83 -19.26
CA ALA D 444 -29.45 55.86 -20.71
C ALA D 444 -29.17 54.49 -21.33
N GLN D 445 -28.16 53.80 -20.81
CA GLN D 445 -27.85 52.47 -21.34
C GLN D 445 -28.89 51.46 -20.95
N ILE D 446 -29.52 51.62 -19.77
CA ILE D 446 -30.69 50.81 -19.43
C ILE D 446 -31.81 51.05 -20.43
N ASP D 447 -32.01 52.31 -20.83
CA ASP D 447 -33.02 52.62 -21.84
C ASP D 447 -32.66 51.98 -23.18
N GLU D 448 -31.37 51.99 -23.53
CA GLU D 448 -30.94 51.32 -24.76
C GLU D 448 -31.18 49.82 -24.68
N LEU D 449 -30.83 49.21 -23.54
CA LEU D 449 -31.04 47.78 -23.36
C LEU D 449 -32.52 47.41 -23.56
N VAL D 450 -33.42 48.11 -22.87
CA VAL D 450 -34.83 47.79 -22.97
C VAL D 450 -35.35 48.08 -24.39
N GLY D 451 -34.91 49.18 -24.99
CA GLY D 451 -35.35 49.51 -26.33
C GLY D 451 -35.00 48.43 -27.34
N ILE D 452 -33.81 47.85 -27.23
CA ILE D 452 -33.41 46.79 -28.15
C ILE D 452 -34.27 45.55 -27.94
N ILE D 453 -34.59 45.24 -26.68
CA ILE D 453 -35.49 44.11 -26.40
C ILE D 453 -36.84 44.32 -27.06
N ARG D 454 -37.41 45.53 -26.91
CA ARG D 454 -38.70 45.82 -27.52
C ARG D 454 -38.62 45.73 -29.04
N LYS D 455 -37.60 46.35 -29.63
CA LYS D 455 -37.37 46.22 -31.07
C LYS D 455 -37.30 44.76 -31.50
N SER D 456 -36.61 43.93 -30.72
CA SER D 456 -36.46 42.53 -31.06
C SER D 456 -37.78 41.77 -30.91
N LEU D 457 -38.56 42.11 -29.87
CA LEU D 457 -39.88 41.51 -29.72
C LEU D 457 -40.79 41.85 -30.90
N ASP D 458 -40.76 43.12 -31.35
CA ASP D 458 -41.54 43.52 -32.50
C ASP D 458 -41.17 42.68 -33.73
N GLU D 459 -39.87 42.50 -33.96
CA GLU D 459 -39.42 41.70 -35.09
C GLU D 459 -39.74 40.22 -34.88
N ALA D 460 -39.69 39.75 -33.64
CA ALA D 460 -39.96 38.35 -33.37
C ALA D 460 -41.44 37.99 -33.49
N GLU D 461 -42.34 38.97 -33.30
CA GLU D 461 -43.77 38.66 -33.26
C GLU D 461 -44.26 37.96 -34.53
N PRO D 462 -43.99 38.44 -35.75
CA PRO D 462 -44.51 37.71 -36.93
C PRO D 462 -43.96 36.31 -37.09
N VAL D 463 -42.67 36.09 -36.80
CA VAL D 463 -42.13 34.73 -36.94
C VAL D 463 -42.69 33.81 -35.87
N LEU D 464 -42.89 34.32 -34.65
CA LEU D 464 -43.45 33.47 -33.59
C LEU D 464 -44.89 33.12 -33.86
N ARG D 465 -45.69 34.07 -34.37
CA ARG D 465 -47.07 33.76 -34.74
C ARG D 465 -47.13 32.72 -35.84
N ALA D 466 -46.11 32.65 -36.68
CA ALA D 466 -46.10 31.73 -37.82
C ALA D 466 -45.64 30.32 -37.46
N LEU D 467 -45.25 30.07 -36.21
CA LEU D 467 -44.72 28.76 -35.83
C LEU D 467 -45.79 27.68 -35.90
#